data_9UEQ
#
_entry.id   9UEQ
#
_cell.length_a   1.00
_cell.length_b   1.00
_cell.length_c   1.00
_cell.angle_alpha   90.00
_cell.angle_beta   90.00
_cell.angle_gamma   90.00
#
_symmetry.space_group_name_H-M   'P 1'
#
loop_
_entity.id
_entity.type
_entity.pdbx_description
1 polymer 'Pyruvate carboxylase'
2 non-polymer 'ZINC ION'
3 non-polymer BIOTIN
4 water water
#
_entity_poly.entity_id   1
_entity_poly.type   'polypeptide(L)'
_entity_poly.pdbx_seq_one_letter_code
;ADRGTKILNFLADVTVNNPYGSRPSTIYPDDKLPDLDLRAAPPAGSKQRLVKLGPEGFARWLRESAAVGVTDTTFRDAHQ
SLLATRVRTSGLSRVAPYLARTMPQLLSVECWGGATYDVALRFLKEDPWERLATLRAAMPNICLQMLLRGRNTVGYTPYP
EIVTSAFVQEATATGIDIFRIFDALNNIESMRPAIDAVRETGSAIAEVAMCYTGDLTDPGEQLYTLDYYLKLAEQIVDAG
AHVLAIKDMAGLLRPPAAQRLVSALRSRFDLPVHLHTHDTPGGQLASYVAAWHAGADAVDGAAAPLAGTTSQPALSSIVA
AAAHTEYDTGLSLSAVCALEPYWEALRKVYAPFESGLPGPTGRVYHHEIPGGQLSNLRQQAIALGLGDRFEEIEEAYAGA
DRVLGRLVKVTPTSKVVGDLALALVGAGVSADEFASDPARFGIPESVLGFLRGELGDPPGGWPEPLRTAALAGRGAARPT
AQLAADDEIALSSVGAKRQATLNRLLFPSPTKEFNEHREAYGDTSQLSANQFFYGLRQGEEHRVKLERGVELLIGLEAIS
EPDERGMRTVMCILNGQLRPVLVRDRSIASAVPAAEKADRGNPGHIAAPFAGVVTVGVCVGERVGAGQTIATIEAMKMEA
PITAPVAGTVERVAVSDTAQVEGGDLLVVVS
;
_entity_poly.pdbx_strand_id   A,B
#
# COMPACT_ATOMS: atom_id res chain seq x y z
N ALA A 1 37.13 -4.44 -14.64
CA ALA A 1 37.22 -5.68 -15.42
C ALA A 1 38.63 -6.24 -15.35
N ASP A 2 39.62 -5.38 -15.49
CA ASP A 2 41.03 -5.79 -15.45
C ASP A 2 41.45 -5.88 -13.98
N ARG A 3 41.43 -7.09 -13.43
CA ARG A 3 41.86 -7.34 -12.06
C ARG A 3 40.96 -6.50 -11.15
N GLY A 4 41.51 -5.67 -10.27
CA GLY A 4 40.70 -4.89 -9.36
C GLY A 4 41.08 -3.43 -9.31
N THR A 5 42.18 -3.06 -9.98
CA THR A 5 42.64 -1.68 -9.93
C THR A 5 41.62 -0.71 -10.51
N LYS A 6 40.67 -1.20 -11.31
CA LYS A 6 39.70 -0.34 -11.97
C LYS A 6 38.34 -0.35 -11.27
N ILE A 7 37.85 -1.51 -10.85
CA ILE A 7 36.56 -1.58 -10.19
C ILE A 7 36.62 -0.91 -8.83
N LEU A 8 37.75 -1.07 -8.12
CA LEU A 8 37.89 -0.43 -6.82
C LEU A 8 37.72 1.08 -6.92
N ASN A 9 38.11 1.69 -8.03
CA ASN A 9 37.92 3.12 -8.20
C ASN A 9 36.44 3.48 -8.14
N PHE A 10 35.62 2.75 -8.90
CA PHE A 10 34.19 3.01 -8.89
C PHE A 10 33.59 2.76 -7.53
N LEU A 11 34.02 1.67 -6.86
CA LEU A 11 33.48 1.37 -5.54
C LEU A 11 33.80 2.49 -4.56
N ALA A 12 35.05 2.95 -4.54
CA ALA A 12 35.43 4.02 -3.63
C ALA A 12 34.67 5.31 -3.97
N ASP A 13 34.53 5.62 -5.25
CA ASP A 13 33.82 6.83 -5.64
C ASP A 13 32.38 6.81 -5.14
N VAL A 14 31.67 5.70 -5.40
CA VAL A 14 30.28 5.63 -5.00
C VAL A 14 30.17 5.63 -3.48
N THR A 15 31.11 4.99 -2.79
CA THR A 15 31.09 5.01 -1.33
C THR A 15 31.24 6.41 -0.79
N VAL A 16 32.17 7.18 -1.35
CA VAL A 16 32.43 8.52 -0.82
C VAL A 16 31.26 9.46 -1.14
N ASN A 17 30.75 9.42 -2.37
CA ASN A 17 29.69 10.37 -2.74
C ASN A 17 28.34 9.92 -2.19
N ASN A 18 27.83 8.79 -2.68
CA ASN A 18 26.66 8.12 -2.11
C ASN A 18 25.58 9.14 -1.71
N PRO A 19 24.87 9.74 -2.65
CA PRO A 19 23.85 10.75 -2.29
C PRO A 19 22.58 10.15 -1.72
N TYR A 20 22.69 9.64 -0.49
CA TYR A 20 21.55 9.05 0.20
C TYR A 20 21.75 9.20 1.70
N GLY A 21 20.66 9.12 2.45
CA GLY A 21 20.71 9.35 3.88
C GLY A 21 20.75 8.08 4.71
N SER A 22 21.95 7.72 5.19
CA SER A 22 22.11 6.58 6.08
C SER A 22 21.63 5.30 5.43
N ARG A 23 21.75 4.17 6.13
CA ARG A 23 21.28 2.89 5.63
C ARG A 23 20.84 2.04 6.81
N PRO A 24 19.67 1.39 6.75
CA PRO A 24 19.20 0.60 7.89
C PRO A 24 20.08 -0.62 8.18
N SER A 25 20.28 -1.47 7.19
CA SER A 25 21.04 -2.70 7.36
C SER A 25 21.19 -3.36 6.00
N THR A 26 21.96 -4.44 5.96
CA THR A 26 22.23 -5.18 4.72
C THR A 26 21.28 -6.35 4.60
N ILE A 27 20.68 -6.50 3.41
CA ILE A 27 19.76 -7.60 3.14
C ILE A 27 20.33 -8.43 2.00
N TYR A 28 20.01 -9.72 2.01
CA TYR A 28 20.45 -10.65 0.97
C TYR A 28 19.22 -11.42 0.48
N PRO A 29 18.51 -10.88 -0.51
CA PRO A 29 17.30 -11.57 -0.98
C PRO A 29 17.54 -12.99 -1.44
N ASP A 30 18.75 -13.30 -1.91
CA ASP A 30 19.04 -14.65 -2.38
C ASP A 30 18.81 -15.68 -1.28
N ASP A 31 19.02 -15.30 -0.02
CA ASP A 31 18.91 -16.25 1.08
C ASP A 31 17.50 -16.81 1.25
N LYS A 32 16.49 -16.18 0.67
CA LYS A 32 15.10 -16.63 0.79
C LYS A 32 14.64 -17.12 -0.57
N LEU A 33 14.94 -18.38 -0.88
CA LEU A 33 14.47 -19.01 -2.11
C LEU A 33 14.10 -20.46 -1.79
N PRO A 34 13.12 -21.02 -2.51
CA PRO A 34 12.74 -22.42 -2.25
C PRO A 34 13.87 -23.38 -2.57
N ASP A 35 13.62 -24.68 -2.37
CA ASP A 35 14.57 -25.73 -2.71
C ASP A 35 13.96 -26.60 -3.81
N LEU A 36 14.72 -26.82 -4.87
CA LEU A 36 14.24 -27.59 -6.02
C LEU A 36 15.44 -28.29 -6.66
N ASP A 37 15.29 -28.68 -7.91
CA ASP A 37 16.23 -29.59 -8.56
C ASP A 37 16.80 -28.97 -9.83
N LEU A 38 17.36 -27.77 -9.72
CA LEU A 38 17.93 -27.03 -10.85
C LEU A 38 18.66 -27.94 -11.83
N ARG A 39 19.39 -28.94 -11.31
CA ARG A 39 20.18 -29.81 -12.19
C ARG A 39 19.32 -30.40 -13.30
N ALA A 40 18.13 -30.88 -12.97
CA ALA A 40 17.24 -31.46 -13.97
C ALA A 40 16.81 -30.41 -14.99
N ALA A 41 16.62 -30.85 -16.23
CA ALA A 41 16.19 -29.96 -17.28
C ALA A 41 14.75 -29.49 -17.05
N PRO A 42 14.40 -28.30 -17.52
CA PRO A 42 13.05 -27.78 -17.28
C PRO A 42 12.01 -28.50 -18.10
N PRO A 43 10.75 -28.49 -17.68
CA PRO A 43 9.69 -29.05 -18.53
C PRO A 43 9.50 -28.24 -19.80
N ALA A 44 8.55 -28.65 -20.63
CA ALA A 44 8.28 -28.01 -21.91
C ALA A 44 6.81 -27.62 -22.00
N GLY A 45 6.53 -26.64 -22.85
CA GLY A 45 5.18 -26.18 -23.05
C GLY A 45 5.07 -24.68 -23.29
N SER A 46 4.17 -24.29 -24.18
CA SER A 46 3.85 -22.89 -24.46
C SER A 46 4.93 -22.18 -25.25
N LYS A 47 6.07 -22.84 -25.47
CA LYS A 47 7.09 -22.34 -26.39
C LYS A 47 7.37 -23.33 -27.50
N GLN A 48 7.61 -24.60 -27.17
CA GLN A 48 7.75 -25.61 -28.21
C GLN A 48 6.46 -25.77 -28.99
N ARG A 49 5.33 -25.34 -28.43
CA ARG A 49 4.06 -25.41 -29.14
C ARG A 49 3.99 -24.44 -30.30
N LEU A 50 4.94 -23.51 -30.41
CA LEU A 50 4.99 -22.58 -31.53
C LEU A 50 5.99 -22.98 -32.60
N VAL A 51 7.09 -23.64 -32.22
CA VAL A 51 8.08 -24.04 -33.21
C VAL A 51 7.66 -25.27 -33.99
N LYS A 52 6.80 -26.11 -33.43
CA LYS A 52 6.33 -27.31 -34.10
C LYS A 52 4.87 -27.21 -34.54
N LEU A 53 4.24 -26.04 -34.40
CA LEU A 53 2.87 -25.84 -34.83
C LEU A 53 2.75 -24.78 -35.91
N GLY A 54 3.32 -23.60 -35.69
CA GLY A 54 3.27 -22.53 -36.65
C GLY A 54 2.65 -21.27 -36.07
N PRO A 55 3.10 -20.10 -36.51
CA PRO A 55 2.59 -18.86 -35.91
C PRO A 55 1.09 -18.70 -36.01
N GLU A 56 0.50 -19.13 -37.12
CA GLU A 56 -0.96 -19.06 -37.25
C GLU A 56 -1.65 -20.17 -36.47
N GLY A 57 -1.04 -21.35 -36.39
CA GLY A 57 -1.63 -22.42 -35.61
C GLY A 57 -1.71 -22.10 -34.14
N PHE A 58 -0.77 -21.29 -33.64
CA PHE A 58 -0.76 -20.94 -32.23
C PHE A 58 -2.02 -20.16 -31.85
N ALA A 59 -2.43 -19.22 -32.70
CA ALA A 59 -3.65 -18.45 -32.41
C ALA A 59 -4.86 -19.36 -32.38
N ARG A 60 -4.96 -20.30 -33.34
CA ARG A 60 -6.10 -21.22 -33.35
C ARG A 60 -6.10 -22.06 -32.08
N TRP A 61 -4.94 -22.56 -31.67
CA TRP A 61 -4.89 -23.36 -30.44
C TRP A 61 -5.30 -22.54 -29.23
N LEU A 62 -4.82 -21.30 -29.14
CA LEU A 62 -5.10 -20.48 -27.98
C LEU A 62 -6.57 -20.12 -27.89
N ARG A 63 -7.18 -19.74 -29.01
CA ARG A 63 -8.59 -19.32 -28.96
C ARG A 63 -9.49 -20.47 -28.51
N GLU A 64 -9.28 -21.67 -29.07
CA GLU A 64 -10.17 -22.80 -28.81
C GLU A 64 -9.65 -23.60 -27.61
N SER A 65 -9.76 -22.99 -26.43
CA SER A 65 -9.38 -23.64 -25.19
C SER A 65 -10.28 -23.13 -24.07
N ALA A 66 -10.45 -23.97 -23.06
CA ALA A 66 -11.27 -23.63 -21.90
C ALA A 66 -10.46 -23.06 -20.74
N ALA A 67 -9.14 -23.05 -20.84
CA ALA A 67 -8.27 -22.55 -19.78
C ALA A 67 -7.71 -21.21 -20.19
N VAL A 68 -7.80 -20.24 -19.29
CA VAL A 68 -7.34 -18.88 -19.56
C VAL A 68 -5.86 -18.79 -19.22
N GLY A 69 -5.07 -18.24 -20.14
CA GLY A 69 -3.64 -18.11 -19.94
C GLY A 69 -3.30 -16.96 -19.02
N VAL A 70 -2.00 -16.82 -18.75
CA VAL A 70 -1.48 -15.80 -17.85
C VAL A 70 -0.14 -15.32 -18.36
N THR A 71 0.15 -14.04 -18.15
CA THR A 71 1.42 -13.44 -18.49
C THR A 71 1.98 -12.69 -17.29
N ASP A 72 3.28 -12.81 -17.07
CA ASP A 72 3.95 -12.21 -15.93
C ASP A 72 4.59 -10.89 -16.37
N THR A 73 4.06 -9.78 -15.87
CA THR A 73 4.60 -8.45 -16.15
C THR A 73 5.56 -7.97 -15.08
N THR A 74 5.97 -8.86 -14.15
CA THR A 74 6.85 -8.47 -13.07
C THR A 74 8.19 -7.96 -13.56
N PHE A 75 8.55 -8.25 -14.80
CA PHE A 75 9.92 -8.01 -15.26
C PHE A 75 10.14 -6.64 -15.88
N ARG A 76 9.12 -6.02 -16.47
CA ARG A 76 9.27 -4.66 -16.98
C ARG A 76 8.27 -3.68 -16.38
N ASP A 77 6.98 -4.02 -16.33
CA ASP A 77 5.98 -3.02 -15.99
C ASP A 77 5.73 -2.92 -14.48
N ALA A 78 5.93 -4.01 -13.74
CA ALA A 78 5.66 -3.97 -12.31
C ALA A 78 6.61 -3.01 -11.61
N HIS A 79 7.90 -3.09 -11.93
CA HIS A 79 8.87 -2.20 -11.30
C HIS A 79 8.94 -0.83 -11.97
N GLN A 80 8.32 -0.68 -13.14
CA GLN A 80 8.28 0.63 -13.77
C GLN A 80 7.26 1.55 -13.10
N SER A 81 6.22 0.98 -12.51
CA SER A 81 5.17 1.76 -11.87
C SER A 81 5.40 1.98 -10.39
N LEU A 82 6.36 1.29 -9.78
CA LEU A 82 6.62 1.39 -8.35
C LEU A 82 8.01 1.88 -8.04
N LEU A 83 9.04 1.31 -8.67
CA LEU A 83 10.42 1.63 -8.37
C LEU A 83 11.04 2.58 -9.39
N ALA A 84 10.23 3.22 -10.23
CA ALA A 84 10.73 4.17 -11.22
C ALA A 84 11.72 3.52 -12.18
N THR A 85 11.52 2.23 -12.48
CA THR A 85 12.33 1.51 -13.46
C THR A 85 13.81 1.58 -13.11
N ARG A 86 14.16 0.99 -11.96
CA ARG A 86 15.54 0.97 -11.50
C ARG A 86 15.94 -0.41 -11.00
N VAL A 87 15.45 -1.47 -11.64
CA VAL A 87 15.80 -2.83 -11.29
C VAL A 87 16.86 -3.32 -12.27
N ARG A 88 17.95 -3.85 -11.73
CA ARG A 88 19.08 -4.26 -12.54
C ARG A 88 18.97 -5.74 -12.93
N THR A 89 19.84 -6.17 -13.83
CA THR A 89 19.81 -7.55 -14.28
C THR A 89 20.06 -8.50 -13.12
N SER A 90 21.15 -8.29 -12.37
CA SER A 90 21.31 -9.00 -11.11
C SER A 90 20.16 -8.61 -10.20
N GLY A 91 19.38 -9.60 -9.77
CA GLY A 91 18.03 -9.29 -9.35
C GLY A 91 17.06 -10.19 -10.06
N LEU A 92 16.28 -9.64 -11.00
CA LEU A 92 15.31 -10.44 -11.74
C LEU A 92 16.00 -11.26 -12.83
N SER A 93 17.08 -11.94 -12.47
CA SER A 93 17.69 -12.96 -13.31
C SER A 93 18.06 -14.23 -12.56
N ARG A 94 18.25 -14.16 -11.24
CA ARG A 94 18.51 -15.35 -10.43
C ARG A 94 17.25 -16.16 -10.18
N VAL A 95 16.07 -15.53 -10.29
CA VAL A 95 14.81 -16.21 -10.04
C VAL A 95 14.19 -16.78 -11.31
N ALA A 96 14.72 -16.45 -12.48
CA ALA A 96 14.13 -16.94 -13.72
C ALA A 96 14.14 -18.46 -13.79
N PRO A 97 15.23 -19.16 -13.47
CA PRO A 97 15.16 -20.63 -13.49
C PRO A 97 14.07 -21.18 -12.60
N TYR A 98 13.86 -20.55 -11.44
CA TYR A 98 12.81 -21.02 -10.53
C TYR A 98 11.44 -20.89 -11.17
N LEU A 99 11.18 -19.75 -11.81
CA LEU A 99 9.89 -19.57 -12.48
C LEU A 99 9.72 -20.54 -13.64
N ALA A 100 10.80 -20.81 -14.38
CA ALA A 100 10.70 -21.74 -15.49
C ALA A 100 10.43 -23.16 -15.01
N ARG A 101 11.10 -23.59 -13.96
CA ARG A 101 10.98 -24.97 -13.50
C ARG A 101 9.79 -25.20 -12.57
N THR A 102 9.17 -24.14 -12.06
CA THR A 102 8.07 -24.29 -11.10
C THR A 102 6.70 -23.94 -11.69
N MET A 103 6.65 -23.15 -12.76
CA MET A 103 5.38 -22.74 -13.37
C MET A 103 5.48 -22.87 -14.88
N PRO A 104 5.54 -24.10 -15.40
CA PRO A 104 5.60 -24.27 -16.87
C PRO A 104 4.36 -23.78 -17.60
N GLN A 105 3.24 -23.61 -16.91
CA GLN A 105 1.97 -23.33 -17.58
C GLN A 105 1.83 -21.88 -18.02
N LEU A 106 2.81 -21.02 -17.75
CA LEU A 106 2.72 -19.63 -18.14
C LEU A 106 2.59 -19.52 -19.66
N LEU A 107 1.81 -18.54 -20.11
CA LEU A 107 1.68 -18.30 -21.54
C LEU A 107 2.91 -17.61 -22.11
N SER A 108 3.50 -16.68 -21.36
CA SER A 108 4.66 -15.92 -21.82
C SER A 108 5.22 -15.15 -20.62
N VAL A 109 6.19 -14.28 -20.88
CA VAL A 109 6.75 -13.42 -19.85
C VAL A 109 7.20 -12.12 -20.49
N GLU A 110 6.63 -11.00 -20.04
CA GLU A 110 6.93 -9.69 -20.61
C GLU A 110 8.19 -9.15 -19.92
N CYS A 111 9.28 -9.03 -20.66
CA CYS A 111 10.56 -8.69 -20.06
C CYS A 111 11.30 -7.58 -20.79
N TRP A 112 11.06 -7.41 -22.08
CA TRP A 112 11.84 -6.52 -22.91
C TRP A 112 11.03 -5.29 -23.30
N GLY A 113 11.71 -4.30 -23.87
CA GLY A 113 11.05 -3.15 -24.42
C GLY A 113 10.56 -2.18 -23.36
N GLY A 114 9.74 -1.25 -23.81
CA GLY A 114 9.22 -0.23 -22.93
C GLY A 114 10.22 0.87 -22.65
N ALA A 115 10.25 1.36 -21.41
CA ALA A 115 11.16 2.42 -21.02
C ALA A 115 12.49 1.90 -20.49
N THR A 116 12.68 0.58 -20.44
CA THR A 116 13.92 0.04 -19.88
C THR A 116 15.12 0.34 -20.78
N TYR A 117 14.89 0.47 -22.09
CA TYR A 117 16.01 0.71 -23.00
C TYR A 117 16.69 2.04 -22.70
N ASP A 118 15.91 3.09 -22.47
CA ASP A 118 16.49 4.39 -22.13
C ASP A 118 17.28 4.31 -20.84
N VAL A 119 16.65 3.79 -19.79
CA VAL A 119 17.26 3.80 -18.47
C VAL A 119 18.52 2.97 -18.45
N ALA A 120 18.49 1.79 -19.06
CA ALA A 120 19.65 0.91 -19.03
C ALA A 120 20.92 1.64 -19.46
N LEU A 121 20.81 2.51 -20.46
CA LEU A 121 21.97 3.30 -20.87
C LEU A 121 22.18 4.49 -19.96
N ARG A 122 21.11 5.25 -19.70
CA ARG A 122 21.27 6.56 -19.06
C ARG A 122 21.77 6.43 -17.63
N PHE A 123 21.16 5.54 -16.85
CA PHE A 123 21.42 5.45 -15.42
C PHE A 123 22.17 4.19 -15.03
N LEU A 124 21.65 3.01 -15.38
CA LEU A 124 22.23 1.76 -14.88
C LEU A 124 23.52 1.39 -15.60
N LYS A 125 23.78 1.94 -16.78
CA LYS A 125 25.04 1.73 -17.50
C LYS A 125 25.31 0.25 -17.73
N GLU A 126 24.44 -0.34 -18.55
CA GLU A 126 24.59 -1.73 -18.97
C GLU A 126 23.94 -1.89 -20.34
N ASP A 127 24.60 -2.64 -21.22
CA ASP A 127 24.09 -2.82 -22.57
C ASP A 127 22.74 -3.53 -22.52
N PRO A 128 21.67 -2.93 -23.05
CA PRO A 128 20.36 -3.62 -23.00
C PRO A 128 20.35 -4.97 -23.67
N TRP A 129 21.05 -5.12 -24.80
CA TRP A 129 20.96 -6.37 -25.55
C TRP A 129 21.47 -7.55 -24.75
N GLU A 130 22.39 -7.31 -23.81
CA GLU A 130 22.92 -8.41 -23.00
C GLU A 130 21.83 -9.02 -22.13
N ARG A 131 20.96 -8.20 -21.55
CA ARG A 131 19.92 -8.71 -20.67
C ARG A 131 19.05 -9.72 -21.39
N LEU A 132 18.67 -9.43 -22.64
CA LEU A 132 17.75 -10.30 -23.36
C LEU A 132 18.32 -11.68 -23.56
N ALA A 133 19.61 -11.77 -23.93
CA ALA A 133 20.22 -13.08 -24.14
C ALA A 133 20.21 -13.90 -22.86
N THR A 134 20.55 -13.27 -21.73
CA THR A 134 20.56 -13.99 -20.47
C THR A 134 19.17 -14.46 -20.08
N LEU A 135 18.16 -13.60 -20.23
CA LEU A 135 16.80 -14.00 -19.89
C LEU A 135 16.35 -15.17 -20.76
N ARG A 136 16.64 -15.12 -22.07
CA ARG A 136 16.28 -16.24 -22.94
C ARG A 136 17.01 -17.51 -22.51
N ALA A 137 18.30 -17.41 -22.20
CA ALA A 137 19.05 -18.59 -21.79
C ALA A 137 18.50 -19.17 -20.49
N ALA A 138 17.89 -18.34 -19.65
CA ALA A 138 17.41 -18.81 -18.36
C ALA A 138 16.04 -19.48 -18.44
N MET A 139 15.22 -19.14 -19.42
CA MET A 139 13.85 -19.64 -19.53
C MET A 139 13.62 -20.23 -20.91
N PRO A 140 14.18 -21.40 -21.18
CA PRO A 140 14.16 -21.93 -22.54
C PRO A 140 12.87 -22.65 -22.92
N ASN A 141 11.79 -22.45 -22.15
CA ASN A 141 10.55 -23.15 -22.45
C ASN A 141 9.32 -22.26 -22.32
N ILE A 142 9.47 -20.95 -22.36
CA ILE A 142 8.33 -20.02 -22.30
C ILE A 142 8.60 -18.89 -23.29
N CYS A 143 7.57 -18.50 -24.02
CA CYS A 143 7.70 -17.42 -24.99
C CYS A 143 7.89 -16.09 -24.27
N LEU A 144 8.70 -15.22 -24.87
CA LEU A 144 8.92 -13.88 -24.37
C LEU A 144 8.09 -12.88 -25.15
N GLN A 145 7.83 -11.73 -24.53
CA GLN A 145 7.00 -10.69 -25.12
C GLN A 145 7.74 -9.37 -25.09
N MET A 146 7.37 -8.48 -26.02
CA MET A 146 8.00 -7.18 -26.16
C MET A 146 6.92 -6.12 -26.32
N LEU A 147 7.28 -4.89 -25.98
CA LEU A 147 6.40 -3.74 -26.16
C LEU A 147 7.01 -2.81 -27.21
N LEU A 148 6.22 -2.47 -28.22
CA LEU A 148 6.69 -1.68 -29.35
C LEU A 148 5.69 -0.57 -29.61
N ARG A 149 6.17 0.55 -30.14
CA ARG A 149 5.36 1.75 -30.33
C ARG A 149 5.29 2.14 -31.80
N GLY A 150 5.20 1.16 -32.69
CA GLY A 150 5.10 1.49 -34.11
C GLY A 150 6.35 2.21 -34.59
N ARG A 151 6.15 3.30 -35.32
CA ARG A 151 7.29 4.00 -35.92
C ARG A 151 8.21 4.62 -34.87
N ASN A 152 7.74 4.78 -33.64
CA ASN A 152 8.61 5.22 -32.54
C ASN A 152 9.10 3.99 -31.79
N THR A 153 9.98 3.23 -32.46
CA THR A 153 10.38 1.92 -31.95
C THR A 153 10.67 1.98 -30.45
N VAL A 154 11.69 2.74 -30.06
CA VAL A 154 11.92 3.05 -28.66
C VAL A 154 12.40 4.49 -28.56
N GLY A 155 11.51 5.39 -28.19
CA GLY A 155 11.87 6.80 -28.13
C GLY A 155 10.62 7.66 -28.12
N TYR A 156 10.81 8.90 -28.56
CA TYR A 156 9.73 9.89 -28.57
C TYR A 156 9.63 10.63 -29.89
N THR A 157 10.31 10.17 -30.94
CA THR A 157 10.31 10.82 -32.23
C THR A 157 10.17 9.76 -33.32
N PRO A 158 9.51 10.08 -34.44
CA PRO A 158 9.47 9.12 -35.54
C PRO A 158 10.87 8.80 -36.05
N TYR A 159 11.06 7.55 -36.47
CA TYR A 159 12.32 7.05 -36.97
C TYR A 159 12.16 6.50 -38.38
N PRO A 160 13.23 6.46 -39.17
CA PRO A 160 13.11 5.94 -40.54
C PRO A 160 12.68 4.48 -40.55
N GLU A 161 12.09 4.07 -41.68
CA GLU A 161 11.57 2.70 -41.78
C GLU A 161 12.68 1.67 -41.67
N ILE A 162 13.84 1.94 -42.25
CA ILE A 162 14.93 0.96 -42.22
C ILE A 162 15.33 0.66 -40.79
N VAL A 163 15.33 1.68 -39.93
CA VAL A 163 15.74 1.47 -38.55
C VAL A 163 14.78 0.53 -37.84
N THR A 164 13.47 0.75 -38.01
CA THR A 164 12.49 -0.13 -37.38
C THR A 164 12.61 -1.55 -37.92
N SER A 165 12.79 -1.69 -39.23
CA SER A 165 12.93 -3.03 -39.80
C SER A 165 14.14 -3.74 -39.22
N ALA A 166 15.28 -3.05 -39.17
CA ALA A 166 16.48 -3.66 -38.62
C ALA A 166 16.29 -4.01 -37.15
N PHE A 167 15.61 -3.16 -36.39
CA PHE A 167 15.42 -3.42 -34.98
C PHE A 167 14.57 -4.66 -34.76
N VAL A 168 13.45 -4.77 -35.47
CA VAL A 168 12.60 -5.94 -35.31
C VAL A 168 13.35 -7.20 -35.74
N GLN A 169 14.10 -7.11 -36.84
CA GLN A 169 14.85 -8.27 -37.30
C GLN A 169 15.86 -8.72 -36.26
N GLU A 170 16.59 -7.77 -35.69
CA GLU A 170 17.61 -8.12 -34.69
C GLU A 170 16.97 -8.68 -33.42
N ALA A 171 15.87 -8.06 -32.97
CA ALA A 171 15.21 -8.55 -31.77
C ALA A 171 14.72 -9.98 -31.97
N THR A 172 14.14 -10.28 -33.13
CA THR A 172 13.74 -11.65 -33.41
C THR A 172 14.96 -12.56 -33.44
N ALA A 173 16.07 -12.11 -34.01
CA ALA A 173 17.26 -12.94 -34.09
C ALA A 173 17.75 -13.35 -32.70
N THR A 174 17.93 -12.37 -31.81
CA THR A 174 18.44 -12.68 -30.48
C THR A 174 17.42 -13.48 -29.67
N GLY A 175 16.14 -13.28 -29.93
CA GLY A 175 15.09 -14.13 -29.40
C GLY A 175 13.90 -13.38 -28.83
N ILE A 176 12.75 -13.60 -29.46
CA ILE A 176 11.47 -13.01 -29.05
C ILE A 176 10.40 -13.84 -29.73
N ASP A 177 9.20 -13.86 -29.15
CA ASP A 177 8.14 -14.70 -29.70
C ASP A 177 6.85 -13.93 -29.95
N ILE A 178 6.58 -12.90 -29.15
CA ILE A 178 5.35 -12.12 -29.29
C ILE A 178 5.73 -10.65 -29.29
N PHE A 179 5.20 -9.91 -30.25
CA PHE A 179 5.41 -8.46 -30.34
C PHE A 179 4.07 -7.77 -30.13
N ARG A 180 4.01 -6.92 -29.12
CA ARG A 180 2.83 -6.09 -28.87
C ARG A 180 3.07 -4.72 -29.47
N ILE A 181 2.09 -4.22 -30.22
CA ILE A 181 2.24 -3.00 -30.99
C ILE A 181 1.10 -2.05 -30.63
N PHE A 182 1.43 -0.77 -30.47
CA PHE A 182 0.42 0.25 -30.21
C PHE A 182 0.94 1.59 -30.71
N ASP A 183 0.02 2.54 -30.86
CA ASP A 183 0.34 3.87 -31.34
C ASP A 183 -0.13 4.91 -30.33
N ALA A 184 0.56 6.05 -30.28
CA ALA A 184 0.24 7.09 -29.32
C ALA A 184 -1.23 7.47 -29.44
N LEU A 185 -1.62 7.99 -30.59
CA LEU A 185 -3.02 8.09 -30.96
C LEU A 185 -3.42 6.82 -31.69
N ASN A 186 -4.73 6.59 -31.80
CA ASN A 186 -5.24 5.37 -32.44
C ASN A 186 -5.25 5.60 -33.94
N ASN A 187 -4.08 5.50 -34.55
CA ASN A 187 -3.92 5.60 -36.00
C ASN A 187 -3.19 4.36 -36.48
N ILE A 188 -3.80 3.63 -37.42
CA ILE A 188 -3.21 2.38 -37.89
C ILE A 188 -2.11 2.63 -38.91
N GLU A 189 -2.22 3.69 -39.72
CA GLU A 189 -1.25 3.92 -40.77
C GLU A 189 0.13 4.29 -40.23
N SER A 190 0.23 4.63 -38.95
CA SER A 190 1.51 4.96 -38.35
C SER A 190 2.22 3.76 -37.74
N MET A 191 1.58 2.59 -37.73
CA MET A 191 2.21 1.37 -37.23
C MET A 191 2.14 0.22 -38.22
N ARG A 192 1.65 0.46 -39.44
CA ARG A 192 1.63 -0.61 -40.44
C ARG A 192 3.02 -1.16 -40.73
N PRO A 193 4.06 -0.35 -40.90
CA PRO A 193 5.39 -0.91 -41.22
C PRO A 193 5.88 -1.91 -40.20
N ALA A 194 5.65 -1.66 -38.91
CA ALA A 194 6.09 -2.61 -37.90
C ALA A 194 5.38 -3.95 -38.05
N ILE A 195 4.06 -3.92 -38.27
CA ILE A 195 3.32 -5.16 -38.47
C ILE A 195 3.86 -5.90 -39.67
N ASP A 196 4.09 -5.19 -40.77
CA ASP A 196 4.58 -5.84 -41.98
C ASP A 196 5.95 -6.46 -41.76
N ALA A 197 6.84 -5.74 -41.06
CA ALA A 197 8.17 -6.26 -40.81
C ALA A 197 8.11 -7.50 -39.93
N VAL A 198 7.27 -7.49 -38.90
CA VAL A 198 7.14 -8.67 -38.04
C VAL A 198 6.61 -9.85 -38.84
N ARG A 199 5.60 -9.61 -39.68
CA ARG A 199 5.05 -10.70 -40.47
C ARG A 199 6.06 -11.25 -41.47
N GLU A 200 6.94 -10.40 -41.98
CA GLU A 200 7.87 -10.84 -43.01
C GLU A 200 8.77 -11.98 -42.54
N THR A 201 9.29 -11.87 -41.32
CA THR A 201 10.24 -12.86 -40.82
C THR A 201 9.60 -14.18 -40.45
N GLY A 202 8.28 -14.26 -40.39
CA GLY A 202 7.66 -15.48 -39.94
C GLY A 202 8.12 -15.80 -38.52
N SER A 203 7.65 -16.96 -38.04
CA SER A 203 7.97 -17.45 -36.71
C SER A 203 7.29 -16.61 -35.63
N ALA A 204 7.80 -15.41 -35.36
CA ALA A 204 7.25 -14.58 -34.31
C ALA A 204 5.83 -14.14 -34.66
N ILE A 205 5.06 -13.84 -33.61
CA ILE A 205 3.65 -13.51 -33.71
C ILE A 205 3.48 -12.01 -33.62
N ALA A 206 2.53 -11.49 -34.39
CA ALA A 206 2.13 -10.09 -34.31
C ALA A 206 0.91 -9.99 -33.40
N GLU A 207 0.79 -8.86 -32.71
CA GLU A 207 -0.31 -8.63 -31.77
C GLU A 207 -0.52 -7.14 -31.65
N VAL A 208 -1.57 -6.62 -32.27
CA VAL A 208 -1.87 -5.21 -32.26
C VAL A 208 -2.74 -4.90 -31.05
N ALA A 209 -2.72 -3.65 -30.62
CA ALA A 209 -3.46 -3.20 -29.45
C ALA A 209 -4.38 -2.05 -29.83
N MET A 210 -5.19 -1.63 -28.85
CA MET A 210 -6.08 -0.47 -29.03
C MET A 210 -6.23 0.19 -27.67
N CYS A 211 -5.54 1.30 -27.47
CA CYS A 211 -5.53 1.96 -26.17
C CYS A 211 -6.94 2.38 -25.77
N TYR A 212 -7.23 2.29 -24.48
CA TYR A 212 -8.56 2.53 -23.94
C TYR A 212 -8.56 3.81 -23.11
N THR A 213 -9.63 4.59 -23.23
CA THR A 213 -9.78 5.81 -22.46
C THR A 213 -11.25 6.17 -22.39
N GLY A 214 -11.59 7.05 -21.44
CA GLY A 214 -12.97 7.45 -21.27
C GLY A 214 -13.79 6.37 -20.56
N ASP A 215 -15.07 6.36 -20.86
CA ASP A 215 -15.99 5.37 -20.31
C ASP A 215 -17.13 5.12 -21.29
N LEU A 216 -17.31 3.85 -21.68
CA LEU A 216 -18.35 3.51 -22.64
C LEU A 216 -19.74 3.65 -22.03
N THR A 217 -19.94 3.10 -20.83
CA THR A 217 -21.27 2.98 -20.27
C THR A 217 -21.90 4.34 -20.01
N ASP A 218 -21.09 5.37 -19.79
CA ASP A 218 -21.61 6.68 -19.45
C ASP A 218 -22.43 7.21 -20.63
N PRO A 219 -23.71 7.56 -20.42
CA PRO A 219 -24.49 8.08 -21.56
C PRO A 219 -23.93 9.37 -22.13
N GLY A 220 -23.31 10.21 -21.30
CA GLY A 220 -22.77 11.47 -21.78
C GLY A 220 -21.55 11.33 -22.67
N GLU A 221 -20.91 10.16 -22.68
CA GLU A 221 -19.76 9.95 -23.54
C GLU A 221 -20.17 9.96 -25.00
N GLN A 222 -19.49 10.75 -25.82
CA GLN A 222 -19.82 10.87 -27.23
C GLN A 222 -18.60 10.87 -28.14
N LEU A 223 -17.39 10.78 -27.61
CA LEU A 223 -16.18 10.75 -28.42
C LEU A 223 -15.59 9.35 -28.51
N TYR A 224 -15.33 8.71 -27.37
CA TYR A 224 -14.78 7.36 -27.35
C TYR A 224 -15.90 6.34 -27.15
N THR A 225 -16.76 6.27 -28.16
CA THR A 225 -17.93 5.39 -28.13
C THR A 225 -17.53 3.98 -28.54
N LEU A 226 -18.50 3.05 -28.45
CA LEU A 226 -18.23 1.66 -28.82
C LEU A 226 -17.91 1.54 -30.30
N ASP A 227 -18.65 2.26 -31.15
CA ASP A 227 -18.41 2.17 -32.59
C ASP A 227 -16.98 2.55 -32.93
N TYR A 228 -16.43 3.54 -32.23
CA TYR A 228 -15.04 3.91 -32.42
C TYR A 228 -14.12 2.71 -32.28
N TYR A 229 -14.25 1.98 -31.16
CA TYR A 229 -13.40 0.83 -30.92
C TYR A 229 -13.68 -0.28 -31.93
N LEU A 230 -14.94 -0.46 -32.32
CA LEU A 230 -15.26 -1.52 -33.28
C LEU A 230 -14.59 -1.26 -34.62
N LYS A 231 -14.66 -0.02 -35.11
CA LYS A 231 -14.01 0.29 -36.38
C LYS A 231 -12.50 0.18 -36.27
N LEU A 232 -11.93 0.63 -35.16
CA LEU A 232 -10.50 0.47 -34.96
C LEU A 232 -10.10 -1.01 -35.00
N ALA A 233 -10.89 -1.86 -34.36
CA ALA A 233 -10.60 -3.30 -34.35
C ALA A 233 -10.74 -3.89 -35.75
N GLU A 234 -11.72 -3.45 -36.51
CA GLU A 234 -11.86 -3.94 -37.87
C GLU A 234 -10.62 -3.60 -38.69
N GLN A 235 -10.13 -2.37 -38.58
CA GLN A 235 -8.92 -2.00 -39.29
C GLN A 235 -7.74 -2.83 -38.81
N ILE A 236 -7.63 -3.06 -37.51
CA ILE A 236 -6.53 -3.87 -36.98
C ILE A 236 -6.57 -5.27 -37.58
N VAL A 237 -7.74 -5.89 -37.59
CA VAL A 237 -7.84 -7.26 -38.06
C VAL A 237 -7.53 -7.34 -39.55
N ASP A 238 -8.14 -6.46 -40.35
CA ASP A 238 -7.88 -6.52 -41.78
C ASP A 238 -6.48 -6.05 -42.16
N ALA A 239 -5.75 -5.45 -41.21
CA ALA A 239 -4.36 -5.11 -41.48
C ALA A 239 -3.47 -6.35 -41.50
N GLY A 240 -3.86 -7.40 -40.76
CA GLY A 240 -3.13 -8.65 -40.79
C GLY A 240 -2.63 -9.11 -39.45
N ALA A 241 -3.29 -8.69 -38.37
CA ALA A 241 -2.86 -9.07 -37.04
C ALA A 241 -3.18 -10.52 -36.76
N HIS A 242 -2.27 -11.20 -36.04
CA HIS A 242 -2.53 -12.56 -35.59
C HIS A 242 -3.39 -12.59 -34.34
N VAL A 243 -3.36 -11.53 -33.53
CA VAL A 243 -4.10 -11.45 -32.29
C VAL A 243 -4.63 -10.03 -32.14
N LEU A 244 -5.54 -9.86 -31.19
CA LEU A 244 -6.07 -8.55 -30.83
C LEU A 244 -5.92 -8.38 -29.32
N ALA A 245 -5.60 -7.16 -28.89
CA ALA A 245 -5.31 -6.90 -27.49
C ALA A 245 -5.94 -5.57 -27.07
N ILE A 246 -6.09 -5.41 -25.76
CA ILE A 246 -6.59 -4.18 -25.16
C ILE A 246 -5.57 -3.74 -24.12
N LYS A 247 -5.13 -2.49 -24.22
CA LYS A 247 -4.21 -1.90 -23.26
C LYS A 247 -4.93 -0.80 -22.51
N ASP A 248 -4.94 -0.90 -21.18
CA ASP A 248 -5.56 0.09 -20.31
C ASP A 248 -4.45 0.69 -19.45
N MET A 249 -3.87 1.79 -19.93
CA MET A 249 -2.70 2.34 -19.28
C MET A 249 -2.99 2.81 -17.86
N ALA A 250 -4.16 3.41 -17.63
CA ALA A 250 -4.46 4.04 -16.35
C ALA A 250 -5.35 3.21 -15.44
N GLY A 251 -6.13 2.28 -15.99
CA GLY A 251 -7.04 1.49 -15.18
C GLY A 251 -8.40 2.12 -15.06
N LEU A 252 -8.94 2.57 -16.18
CA LEU A 252 -10.26 3.20 -16.24
C LEU A 252 -11.34 2.26 -16.75
N LEU A 253 -11.04 0.97 -16.88
CA LEU A 253 -11.98 0.00 -17.42
C LEU A 253 -12.77 -0.64 -16.28
N ARG A 254 -14.08 -0.48 -16.32
CA ARG A 254 -14.97 -0.98 -15.29
C ARG A 254 -15.61 -2.30 -15.72
N PRO A 255 -16.18 -3.06 -14.81
CA PRO A 255 -16.68 -4.39 -15.14
C PRO A 255 -17.68 -4.36 -16.28
N PRO A 256 -18.77 -3.58 -16.18
CA PRO A 256 -19.79 -3.66 -17.25
C PRO A 256 -19.26 -3.28 -18.62
N ALA A 257 -18.43 -2.24 -18.69
CA ALA A 257 -17.85 -1.85 -19.97
C ALA A 257 -16.97 -2.95 -20.54
N ALA A 258 -16.17 -3.59 -19.69
CA ALA A 258 -15.32 -4.68 -20.15
C ALA A 258 -16.16 -5.82 -20.69
N GLN A 259 -17.22 -6.19 -19.98
CA GLN A 259 -18.10 -7.26 -20.46
C GLN A 259 -18.64 -6.91 -21.84
N ARG A 260 -19.20 -5.71 -21.99
CA ARG A 260 -19.80 -5.34 -23.26
C ARG A 260 -18.77 -5.36 -24.39
N LEU A 261 -17.61 -4.74 -24.15
CA LEU A 261 -16.60 -4.63 -25.19
C LEU A 261 -16.11 -6.01 -25.62
N VAL A 262 -15.76 -6.86 -24.66
CA VAL A 262 -15.23 -8.17 -25.00
C VAL A 262 -16.29 -9.00 -25.71
N SER A 263 -17.54 -8.92 -25.26
CA SER A 263 -18.59 -9.68 -25.92
C SER A 263 -18.73 -9.26 -27.36
N ALA A 264 -18.76 -7.95 -27.63
CA ALA A 264 -18.91 -7.49 -29.01
C ALA A 264 -17.74 -7.92 -29.87
N LEU A 265 -16.51 -7.76 -29.35
CA LEU A 265 -15.34 -8.12 -30.14
C LEU A 265 -15.33 -9.61 -30.45
N ARG A 266 -15.64 -10.46 -29.47
CA ARG A 266 -15.68 -11.89 -29.72
C ARG A 266 -16.78 -12.24 -30.72
N SER A 267 -17.94 -11.59 -30.62
CA SER A 267 -19.04 -11.92 -31.52
C SER A 267 -18.70 -11.58 -32.96
N ARG A 268 -18.12 -10.39 -33.20
CA ARG A 268 -17.92 -9.96 -34.59
C ARG A 268 -16.67 -10.55 -35.24
N PHE A 269 -15.73 -11.08 -34.45
CA PHE A 269 -14.47 -11.57 -35.00
C PHE A 269 -14.14 -12.93 -34.39
N ASP A 270 -13.14 -13.59 -34.96
CA ASP A 270 -12.72 -14.92 -34.55
C ASP A 270 -11.22 -14.95 -34.27
N LEU A 271 -10.75 -13.95 -33.51
CA LEU A 271 -9.37 -13.89 -33.10
C LEU A 271 -9.26 -13.83 -31.59
N PRO A 272 -8.20 -14.39 -31.00
CA PRO A 272 -8.06 -14.34 -29.54
C PRO A 272 -7.89 -12.90 -29.06
N VAL A 273 -8.29 -12.67 -27.81
CA VAL A 273 -8.25 -11.36 -27.19
C VAL A 273 -7.36 -11.44 -25.96
N HIS A 274 -6.45 -10.48 -25.81
CA HIS A 274 -5.51 -10.40 -24.70
C HIS A 274 -5.73 -9.10 -23.94
N LEU A 275 -5.72 -9.17 -22.61
CA LEU A 275 -6.10 -8.04 -21.79
C LEU A 275 -4.92 -7.56 -20.94
N HIS A 276 -5.04 -6.33 -20.44
CA HIS A 276 -3.98 -5.69 -19.66
C HIS A 276 -4.51 -4.43 -18.99
N THR A 277 -4.22 -4.24 -17.71
CA THR A 277 -4.70 -3.05 -17.02
C THR A 277 -3.88 -2.83 -15.75
N HIS A 278 -3.74 -1.56 -15.38
CA HIS A 278 -3.14 -1.17 -14.12
C HIS A 278 -4.22 -1.07 -13.04
N ASP A 279 -3.80 -1.19 -11.78
CA ASP A 279 -4.71 -1.35 -10.66
C ASP A 279 -4.74 -0.12 -9.76
N THR A 280 -4.71 1.08 -10.35
CA THR A 280 -4.63 2.29 -9.52
C THR A 280 -5.92 2.54 -8.76
N PRO A 281 -7.09 2.66 -9.39
CA PRO A 281 -8.27 3.14 -8.66
C PRO A 281 -8.72 2.25 -7.52
N GLY A 282 -8.40 0.96 -7.55
CA GLY A 282 -8.88 0.07 -6.52
C GLY A 282 -8.65 -1.39 -6.84
N GLY A 283 -9.70 -2.21 -6.74
CA GLY A 283 -9.62 -3.60 -7.10
C GLY A 283 -10.06 -3.84 -8.54
N GLN A 284 -9.10 -4.09 -9.42
CA GLN A 284 -9.38 -4.26 -10.84
C GLN A 284 -9.58 -5.71 -11.23
N LEU A 285 -9.44 -6.66 -10.30
CA LEU A 285 -9.67 -8.05 -10.64
C LEU A 285 -11.10 -8.28 -11.11
N ALA A 286 -12.04 -7.40 -10.71
CA ALA A 286 -13.41 -7.53 -11.18
C ALA A 286 -13.49 -7.43 -12.69
N SER A 287 -12.69 -6.53 -13.28
CA SER A 287 -12.69 -6.39 -14.74
C SER A 287 -12.25 -7.70 -15.40
N TYR A 288 -11.18 -8.30 -14.90
CA TYR A 288 -10.73 -9.58 -15.48
C TYR A 288 -11.79 -10.65 -15.32
N VAL A 289 -12.39 -10.75 -14.13
CA VAL A 289 -13.37 -11.80 -13.89
C VAL A 289 -14.57 -11.63 -14.82
N ALA A 290 -15.04 -10.40 -14.98
CA ALA A 290 -16.16 -10.16 -15.89
C ALA A 290 -15.76 -10.41 -17.34
N ALA A 291 -14.52 -10.13 -17.70
CA ALA A 291 -14.09 -10.29 -19.09
C ALA A 291 -14.01 -11.75 -19.47
N TRP A 292 -13.34 -12.57 -18.65
CA TRP A 292 -13.13 -13.95 -19.07
C TRP A 292 -14.38 -14.80 -18.98
N HIS A 293 -15.46 -14.28 -18.38
CA HIS A 293 -16.73 -14.98 -18.37
C HIS A 293 -17.49 -14.85 -19.68
N ALA A 294 -17.06 -13.95 -20.57
CA ALA A 294 -17.73 -13.75 -21.85
C ALA A 294 -16.77 -13.85 -23.03
N GLY A 295 -15.57 -14.35 -22.81
CA GLY A 295 -14.59 -14.46 -23.88
C GLY A 295 -13.19 -14.30 -23.30
N ALA A 296 -12.35 -13.54 -24.01
CA ALA A 296 -10.99 -13.26 -23.56
C ALA A 296 -10.19 -14.55 -23.51
N ASP A 297 -8.86 -14.43 -23.58
CA ASP A 297 -8.00 -15.60 -23.56
C ASP A 297 -6.76 -15.47 -22.69
N ALA A 298 -6.41 -14.27 -22.22
CA ALA A 298 -5.23 -14.12 -21.39
C ALA A 298 -5.40 -12.89 -20.53
N VAL A 299 -4.56 -12.81 -19.49
CA VAL A 299 -4.55 -11.68 -18.57
C VAL A 299 -3.10 -11.43 -18.15
N ASP A 300 -2.88 -10.30 -17.49
CA ASP A 300 -1.55 -9.89 -17.06
C ASP A 300 -1.56 -9.57 -15.57
N GLY A 301 -0.62 -10.16 -14.83
CA GLY A 301 -0.49 -9.89 -13.42
C GLY A 301 0.95 -10.04 -12.98
N ALA A 302 1.28 -9.39 -11.87
CA ALA A 302 2.62 -9.37 -11.33
C ALA A 302 2.64 -10.03 -9.96
N ALA A 303 3.84 -10.16 -9.40
CA ALA A 303 3.98 -10.80 -8.09
C ALA A 303 3.25 -10.00 -7.03
N ALA A 304 2.76 -10.69 -6.01
CA ALA A 304 1.98 -10.03 -4.96
C ALA A 304 2.75 -8.92 -4.27
N PRO A 305 4.01 -9.09 -3.88
CA PRO A 305 4.72 -7.98 -3.23
C PRO A 305 4.86 -6.75 -4.09
N LEU A 306 4.78 -6.88 -5.41
CA LEU A 306 4.90 -5.75 -6.34
C LEU A 306 3.59 -5.47 -7.06
N ALA A 307 2.46 -5.81 -6.44
CA ALA A 307 1.15 -5.67 -7.07
C ALA A 307 0.36 -4.58 -6.35
N GLY A 308 -0.77 -4.23 -6.96
CA GLY A 308 -1.64 -3.22 -6.40
C GLY A 308 -1.12 -1.81 -6.65
N THR A 309 -1.87 -0.85 -6.12
CA THR A 309 -1.54 0.59 -6.25
C THR A 309 -1.28 0.87 -7.72
N THR A 310 -0.15 1.46 -8.09
CA THR A 310 0.09 1.81 -9.48
C THR A 310 0.33 0.57 -10.34
N SER A 311 0.88 -0.50 -9.76
CA SER A 311 1.26 -1.68 -10.53
C SER A 311 0.00 -2.48 -10.88
N GLN A 312 0.19 -3.69 -11.39
CA GLN A 312 -0.89 -4.49 -11.94
C GLN A 312 -1.46 -5.43 -10.90
N PRO A 313 -2.65 -5.99 -11.13
CA PRO A 313 -3.26 -6.87 -10.14
C PRO A 313 -2.40 -8.09 -9.86
N ALA A 314 -2.52 -8.61 -8.64
CA ALA A 314 -1.69 -9.71 -8.19
C ALA A 314 -2.00 -10.98 -9.00
N LEU A 315 -1.01 -11.85 -9.09
CA LEU A 315 -1.17 -13.11 -9.82
C LEU A 315 -1.79 -14.19 -8.94
N SER A 316 -1.50 -14.18 -7.64
CA SER A 316 -2.06 -15.20 -6.75
C SER A 316 -3.57 -15.12 -6.72
N SER A 317 -4.13 -13.91 -6.67
CA SER A 317 -5.59 -13.77 -6.69
C SER A 317 -6.17 -14.27 -8.00
N ILE A 318 -5.49 -14.00 -9.12
CA ILE A 318 -5.98 -14.49 -10.41
C ILE A 318 -6.03 -16.01 -10.42
N VAL A 319 -4.96 -16.64 -9.95
CA VAL A 319 -4.94 -18.11 -9.92
C VAL A 319 -6.03 -18.63 -9.01
N ALA A 320 -6.21 -18.02 -7.84
CA ALA A 320 -7.14 -18.54 -6.85
C ALA A 320 -8.59 -18.23 -7.17
N ALA A 321 -8.86 -17.28 -8.07
CA ALA A 321 -10.23 -16.89 -8.39
C ALA A 321 -10.83 -17.69 -9.54
N ALA A 322 -10.08 -18.64 -10.11
CA ALA A 322 -10.56 -19.45 -11.22
C ALA A 322 -10.29 -20.93 -11.02
N ALA A 323 -9.83 -21.34 -9.83
CA ALA A 323 -9.56 -22.74 -9.58
C ALA A 323 -10.85 -23.52 -9.40
N HIS A 324 -10.77 -24.83 -9.66
CA HIS A 324 -11.90 -25.73 -9.47
C HIS A 324 -13.12 -25.27 -10.25
N THR A 325 -12.89 -24.85 -11.50
CA THR A 325 -13.97 -24.47 -12.39
C THR A 325 -13.45 -24.60 -13.82
N GLU A 326 -14.36 -24.44 -14.79
CA GLU A 326 -13.99 -24.68 -16.18
C GLU A 326 -12.81 -23.82 -16.63
N TYR A 327 -12.60 -22.67 -15.99
CA TYR A 327 -11.51 -21.77 -16.32
C TYR A 327 -10.26 -22.06 -15.52
N ASP A 328 -10.06 -23.30 -15.08
CA ASP A 328 -8.91 -23.62 -14.25
C ASP A 328 -7.62 -23.29 -15.00
N THR A 329 -6.83 -22.40 -14.41
CA THR A 329 -5.62 -21.92 -15.10
C THR A 329 -4.64 -23.05 -15.35
N GLY A 330 -4.44 -23.93 -14.37
CA GLY A 330 -3.49 -25.00 -14.45
C GLY A 330 -2.28 -24.83 -13.56
N LEU A 331 -1.97 -23.59 -13.17
CA LEU A 331 -0.89 -23.35 -12.22
C LEU A 331 -1.26 -23.91 -10.85
N SER A 332 -0.26 -24.04 -9.99
CA SER A 332 -0.46 -24.53 -8.63
C SER A 332 -0.30 -23.37 -7.65
N LEU A 333 -1.31 -23.18 -6.80
CA LEU A 333 -1.29 -22.05 -5.89
C LEU A 333 -0.12 -22.12 -4.91
N SER A 334 0.17 -23.31 -4.40
CA SER A 334 1.31 -23.46 -3.50
C SER A 334 2.61 -23.15 -4.22
N ALA A 335 2.71 -23.53 -5.49
CA ALA A 335 3.94 -23.29 -6.25
C ALA A 335 4.19 -21.80 -6.43
N VAL A 336 3.14 -21.04 -6.72
CA VAL A 336 3.32 -19.62 -7.06
C VAL A 336 3.50 -18.75 -5.83
N CYS A 337 3.09 -19.21 -4.65
CA CYS A 337 3.23 -18.44 -3.42
C CYS A 337 4.53 -18.71 -2.68
N ALA A 338 5.42 -19.53 -3.24
CA ALA A 338 6.68 -19.86 -2.60
C ALA A 338 7.79 -18.87 -2.94
N LEU A 339 7.51 -17.88 -3.79
CA LEU A 339 8.52 -16.92 -4.22
C LEU A 339 8.26 -15.51 -3.70
N GLU A 340 7.13 -15.27 -3.04
CA GLU A 340 6.85 -13.94 -2.52
C GLU A 340 7.96 -13.40 -1.62
N PRO A 341 8.58 -14.19 -0.74
CA PRO A 341 9.65 -13.63 0.10
C PRO A 341 10.77 -12.97 -0.70
N TYR A 342 11.16 -13.57 -1.83
CA TYR A 342 12.25 -13.00 -2.60
C TYR A 342 11.86 -11.63 -3.15
N TRP A 343 10.68 -11.53 -3.74
CA TRP A 343 10.26 -10.25 -4.29
C TRP A 343 10.08 -9.21 -3.19
N GLU A 344 9.61 -9.64 -2.02
CA GLU A 344 9.46 -8.71 -0.90
C GLU A 344 10.82 -8.15 -0.47
N ALA A 345 11.81 -9.03 -0.32
CA ALA A 345 13.15 -8.56 0.02
C ALA A 345 13.69 -7.64 -1.06
N LEU A 346 13.49 -8.00 -2.33
CA LEU A 346 13.99 -7.17 -3.41
C LEU A 346 13.39 -5.77 -3.36
N ARG A 347 12.09 -5.68 -3.14
CA ARG A 347 11.46 -4.36 -3.01
C ARG A 347 12.01 -3.63 -1.81
N LYS A 348 12.25 -4.33 -0.71
CA LYS A 348 12.78 -3.68 0.48
C LYS A 348 14.16 -3.09 0.22
N VAL A 349 14.94 -3.71 -0.67
CA VAL A 349 16.26 -3.17 -0.99
C VAL A 349 16.14 -1.79 -1.63
N TYR A 350 15.21 -1.63 -2.57
CA TYR A 350 15.07 -0.38 -3.33
C TYR A 350 14.13 0.57 -2.57
N ALA A 351 14.63 1.06 -1.43
CA ALA A 351 13.87 1.99 -0.61
C ALA A 351 13.91 3.41 -1.16
N PRO A 352 15.10 3.98 -1.39
CA PRO A 352 15.15 5.41 -1.76
C PRO A 352 14.42 5.73 -3.06
N PHE A 353 14.44 4.83 -4.04
CA PHE A 353 13.80 5.09 -5.32
C PHE A 353 12.29 4.89 -5.29
N GLU A 354 11.74 4.40 -4.18
CA GLU A 354 10.33 4.02 -4.13
C GLU A 354 9.48 5.28 -4.03
N SER A 355 9.15 5.85 -5.19
CA SER A 355 8.26 7.00 -5.22
C SER A 355 6.80 6.56 -5.12
N GLY A 356 6.34 5.80 -6.10
CA GLY A 356 5.05 5.12 -6.07
C GLY A 356 3.92 6.01 -5.61
N LEU A 357 2.93 5.37 -5.00
CA LEU A 357 1.75 6.04 -4.47
C LEU A 357 1.18 5.21 -3.32
N PRO A 358 1.19 5.72 -2.09
CA PRO A 358 0.81 4.88 -0.92
C PRO A 358 -0.69 4.66 -0.75
N GLY A 359 -1.22 3.67 -1.47
CA GLY A 359 -2.59 3.25 -1.30
C GLY A 359 -3.50 3.67 -2.44
N PRO A 360 -4.69 3.07 -2.51
CA PRO A 360 -5.61 3.43 -3.60
C PRO A 360 -6.02 4.89 -3.51
N THR A 361 -6.33 5.46 -4.68
CA THR A 361 -6.80 6.83 -4.78
C THR A 361 -8.00 6.89 -5.72
N GLY A 362 -9.08 7.50 -5.26
CA GLY A 362 -10.27 7.65 -6.06
C GLY A 362 -10.30 8.88 -6.94
N ARG A 363 -9.24 9.68 -6.93
CA ARG A 363 -9.18 10.89 -7.73
C ARG A 363 -8.55 10.65 -9.10
N VAL A 364 -8.17 9.41 -9.42
CA VAL A 364 -7.59 9.13 -10.72
C VAL A 364 -8.60 9.34 -11.83
N TYR A 365 -9.89 9.36 -11.50
CA TYR A 365 -10.91 9.60 -12.52
C TYR A 365 -10.91 11.04 -13.01
N HIS A 366 -10.13 11.93 -12.38
CA HIS A 366 -10.08 13.34 -12.76
C HIS A 366 -8.87 13.65 -13.63
N HIS A 367 -7.66 13.37 -13.15
CA HIS A 367 -6.46 13.71 -13.88
C HIS A 367 -6.02 12.63 -14.86
N GLU A 368 -6.37 11.38 -14.61
CA GLU A 368 -6.13 10.29 -15.56
C GLU A 368 -4.65 10.14 -15.91
N ILE A 369 -3.79 10.30 -14.92
CA ILE A 369 -2.36 10.08 -15.13
C ILE A 369 -2.12 8.59 -15.26
N PRO A 370 -1.55 8.11 -16.36
CA PRO A 370 -1.36 6.66 -16.52
C PRO A 370 -0.37 6.11 -15.52
N GLY A 371 -0.60 4.85 -15.13
CA GLY A 371 0.39 4.16 -14.33
C GLY A 371 1.68 3.99 -15.10
N GLY A 372 2.77 3.86 -14.36
CA GLY A 372 4.09 3.84 -14.98
C GLY A 372 4.62 5.22 -15.32
N GLN A 373 3.86 6.27 -15.03
CA GLN A 373 4.31 7.64 -15.22
C GLN A 373 4.38 8.43 -13.92
N LEU A 374 3.67 8.02 -12.87
CA LEU A 374 3.70 8.79 -11.63
C LEU A 374 5.09 8.78 -11.01
N SER A 375 5.74 7.61 -10.98
CA SER A 375 7.07 7.54 -10.37
C SER A 375 8.07 8.41 -11.12
N ASN A 376 8.12 8.27 -12.45
CA ASN A 376 9.09 9.03 -13.23
C ASN A 376 8.78 10.51 -13.20
N LEU A 377 7.50 10.88 -13.26
CA LEU A 377 7.13 12.29 -13.17
C LEU A 377 7.52 12.87 -11.82
N ARG A 378 7.31 12.11 -10.74
CA ARG A 378 7.72 12.60 -9.42
C ARG A 378 9.23 12.75 -9.33
N GLN A 379 9.98 11.81 -9.90
CA GLN A 379 11.44 11.95 -9.93
C GLN A 379 11.84 13.21 -10.68
N GLN A 380 11.22 13.45 -11.83
CA GLN A 380 11.55 14.64 -12.61
C GLN A 380 11.23 15.92 -11.83
N ALA A 381 10.07 15.94 -11.17
CA ALA A 381 9.70 17.12 -10.38
C ALA A 381 10.68 17.33 -9.24
N ILE A 382 11.10 16.26 -8.57
CA ILE A 382 12.07 16.37 -7.48
C ILE A 382 13.37 16.95 -8.00
N ALA A 383 13.81 16.51 -9.19
CA ALA A 383 15.09 17.00 -9.72
C ALA A 383 15.05 18.50 -9.95
N LEU A 384 13.94 19.02 -10.48
CA LEU A 384 13.86 20.44 -10.82
C LEU A 384 13.70 21.34 -9.61
N GLY A 385 13.40 20.79 -8.43
CA GLY A 385 13.21 21.59 -7.24
C GLY A 385 11.77 21.90 -6.89
N LEU A 386 10.81 21.42 -7.67
CA LEU A 386 9.38 21.60 -7.38
C LEU A 386 8.79 20.41 -6.65
N GLY A 387 9.60 19.72 -5.86
CA GLY A 387 9.19 18.49 -5.22
C GLY A 387 7.86 18.55 -4.49
N ASP A 388 7.79 19.36 -3.44
CA ASP A 388 6.63 19.39 -2.55
C ASP A 388 5.56 20.36 -3.04
N ARG A 389 5.20 20.28 -4.33
CA ARG A 389 4.13 21.12 -4.94
C ARG A 389 3.36 20.20 -5.88
N PHE A 390 3.25 18.91 -5.55
CA PHE A 390 2.65 17.91 -6.47
C PHE A 390 1.14 17.98 -6.56
N GLU A 391 0.44 18.58 -5.60
CA GLU A 391 -1.03 18.77 -5.73
C GLU A 391 -1.24 19.84 -6.80
N GLU A 392 -0.30 20.76 -6.93
CA GLU A 392 -0.39 21.86 -7.92
C GLU A 392 0.00 21.31 -9.29
N ILE A 393 0.81 20.24 -9.32
CA ILE A 393 1.30 19.64 -10.60
C ILE A 393 0.20 18.73 -11.17
N GLU A 394 -0.65 18.12 -10.35
CA GLU A 394 -1.76 17.31 -10.81
C GLU A 394 -2.87 18.18 -11.38
N GLU A 395 -3.20 19.28 -10.69
CA GLU A 395 -4.23 20.17 -11.20
C GLU A 395 -3.84 20.76 -12.55
N ALA A 396 -2.57 21.16 -12.69
CA ALA A 396 -2.10 21.69 -13.96
C ALA A 396 -2.15 20.62 -15.04
N TYR A 397 -1.83 19.39 -14.69
CA TYR A 397 -1.92 18.29 -15.65
C TYR A 397 -3.34 18.14 -16.17
N ALA A 398 -4.31 18.11 -15.27
CA ALA A 398 -5.70 17.98 -15.68
C ALA A 398 -6.11 19.16 -16.56
N GLY A 399 -5.75 20.38 -16.16
CA GLY A 399 -6.11 21.54 -16.95
C GLY A 399 -5.49 21.51 -18.34
N ALA A 400 -4.21 21.16 -18.42
CA ALA A 400 -3.54 21.10 -19.72
C ALA A 400 -4.19 20.05 -20.61
N ASP A 401 -4.54 18.89 -20.05
CA ASP A 401 -5.23 17.89 -20.84
C ASP A 401 -6.56 18.43 -21.35
N ARG A 402 -7.30 19.14 -20.49
CA ARG A 402 -8.59 19.67 -20.91
C ARG A 402 -8.45 20.70 -22.02
N VAL A 403 -7.45 21.57 -21.92
CA VAL A 403 -7.34 22.69 -22.85
C VAL A 403 -7.08 22.21 -24.28
N LEU A 404 -6.30 21.13 -24.42
CA LEU A 404 -5.90 20.64 -25.73
C LEU A 404 -6.94 19.73 -26.38
N GLY A 405 -8.18 19.81 -25.97
CA GLY A 405 -9.22 18.90 -26.47
C GLY A 405 -9.37 17.70 -25.55
N ARG A 406 -9.05 16.51 -26.08
CA ARG A 406 -9.00 15.30 -25.27
C ARG A 406 -8.06 14.34 -25.95
N LEU A 407 -6.88 14.13 -25.37
CA LEU A 407 -5.84 13.31 -25.97
C LEU A 407 -5.84 11.91 -25.35
N VAL A 408 -5.30 10.96 -26.11
CA VAL A 408 -5.09 9.60 -25.62
C VAL A 408 -3.73 9.59 -24.94
N LYS A 409 -3.73 9.93 -23.66
CA LYS A 409 -2.49 10.13 -22.92
C LYS A 409 -1.81 8.79 -22.67
N VAL A 410 -0.88 8.43 -23.55
CA VAL A 410 -0.10 7.20 -23.40
C VAL A 410 1.37 7.58 -23.55
N THR A 411 2.25 6.59 -23.56
CA THR A 411 3.68 6.84 -23.32
C THR A 411 4.29 7.93 -24.20
N PRO A 412 4.03 7.99 -25.51
CA PRO A 412 4.67 9.03 -26.32
C PRO A 412 4.07 10.41 -26.13
N THR A 413 2.75 10.50 -25.95
CA THR A 413 2.05 11.78 -25.82
C THR A 413 1.78 12.17 -24.37
N SER A 414 2.30 11.42 -23.40
CA SER A 414 2.21 11.83 -22.00
C SER A 414 3.32 12.79 -21.60
N LYS A 415 4.48 12.69 -22.25
CA LYS A 415 5.56 13.62 -21.97
C LYS A 415 5.15 15.05 -22.34
N VAL A 416 4.39 15.21 -23.42
CA VAL A 416 3.95 16.54 -23.81
C VAL A 416 3.14 17.19 -22.70
N VAL A 417 2.15 16.47 -22.18
CA VAL A 417 1.28 17.04 -21.16
C VAL A 417 2.04 17.24 -19.86
N GLY A 418 2.91 16.28 -19.51
CA GLY A 418 3.70 16.45 -18.30
C GLY A 418 4.58 17.69 -18.35
N ASP A 419 5.28 17.89 -19.47
CA ASP A 419 6.14 19.06 -19.61
C ASP A 419 5.33 20.34 -19.59
N LEU A 420 4.16 20.35 -20.26
CA LEU A 420 3.34 21.55 -20.26
C LEU A 420 2.87 21.89 -18.85
N ALA A 421 2.46 20.87 -18.09
CA ALA A 421 2.03 21.12 -16.71
C ALA A 421 3.17 21.63 -15.86
N LEU A 422 4.36 21.05 -16.00
CA LEU A 422 5.50 21.53 -15.24
C LEU A 422 5.81 22.98 -15.57
N ALA A 423 5.77 23.33 -16.86
CA ALA A 423 6.03 24.72 -17.24
C ALA A 423 4.98 25.65 -16.66
N LEU A 424 3.70 25.26 -16.72
CA LEU A 424 2.65 26.11 -16.18
C LEU A 424 2.85 26.35 -14.69
N VAL A 425 3.17 25.30 -13.94
CA VAL A 425 3.36 25.46 -12.50
C VAL A 425 4.58 26.31 -12.21
N GLY A 426 5.69 26.05 -12.91
CA GLY A 426 6.91 26.80 -12.64
C GLY A 426 6.77 28.27 -12.93
N ALA A 427 6.17 28.60 -14.07
CA ALA A 427 6.02 30.01 -14.44
C ALA A 427 5.09 30.73 -13.46
N GLY A 428 3.85 30.27 -13.35
CA GLY A 428 2.89 30.88 -12.46
C GLY A 428 1.55 31.15 -13.10
N VAL A 429 1.43 30.85 -14.39
CA VAL A 429 0.19 31.08 -15.13
C VAL A 429 -0.64 29.81 -15.11
N SER A 430 -1.92 29.95 -14.76
CA SER A 430 -2.82 28.80 -14.74
C SER A 430 -3.10 28.33 -16.16
N ALA A 431 -3.54 27.07 -16.26
CA ALA A 431 -3.80 26.49 -17.59
C ALA A 431 -4.90 27.23 -18.31
N ASP A 432 -5.98 27.59 -17.61
CA ASP A 432 -7.07 28.30 -18.26
C ASP A 432 -6.66 29.66 -18.78
N GLU A 433 -5.65 30.30 -18.18
CA GLU A 433 -5.14 31.57 -18.67
C GLU A 433 -4.15 31.40 -19.81
N PHE A 434 -3.64 30.19 -20.01
CA PHE A 434 -2.69 29.96 -21.11
C PHE A 434 -3.40 30.02 -22.46
N ALA A 435 -4.65 29.58 -22.51
CA ALA A 435 -5.38 29.56 -23.78
C ALA A 435 -5.74 30.96 -24.26
N SER A 436 -5.98 31.89 -23.33
CA SER A 436 -6.44 33.22 -23.72
C SER A 436 -5.36 33.98 -24.48
N ASP A 437 -4.14 34.02 -23.93
CA ASP A 437 -3.03 34.77 -24.51
C ASP A 437 -1.79 33.88 -24.56
N PRO A 438 -1.76 32.89 -25.45
CA PRO A 438 -0.58 32.04 -25.63
C PRO A 438 0.47 32.66 -26.53
N ALA A 439 0.76 33.95 -26.30
CA ALA A 439 1.76 34.69 -27.05
C ALA A 439 2.97 35.06 -26.20
N ARG A 440 2.73 35.63 -25.02
CA ARG A 440 3.80 35.95 -24.09
C ARG A 440 4.06 34.81 -23.12
N PHE A 441 4.23 33.60 -23.65
CA PHE A 441 4.43 32.41 -22.85
C PHE A 441 5.50 31.54 -23.48
N GLY A 442 6.31 30.91 -22.63
CA GLY A 442 7.38 30.06 -23.10
C GLY A 442 6.97 28.60 -23.21
N ILE A 443 6.65 28.16 -24.41
CA ILE A 443 6.25 26.76 -24.62
C ILE A 443 7.50 25.91 -24.76
N PRO A 444 7.67 24.85 -23.98
CA PRO A 444 8.82 23.95 -24.19
C PRO A 444 8.91 23.48 -25.63
N GLU A 445 10.08 22.99 -26.04
CA GLU A 445 10.27 22.57 -27.42
C GLU A 445 9.37 21.39 -27.77
N SER A 446 9.26 20.41 -26.88
CA SER A 446 8.49 19.22 -27.19
C SER A 446 7.01 19.55 -27.41
N VAL A 447 6.45 20.40 -26.56
CA VAL A 447 5.04 20.78 -26.71
C VAL A 447 4.84 21.47 -28.05
N LEU A 448 5.74 22.38 -28.41
CA LEU A 448 5.61 23.07 -29.70
C LEU A 448 5.69 22.09 -30.85
N GLY A 449 6.60 21.12 -30.76
CA GLY A 449 6.71 20.13 -31.83
C GLY A 449 5.42 19.35 -32.03
N PHE A 450 4.75 19.01 -30.93
CA PHE A 450 3.50 18.27 -31.05
C PHE A 450 2.46 19.07 -31.84
N LEU A 451 2.38 20.38 -31.60
CA LEU A 451 1.38 21.19 -32.27
C LEU A 451 1.62 21.32 -33.77
N ARG A 452 2.78 20.92 -34.27
CA ARG A 452 3.08 20.95 -35.69
C ARG A 452 2.62 19.71 -36.42
N GLY A 453 2.02 18.74 -35.73
CA GLY A 453 1.54 17.54 -36.40
C GLY A 453 2.61 16.50 -36.65
N GLU A 454 3.66 16.48 -35.85
CA GLU A 454 4.72 15.48 -36.01
C GLU A 454 4.39 14.14 -35.37
N LEU A 455 3.27 14.06 -34.64
CA LEU A 455 2.82 12.80 -34.05
C LEU A 455 1.47 12.35 -34.60
N GLY A 456 1.01 12.96 -35.69
CA GLY A 456 -0.28 12.62 -36.27
C GLY A 456 -1.41 13.45 -35.67
N ASP A 457 -2.52 13.48 -36.40
CA ASP A 457 -3.66 14.25 -35.95
C ASP A 457 -4.32 13.57 -34.75
N PRO A 458 -4.84 14.32 -33.80
CA PRO A 458 -5.55 13.72 -32.67
C PRO A 458 -6.90 13.17 -33.13
N PRO A 459 -7.49 12.24 -32.38
CA PRO A 459 -8.77 11.65 -32.81
C PRO A 459 -9.94 12.59 -32.68
N GLY A 460 -9.79 13.74 -32.03
CA GLY A 460 -10.90 14.65 -31.83
C GLY A 460 -10.87 15.86 -32.74
N GLY A 461 -9.70 16.24 -33.19
CA GLY A 461 -9.53 17.41 -34.02
C GLY A 461 -8.78 18.50 -33.29
N TRP A 462 -7.97 19.25 -34.05
CA TRP A 462 -7.12 20.27 -33.45
C TRP A 462 -7.97 21.36 -32.82
N PRO A 463 -7.47 22.01 -31.76
CA PRO A 463 -8.15 23.22 -31.24
C PRO A 463 -8.01 24.36 -32.24
N GLU A 464 -9.14 24.81 -32.77
CA GLU A 464 -9.10 25.80 -33.85
C GLU A 464 -8.46 27.11 -33.42
N PRO A 465 -8.88 27.75 -32.33
CA PRO A 465 -8.33 29.08 -32.00
C PRO A 465 -6.99 29.05 -31.29
N LEU A 466 -6.60 27.91 -30.71
CA LEU A 466 -5.39 27.83 -29.91
C LEU A 466 -4.16 27.47 -30.74
N ARG A 467 -4.30 26.53 -31.67
CA ARG A 467 -3.15 26.09 -32.45
C ARG A 467 -2.57 27.24 -33.28
N THR A 468 -3.44 28.01 -33.94
CA THR A 468 -2.94 29.04 -34.84
C THR A 468 -2.18 30.14 -34.09
N ALA A 469 -2.74 30.58 -32.96
CA ALA A 469 -2.12 31.69 -32.24
C ALA A 469 -0.78 31.31 -31.64
N ALA A 470 -0.63 30.05 -31.21
CA ALA A 470 0.59 29.63 -30.52
C ALA A 470 1.72 29.26 -31.46
N LEU A 471 1.50 29.28 -32.79
CA LEU A 471 2.51 28.88 -33.74
C LEU A 471 3.08 30.03 -34.56
N ALA A 472 2.39 31.16 -34.63
CA ALA A 472 2.83 32.25 -35.49
C ALA A 472 3.99 33.00 -34.85
N GLY A 473 5.10 33.10 -35.59
CA GLY A 473 6.24 33.88 -35.16
C GLY A 473 7.32 33.11 -34.43
N ARG A 474 7.23 31.79 -34.37
CA ARG A 474 8.22 30.98 -33.66
C ARG A 474 9.17 30.25 -34.60
N GLY A 475 9.19 30.62 -35.88
CA GLY A 475 10.12 30.03 -36.82
C GLY A 475 10.04 28.51 -36.88
N ALA A 476 8.92 27.99 -37.36
CA ALA A 476 8.68 26.55 -37.41
C ALA A 476 9.48 25.95 -38.55
N ALA A 477 10.70 25.52 -38.25
CA ALA A 477 11.54 24.86 -39.23
C ALA A 477 12.75 24.21 -38.57
N ARG A 478 12.99 22.93 -38.88
CA ARG A 478 14.16 22.22 -38.38
C ARG A 478 14.50 21.07 -39.32
N PRO A 479 15.73 21.01 -39.84
CA PRO A 479 16.13 19.86 -40.67
C PRO A 479 16.43 18.64 -39.80
N THR A 480 16.66 17.51 -40.47
CA THR A 480 16.95 16.27 -39.79
C THR A 480 18.13 15.59 -40.46
N ALA A 481 18.92 14.88 -39.66
CA ALA A 481 20.06 14.13 -40.18
C ALA A 481 19.57 12.86 -40.87
N GLN A 482 20.48 12.26 -41.66
CA GLN A 482 20.16 11.07 -42.42
C GLN A 482 21.35 10.11 -42.40
N LEU A 483 21.05 8.84 -42.62
CA LEU A 483 22.08 7.80 -42.70
C LEU A 483 22.82 7.98 -44.02
N ALA A 484 24.08 8.41 -43.96
CA ALA A 484 24.76 8.88 -45.17
C ALA A 484 25.31 7.72 -46.01
N ALA A 485 26.32 7.03 -45.49
CA ALA A 485 27.02 6.04 -46.30
C ALA A 485 27.21 4.70 -45.62
N ASP A 486 27.51 4.69 -44.32
CA ASP A 486 27.94 3.47 -43.64
C ASP A 486 26.84 2.83 -42.82
N ASP A 487 25.99 3.63 -42.18
CA ASP A 487 24.91 3.05 -41.37
C ASP A 487 23.91 2.30 -42.23
N GLU A 488 23.71 2.74 -43.48
CA GLU A 488 22.81 2.02 -44.37
C GLU A 488 23.27 0.59 -44.58
N ILE A 489 24.56 0.39 -44.80
CA ILE A 489 25.08 -0.95 -45.03
C ILE A 489 25.29 -1.71 -43.73
N ALA A 490 25.49 -1.02 -42.61
CA ALA A 490 25.70 -1.70 -41.34
C ALA A 490 24.43 -2.37 -40.85
N LEU A 491 23.26 -1.79 -41.15
CA LEU A 491 21.98 -2.31 -40.68
C LEU A 491 21.54 -3.57 -41.42
N SER A 492 22.40 -4.14 -42.27
CA SER A 492 22.08 -5.38 -42.97
C SER A 492 22.79 -6.60 -42.40
N SER A 493 23.93 -6.41 -41.75
CA SER A 493 24.66 -7.51 -41.15
C SER A 493 23.96 -7.99 -39.87
N VAL A 494 24.37 -9.16 -39.41
CA VAL A 494 23.84 -9.77 -38.18
C VAL A 494 25.01 -10.07 -37.26
N GLY A 495 24.89 -9.66 -36.01
CA GLY A 495 25.92 -9.87 -35.02
C GLY A 495 26.03 -8.67 -34.12
N ALA A 496 27.20 -8.54 -33.48
CA ALA A 496 27.46 -7.40 -32.60
C ALA A 496 28.10 -6.24 -33.37
N LYS A 497 27.50 -5.90 -34.49
CA LYS A 497 27.82 -4.71 -35.25
C LYS A 497 26.59 -3.89 -35.58
N ARG A 498 25.47 -4.55 -35.88
CA ARG A 498 24.21 -3.84 -36.06
C ARG A 498 23.67 -3.36 -34.72
N GLN A 499 23.95 -4.08 -33.64
CA GLN A 499 23.49 -3.67 -32.33
C GLN A 499 24.12 -2.33 -31.92
N ALA A 500 25.42 -2.17 -32.15
CA ALA A 500 26.07 -0.91 -31.82
C ALA A 500 25.52 0.24 -32.66
N THR A 501 25.30 -0.01 -33.95
CA THR A 501 24.75 1.03 -34.80
C THR A 501 23.36 1.43 -34.35
N LEU A 502 22.52 0.46 -34.00
CA LEU A 502 21.20 0.80 -33.46
C LEU A 502 21.32 1.62 -32.20
N ASN A 503 22.23 1.22 -31.30
CA ASN A 503 22.38 1.93 -30.04
C ASN A 503 22.80 3.37 -30.28
N ARG A 504 23.73 3.59 -31.21
CA ARG A 504 24.20 4.95 -31.46
C ARG A 504 23.19 5.78 -32.24
N LEU A 505 22.37 5.16 -33.07
CA LEU A 505 21.34 5.90 -33.79
C LEU A 505 20.15 6.24 -32.90
N LEU A 506 19.91 5.46 -31.86
CA LEU A 506 18.75 5.72 -31.00
C LEU A 506 19.05 6.76 -29.93
N PHE A 507 20.23 6.70 -29.30
CA PHE A 507 20.57 7.59 -28.20
C PHE A 507 22.05 7.91 -28.24
N PRO A 508 22.44 9.00 -28.90
CA PRO A 508 23.87 9.33 -29.01
C PRO A 508 24.55 9.63 -27.69
N SER A 509 23.98 10.57 -26.93
CA SER A 509 24.63 10.98 -25.69
C SER A 509 24.71 9.78 -24.74
N PRO A 510 23.58 9.25 -24.26
CA PRO A 510 23.64 8.07 -23.37
C PRO A 510 24.64 7.03 -23.83
N THR A 511 24.68 6.71 -25.12
CA THR A 511 25.56 5.62 -25.56
C THR A 511 27.03 6.02 -25.46
N LYS A 512 27.37 7.27 -25.79
CA LYS A 512 28.77 7.66 -25.67
C LYS A 512 29.19 7.76 -24.21
N GLU A 513 28.29 8.24 -23.35
CA GLU A 513 28.58 8.23 -21.92
C GLU A 513 28.82 6.81 -21.42
N PHE A 514 27.98 5.87 -21.85
CA PHE A 514 28.13 4.47 -21.44
C PHE A 514 29.45 3.89 -21.94
N ASN A 515 29.82 4.19 -23.18
CA ASN A 515 31.09 3.72 -23.71
C ASN A 515 32.26 4.25 -22.88
N GLU A 516 32.23 5.55 -22.59
CA GLU A 516 33.31 6.14 -21.78
C GLU A 516 33.37 5.48 -20.41
N HIS A 517 32.22 5.30 -19.76
CA HIS A 517 32.21 4.71 -18.43
C HIS A 517 32.76 3.29 -18.47
N ARG A 518 32.33 2.48 -19.44
CA ARG A 518 32.82 1.11 -19.51
C ARG A 518 34.31 1.08 -19.81
N GLU A 519 34.82 2.06 -20.57
CA GLU A 519 36.26 2.12 -20.81
C GLU A 519 37.03 2.62 -19.60
N ALA A 520 36.36 3.32 -18.67
CA ALA A 520 37.07 3.85 -17.51
C ALA A 520 37.26 2.79 -16.44
N TYR A 521 36.23 2.02 -16.14
CA TYR A 521 36.25 1.05 -15.05
C TYR A 521 36.16 -0.38 -15.53
N GLY A 522 35.13 -0.72 -16.30
CA GLY A 522 34.93 -2.08 -16.77
C GLY A 522 33.49 -2.50 -16.66
N ASP A 523 33.20 -3.75 -17.03
CA ASP A 523 31.83 -4.24 -16.95
C ASP A 523 31.34 -4.24 -15.51
N THR A 524 30.13 -3.73 -15.29
CA THR A 524 29.57 -3.59 -13.96
C THR A 524 28.13 -4.11 -13.93
N SER A 525 27.89 -5.25 -14.57
CA SER A 525 26.58 -5.90 -14.56
C SER A 525 26.55 -7.14 -13.68
N GLN A 526 27.64 -7.45 -12.98
CA GLN A 526 27.72 -8.63 -12.14
C GLN A 526 27.63 -8.30 -10.65
N LEU A 527 27.46 -7.04 -10.30
CA LEU A 527 27.35 -6.64 -8.90
C LEU A 527 25.90 -6.65 -8.44
N SER A 528 25.71 -6.66 -7.13
CA SER A 528 24.39 -6.60 -6.54
C SER A 528 23.89 -5.15 -6.51
N ALA A 529 22.62 -4.99 -6.16
CA ALA A 529 22.04 -3.65 -6.11
C ALA A 529 22.75 -2.78 -5.08
N ASN A 530 23.01 -3.33 -3.90
CA ASN A 530 23.69 -2.56 -2.86
C ASN A 530 25.06 -2.11 -3.32
N GLN A 531 25.87 -3.05 -3.83
CA GLN A 531 27.24 -2.73 -4.20
C GLN A 531 27.30 -1.66 -5.28
N PHE A 532 26.25 -1.54 -6.09
CA PHE A 532 26.26 -0.59 -7.20
C PHE A 532 25.63 0.75 -6.84
N PHE A 533 24.65 0.75 -5.93
CA PHE A 533 23.93 1.99 -5.59
C PHE A 533 24.45 2.67 -4.35
N TYR A 534 24.80 1.92 -3.30
CA TYR A 534 25.15 2.53 -2.02
C TYR A 534 26.64 2.49 -1.73
N GLY A 535 27.35 1.44 -2.14
CA GLY A 535 28.79 1.43 -2.01
C GLY A 535 29.31 0.38 -1.05
N LEU A 536 30.12 0.80 -0.09
CA LEU A 536 30.79 -0.11 0.83
C LEU A 536 30.53 0.31 2.27
N ARG A 537 30.26 -0.68 3.12
CA ARG A 537 30.17 -0.47 4.55
C ARG A 537 31.57 -0.51 5.14
N GLN A 538 31.67 -0.59 6.48
CA GLN A 538 32.94 -0.72 7.17
C GLN A 538 32.93 -2.01 7.97
N GLY A 539 34.01 -2.78 7.87
CA GLY A 539 34.15 -4.02 8.61
C GLY A 539 33.67 -5.23 7.85
N GLU A 540 32.40 -5.26 7.48
CA GLU A 540 31.84 -6.42 6.81
C GLU A 540 32.48 -6.61 5.43
N GLU A 541 32.61 -7.87 5.04
CA GLU A 541 33.20 -8.21 3.75
C GLU A 541 32.12 -8.31 2.69
N HIS A 542 32.55 -8.26 1.43
CA HIS A 542 31.64 -8.29 0.29
C HIS A 542 32.12 -9.33 -0.72
N ARG A 543 31.18 -9.81 -1.52
CA ARG A 543 31.45 -10.80 -2.57
C ARG A 543 31.19 -10.14 -3.93
N VAL A 544 32.25 -9.85 -4.67
CA VAL A 544 32.15 -9.27 -5.99
C VAL A 544 32.38 -10.37 -7.02
N LYS A 545 31.47 -10.47 -7.99
CA LYS A 545 31.52 -11.50 -9.01
C LYS A 545 31.83 -10.87 -10.36
N LEU A 546 32.74 -11.49 -11.11
CA LEU A 546 33.06 -11.07 -12.46
C LEU A 546 32.77 -12.14 -13.50
N GLU A 547 33.28 -13.36 -13.29
CA GLU A 547 33.09 -14.45 -14.25
C GLU A 547 33.36 -15.76 -13.53
N ARG A 548 32.93 -16.85 -14.15
CA ARG A 548 33.20 -18.17 -13.60
C ARG A 548 34.70 -18.37 -13.47
N GLY A 549 35.10 -18.94 -12.32
CA GLY A 549 36.50 -19.12 -12.03
C GLY A 549 37.22 -17.90 -11.53
N VAL A 550 36.51 -16.78 -11.37
CA VAL A 550 37.09 -15.53 -10.91
C VAL A 550 36.23 -15.00 -9.77
N GLU A 551 36.86 -14.70 -8.63
CA GLU A 551 36.15 -14.16 -7.49
C GLU A 551 37.13 -13.37 -6.63
N LEU A 552 36.67 -12.24 -6.10
CA LEU A 552 37.50 -11.36 -5.31
C LEU A 552 36.76 -10.95 -4.04
N LEU A 553 37.53 -10.60 -3.03
CA LEU A 553 37.00 -10.11 -1.76
C LEU A 553 37.51 -8.70 -1.51
N ILE A 554 36.61 -7.83 -1.06
CA ILE A 554 36.94 -6.44 -0.76
C ILE A 554 36.52 -6.14 0.68
N GLY A 555 37.22 -5.21 1.29
CA GLY A 555 36.91 -4.79 2.65
C GLY A 555 37.34 -3.37 2.88
N LEU A 556 36.62 -2.69 3.76
CA LEU A 556 36.89 -1.31 4.12
C LEU A 556 37.23 -1.24 5.60
N GLU A 557 38.36 -0.61 5.91
CA GLU A 557 38.84 -0.53 7.29
C GLU A 557 38.84 0.88 7.85
N ALA A 558 39.10 1.89 7.02
CA ALA A 558 39.09 3.27 7.51
C ALA A 558 38.91 4.20 6.34
N ILE A 559 38.46 5.43 6.65
CA ILE A 559 38.27 6.49 5.68
C ILE A 559 38.98 7.73 6.19
N SER A 560 39.82 8.34 5.36
CA SER A 560 40.54 9.52 5.77
C SER A 560 39.61 10.71 5.88
N GLU A 561 39.94 11.63 6.79
CA GLU A 561 39.13 12.81 6.98
C GLU A 561 39.32 13.77 5.80
N PRO A 562 38.33 14.62 5.52
CA PRO A 562 38.44 15.52 4.36
C PRO A 562 39.59 16.49 4.53
N ASP A 563 40.48 16.51 3.54
CA ASP A 563 41.61 17.44 3.57
C ASP A 563 41.11 18.85 3.29
N GLU A 564 41.99 19.83 3.55
CA GLU A 564 41.62 21.22 3.38
C GLU A 564 41.15 21.49 1.95
N ARG A 565 42.03 21.35 0.98
CA ARG A 565 41.66 21.44 -0.42
C ARG A 565 42.36 20.41 -1.30
N GLY A 566 43.24 19.58 -0.75
CA GLY A 566 44.01 18.66 -1.57
C GLY A 566 43.20 17.54 -2.19
N MET A 567 42.71 16.62 -1.36
CA MET A 567 42.07 15.40 -1.85
C MET A 567 41.60 14.60 -0.63
N ARG A 568 40.73 13.63 -0.89
CA ARG A 568 40.33 12.65 0.11
C ARG A 568 40.83 11.28 -0.33
N THR A 569 41.14 10.43 0.64
CA THR A 569 41.67 9.09 0.37
C THR A 569 40.90 8.06 1.17
N VAL A 570 40.82 6.86 0.61
CA VAL A 570 40.21 5.71 1.27
C VAL A 570 41.15 4.53 1.12
N MET A 571 41.00 3.55 2.00
CA MET A 571 41.84 2.35 2.00
C MET A 571 40.95 1.12 1.98
N CYS A 572 41.29 0.18 1.10
CA CYS A 572 40.55 -1.06 0.95
C CYS A 572 41.50 -2.24 0.98
N ILE A 573 40.94 -3.43 1.17
CA ILE A 573 41.73 -4.65 1.32
C ILE A 573 41.21 -5.67 0.32
N LEU A 574 42.04 -6.05 -0.64
CA LEU A 574 41.74 -7.15 -1.55
C LEU A 574 42.42 -8.43 -1.05
N ASN A 575 42.11 -8.79 0.19
CA ASN A 575 42.71 -9.90 0.91
C ASN A 575 44.16 -9.62 1.30
N GLY A 576 44.69 -8.46 0.99
CA GLY A 576 46.06 -8.14 1.34
C GLY A 576 46.50 -6.84 0.71
N GLN A 577 47.65 -6.36 1.18
CA GLN A 577 48.33 -5.19 0.62
C GLN A 577 47.58 -3.89 0.91
N LEU A 578 46.40 -3.96 1.53
CA LEU A 578 45.63 -2.79 1.93
C LEU A 578 45.74 -1.67 0.89
N ARG A 579 45.36 -2.00 -0.34
CA ARG A 579 45.56 -1.10 -1.45
C ARG A 579 44.77 0.18 -1.25
N PRO A 580 45.41 1.36 -1.24
CA PRO A 580 44.66 2.61 -1.13
C PRO A 580 44.22 3.16 -2.47
N VAL A 581 43.27 4.09 -2.40
CA VAL A 581 42.73 4.77 -3.57
C VAL A 581 42.56 6.25 -3.25
N LEU A 582 42.57 7.07 -4.29
CA LEU A 582 42.39 8.51 -4.17
C LEU A 582 41.08 8.91 -4.86
N VAL A 583 40.18 9.54 -4.12
CA VAL A 583 38.91 10.02 -4.65
C VAL A 583 38.67 11.43 -4.14
N ARG A 584 37.82 12.16 -4.85
CA ARG A 584 37.52 13.55 -4.53
C ARG A 584 36.07 13.69 -4.10
N ASP A 585 35.83 14.67 -3.24
CA ASP A 585 34.51 14.94 -2.70
C ASP A 585 33.87 16.08 -3.49
N ARG A 586 32.84 15.76 -4.28
CA ARG A 586 32.11 16.77 -5.03
C ARG A 586 30.97 17.37 -4.24
N SER A 587 30.77 16.95 -2.99
CA SER A 587 29.72 17.46 -2.14
C SER A 587 30.23 18.07 -0.85
N ILE A 588 31.26 17.47 -0.23
CA ILE A 588 31.77 17.98 1.03
C ILE A 588 32.30 19.39 0.85
N ALA A 589 33.09 19.62 -0.19
CA ALA A 589 33.62 20.95 -0.47
C ALA A 589 32.49 21.87 -0.91
N SER A 590 32.51 23.09 -0.38
CA SER A 590 31.51 24.11 -0.71
C SER A 590 32.20 25.41 -1.06
N ALA A 591 31.69 26.08 -2.09
CA ALA A 591 32.24 27.35 -2.53
C ALA A 591 31.54 28.49 -1.80
N VAL A 592 31.76 29.72 -2.25
CA VAL A 592 31.14 30.89 -1.65
C VAL A 592 29.63 30.72 -1.70
N PRO A 593 28.96 30.51 -0.55
CA PRO A 593 27.49 30.35 -0.56
C PRO A 593 26.73 31.67 -0.44
N ALA A 594 26.68 32.41 -1.56
CA ALA A 594 25.97 33.69 -1.62
C ALA A 594 25.21 33.72 -2.94
N ALA A 595 23.98 33.22 -2.92
CA ALA A 595 23.13 33.25 -4.10
C ALA A 595 22.57 34.65 -4.32
N GLU A 596 22.30 34.96 -5.59
CA GLU A 596 21.74 36.26 -5.92
C GLU A 596 20.37 36.41 -5.28
N LYS A 597 20.02 37.65 -4.94
CA LYS A 597 18.75 37.91 -4.29
C LYS A 597 17.59 37.48 -5.18
N ALA A 598 16.60 36.82 -4.58
CA ALA A 598 15.38 36.43 -5.27
C ALA A 598 14.28 37.42 -4.91
N ASP A 599 13.69 38.06 -5.92
CA ASP A 599 12.69 39.09 -5.72
C ASP A 599 11.38 38.67 -6.37
N ARG A 600 10.28 38.86 -5.64
CA ARG A 600 8.95 38.61 -6.16
C ARG A 600 8.05 39.79 -5.80
N GLY A 601 6.92 39.87 -6.48
CA GLY A 601 5.97 40.95 -6.30
C GLY A 601 6.20 42.12 -7.23
N ASN A 602 7.44 42.50 -7.43
CA ASN A 602 7.76 43.60 -8.34
C ASN A 602 7.53 43.16 -9.77
N PRO A 603 6.66 43.83 -10.54
CA PRO A 603 6.40 43.40 -11.92
C PRO A 603 7.56 43.61 -12.86
N GLY A 604 8.58 44.37 -12.47
CA GLY A 604 9.71 44.65 -13.33
C GLY A 604 10.94 43.85 -12.99
N HIS A 605 10.76 42.59 -12.63
CA HIS A 605 11.87 41.68 -12.36
C HIS A 605 11.64 40.36 -13.06
N ILE A 606 12.73 39.73 -13.49
CA ILE A 606 12.69 38.47 -14.21
C ILE A 606 13.39 37.41 -13.37
N ALA A 607 12.64 36.40 -12.96
CA ALA A 607 13.19 35.29 -12.20
C ALA A 607 13.45 34.12 -13.15
N ALA A 608 13.77 32.96 -12.58
CA ALA A 608 13.91 31.73 -13.32
C ALA A 608 12.79 30.77 -12.92
N PRO A 609 12.13 30.11 -13.87
CA PRO A 609 11.00 29.23 -13.50
C PRO A 609 11.42 28.06 -12.63
N PHE A 610 12.37 27.26 -13.09
CA PHE A 610 12.85 26.10 -12.36
C PHE A 610 14.38 26.03 -12.49
N ALA A 611 14.98 25.09 -11.76
CA ALA A 611 16.42 24.95 -11.75
C ALA A 611 16.93 24.42 -13.08
N GLY A 612 18.12 24.85 -13.47
CA GLY A 612 18.70 24.39 -14.73
C GLY A 612 19.89 25.25 -15.11
N VAL A 613 20.27 25.14 -16.38
CA VAL A 613 21.37 25.91 -16.95
C VAL A 613 20.78 27.04 -17.76
N VAL A 614 21.29 28.26 -17.56
CA VAL A 614 20.80 29.44 -18.24
C VAL A 614 21.93 30.04 -19.07
N THR A 615 21.64 30.32 -20.34
CA THR A 615 22.57 30.99 -21.24
C THR A 615 21.88 32.27 -21.70
N VAL A 616 22.07 33.34 -20.93
CA VAL A 616 21.37 34.59 -21.18
C VAL A 616 22.11 35.39 -22.24
N GLY A 617 21.35 35.90 -23.22
CA GLY A 617 21.90 36.80 -24.20
C GLY A 617 21.10 38.09 -24.30
N VAL A 618 21.70 39.20 -23.87
CA VAL A 618 21.03 40.49 -23.89
C VAL A 618 22.07 41.58 -23.66
N CYS A 619 21.79 42.80 -24.13
CA CYS A 619 22.67 43.93 -23.96
C CYS A 619 21.97 45.02 -23.16
N VAL A 620 22.77 45.85 -22.48
CA VAL A 620 22.20 46.95 -21.72
C VAL A 620 21.34 47.82 -22.63
N GLY A 621 20.35 48.48 -22.04
CA GLY A 621 19.39 49.23 -22.82
C GLY A 621 18.59 48.31 -23.71
N GLU A 622 18.61 48.54 -25.01
CA GLU A 622 17.99 47.65 -25.98
C GLU A 622 16.54 47.36 -25.61
N ARG A 623 15.73 48.42 -25.65
CA ARG A 623 14.32 48.35 -25.31
C ARG A 623 13.69 47.08 -25.86
N VAL A 624 13.08 46.30 -24.96
CA VAL A 624 12.54 44.99 -25.29
C VAL A 624 11.02 45.06 -25.31
N GLY A 625 10.43 44.59 -26.41
CA GLY A 625 8.99 44.53 -26.49
C GLY A 625 8.42 43.43 -25.62
N ALA A 626 7.16 43.61 -25.23
CA ALA A 626 6.50 42.65 -24.37
C ALA A 626 6.40 41.30 -25.05
N GLY A 627 6.75 40.24 -24.32
CA GLY A 627 6.67 38.88 -24.82
C GLY A 627 7.91 38.40 -25.55
N GLN A 628 8.87 39.28 -25.82
CA GLN A 628 10.08 38.88 -26.52
C GLN A 628 10.90 37.92 -25.66
N THR A 629 11.54 36.96 -26.32
CA THR A 629 12.42 36.03 -25.62
C THR A 629 13.67 36.74 -25.13
N ILE A 630 14.22 36.25 -24.02
CA ILE A 630 15.41 36.84 -23.42
C ILE A 630 16.50 35.77 -23.32
N ALA A 631 16.20 34.68 -22.61
CA ALA A 631 17.17 33.63 -22.38
C ALA A 631 16.48 32.27 -22.41
N THR A 632 17.29 31.23 -22.60
CA THR A 632 16.80 29.86 -22.69
C THR A 632 17.33 29.07 -21.50
N ILE A 633 16.48 28.18 -20.97
CA ILE A 633 16.79 27.36 -19.82
C ILE A 633 16.66 25.90 -20.22
N GLU A 634 17.66 25.10 -19.86
CA GLU A 634 17.73 23.70 -20.27
C GLU A 634 17.86 22.81 -19.04
N ALA A 635 17.05 21.75 -18.99
CA ALA A 635 17.08 20.79 -17.89
C ALA A 635 17.00 19.39 -18.50
N MET A 636 16.98 18.39 -17.62
CA MET A 636 16.94 17.00 -18.05
C MET A 636 15.72 16.74 -18.94
N LYS A 637 15.98 16.48 -20.21
CA LYS A 637 14.91 16.21 -21.17
C LYS A 637 13.89 17.33 -21.19
N MET A 638 14.35 18.56 -21.35
CA MET A 638 13.45 19.71 -21.39
C MET A 638 14.20 20.98 -21.80
N GLU A 639 13.46 21.95 -22.32
CA GLU A 639 14.05 23.22 -22.74
C GLU A 639 12.93 24.20 -23.02
N ALA A 640 12.96 25.35 -22.36
CA ALA A 640 11.90 26.34 -22.53
C ALA A 640 12.50 27.72 -22.70
N PRO A 641 11.84 28.60 -23.46
CA PRO A 641 12.23 30.00 -23.48
C PRO A 641 11.74 30.72 -22.22
N ILE A 642 12.31 31.90 -21.99
CA ILE A 642 11.91 32.77 -20.90
C ILE A 642 11.64 34.15 -21.48
N THR A 643 10.49 34.73 -21.14
CA THR A 643 10.04 35.97 -21.75
C THR A 643 9.79 37.03 -20.67
N ALA A 644 9.84 38.30 -21.11
CA ALA A 644 9.64 39.43 -20.22
C ALA A 644 8.17 39.83 -20.24
N PRO A 645 7.45 39.75 -19.13
CA PRO A 645 6.01 40.09 -19.18
C PRO A 645 5.72 41.51 -19.60
N VAL A 646 6.58 42.48 -19.24
CA VAL A 646 6.32 43.88 -19.48
C VAL A 646 7.48 44.48 -20.27
N ALA A 647 7.14 45.31 -21.26
CA ALA A 647 8.15 45.97 -22.07
C ALA A 647 8.84 47.08 -21.27
N GLY A 648 10.02 47.46 -21.73
CA GLY A 648 10.80 48.48 -21.06
C GLY A 648 12.24 48.53 -21.53
N THR A 649 13.17 48.51 -20.58
CA THR A 649 14.60 48.52 -20.87
C THR A 649 15.29 47.47 -20.00
N VAL A 650 16.59 47.32 -20.19
CA VAL A 650 17.35 46.27 -19.51
C VAL A 650 17.93 46.75 -18.19
N GLU A 651 18.38 48.00 -18.13
CA GLU A 651 19.01 48.54 -16.92
C GLU A 651 20.18 47.67 -16.47
N ARG A 652 19.94 46.79 -15.51
CA ARG A 652 20.98 45.96 -14.90
C ARG A 652 20.77 44.50 -15.24
N VAL A 653 21.87 43.82 -15.60
CA VAL A 653 21.86 42.38 -15.81
C VAL A 653 22.99 41.80 -14.96
N ALA A 654 22.65 40.85 -14.08
CA ALA A 654 23.62 40.23 -13.17
C ALA A 654 23.49 38.72 -13.30
N VAL A 655 24.17 38.16 -14.30
CA VAL A 655 24.23 36.71 -14.50
C VAL A 655 25.54 36.40 -15.21
N SER A 656 26.19 35.32 -14.79
CA SER A 656 27.42 34.90 -15.44
C SER A 656 27.13 34.43 -16.86
N ASP A 657 28.20 34.08 -17.59
CA ASP A 657 28.03 33.60 -18.96
C ASP A 657 27.17 32.34 -18.99
N THR A 658 27.53 31.34 -18.20
CA THR A 658 26.78 30.10 -18.13
C THR A 658 26.97 29.50 -16.74
N ALA A 659 25.88 29.37 -15.99
CA ALA A 659 25.96 28.82 -14.65
C ALA A 659 24.59 28.33 -14.22
N GLN A 660 24.59 27.36 -13.32
CA GLN A 660 23.34 26.86 -12.77
C GLN A 660 22.65 27.94 -11.96
N VAL A 661 21.34 27.79 -11.80
CA VAL A 661 20.51 28.80 -11.15
C VAL A 661 19.59 28.11 -10.15
N GLU A 662 19.30 28.79 -9.04
CA GLU A 662 18.37 28.30 -8.03
C GLU A 662 16.97 28.27 -8.62
N GLY A 663 15.99 27.86 -7.82
CA GLY A 663 14.60 27.93 -8.24
C GLY A 663 14.32 29.19 -9.04
N GLY A 664 14.76 30.33 -8.51
CA GLY A 664 14.85 31.54 -9.30
C GLY A 664 15.32 32.71 -8.48
N ASP A 665 16.35 33.42 -8.94
CA ASP A 665 16.91 34.54 -8.20
C ASP A 665 16.81 35.86 -8.95
N LEU A 666 17.44 35.98 -10.12
CA LEU A 666 17.40 37.20 -10.90
C LEU A 666 18.08 36.95 -12.23
N LEU A 667 17.47 37.44 -13.31
CA LEU A 667 18.07 37.37 -14.64
C LEU A 667 18.22 38.75 -15.27
N VAL A 668 17.14 39.55 -15.26
CA VAL A 668 17.16 40.89 -15.84
C VAL A 668 16.10 41.71 -15.12
N VAL A 669 16.30 43.04 -15.12
CA VAL A 669 15.38 43.97 -14.48
C VAL A 669 14.89 44.95 -15.53
N VAL A 670 13.58 45.23 -15.51
CA VAL A 670 12.96 46.13 -16.47
C VAL A 670 12.15 47.18 -15.70
N SER A 671 11.94 48.32 -16.36
CA SER A 671 11.17 49.41 -15.77
C SER A 671 9.96 49.73 -16.66
N ALA B 1 -13.89 23.28 32.00
CA ALA B 1 -13.22 22.05 32.40
C ALA B 1 -12.15 22.31 33.44
N ASP B 2 -11.16 23.13 33.07
CA ASP B 2 -10.06 23.46 33.97
C ASP B 2 -9.86 24.97 34.01
N ARG B 3 -8.79 25.41 34.68
CA ARG B 3 -8.49 26.83 34.79
C ARG B 3 -7.16 27.21 34.16
N GLY B 4 -6.42 26.25 33.61
CA GLY B 4 -5.16 26.54 32.95
C GLY B 4 -3.96 26.01 33.69
N THR B 5 -3.97 26.12 35.02
CA THR B 5 -2.85 25.61 35.80
C THR B 5 -2.72 24.10 35.64
N LYS B 6 -3.85 23.39 35.70
CA LYS B 6 -3.81 21.94 35.62
C LYS B 6 -3.39 21.49 34.23
N ILE B 7 -4.03 22.03 33.19
CA ILE B 7 -3.74 21.59 31.82
C ILE B 7 -2.29 21.89 31.47
N LEU B 8 -1.76 23.01 31.95
CA LEU B 8 -0.36 23.33 31.70
C LEU B 8 0.56 22.26 32.26
N ASN B 9 0.22 21.70 33.41
CA ASN B 9 1.02 20.62 33.96
C ASN B 9 1.05 19.43 33.02
N PHE B 10 -0.11 19.05 32.47
CA PHE B 10 -0.16 17.92 31.55
C PHE B 10 0.67 18.19 30.30
N LEU B 11 0.53 19.39 29.74
CA LEU B 11 1.28 19.72 28.52
C LEU B 11 2.78 19.70 28.79
N ALA B 12 3.20 20.27 29.91
CA ALA B 12 4.62 20.25 30.25
C ALA B 12 5.12 18.83 30.44
N ASP B 13 4.33 17.99 31.11
CA ASP B 13 4.76 16.62 31.35
C ASP B 13 4.89 15.85 30.05
N VAL B 14 3.93 16.00 29.13
CA VAL B 14 4.01 15.28 27.87
C VAL B 14 5.15 15.81 27.01
N THR B 15 5.44 17.11 27.09
CA THR B 15 6.55 17.66 26.31
C THR B 15 7.86 16.97 26.67
N VAL B 16 8.10 16.78 27.97
CA VAL B 16 9.18 15.89 28.39
C VAL B 16 8.74 14.44 28.18
N ASN B 17 9.71 13.53 28.24
CA ASN B 17 9.46 12.12 27.95
C ASN B 17 9.09 11.98 26.48
N ASN B 18 7.82 11.68 26.18
CA ASN B 18 7.38 11.62 24.79
C ASN B 18 8.30 10.69 23.99
N PRO B 19 8.18 9.38 24.17
CA PRO B 19 9.18 8.47 23.56
C PRO B 19 9.33 8.64 22.06
N TYR B 20 8.32 9.16 21.37
CA TYR B 20 8.43 9.37 19.94
C TYR B 20 9.58 10.32 19.65
N GLY B 21 10.34 10.01 18.61
CA GLY B 21 11.55 10.73 18.27
C GLY B 21 11.26 11.99 17.48
N SER B 22 12.17 12.32 16.57
CA SER B 22 12.02 13.53 15.77
C SER B 22 10.78 13.45 14.91
N ARG B 23 10.11 14.57 14.72
CA ARG B 23 8.88 14.65 13.95
C ARG B 23 8.98 15.74 12.89
N PRO B 24 8.26 15.60 11.77
CA PRO B 24 8.30 16.66 10.74
C PRO B 24 7.62 17.94 11.21
N SER B 25 7.56 18.93 10.32
CA SER B 25 6.93 20.20 10.65
C SER B 25 5.44 20.02 10.91
N THR B 26 4.89 20.92 11.72
CA THR B 26 3.48 20.84 12.07
C THR B 26 2.60 20.98 10.83
N ILE B 27 1.49 20.25 10.84
CA ILE B 27 0.51 20.29 9.76
C ILE B 27 -0.88 20.30 10.36
N TYR B 28 -1.79 21.03 9.73
CA TYR B 28 -3.16 21.17 10.21
C TYR B 28 -4.12 20.43 9.30
N PRO B 29 -4.60 19.24 9.67
CA PRO B 29 -5.54 18.52 8.80
C PRO B 29 -6.87 19.21 8.62
N ASP B 30 -7.18 20.22 9.45
CA ASP B 30 -8.49 20.85 9.43
C ASP B 30 -8.58 21.98 8.40
N ASP B 31 -7.50 22.22 7.66
CA ASP B 31 -7.48 23.27 6.65
C ASP B 31 -7.77 22.76 5.25
N LYS B 32 -8.09 21.48 5.09
CA LYS B 32 -8.31 20.88 3.78
C LYS B 32 -9.73 20.36 3.63
N LEU B 33 -10.66 20.91 4.37
CA LEU B 33 -12.05 20.50 4.28
C LEU B 33 -12.74 21.24 3.13
N PRO B 34 -13.86 20.71 2.62
CA PRO B 34 -14.58 21.42 1.57
C PRO B 34 -15.15 22.74 2.07
N ASP B 35 -15.86 23.46 1.20
CA ASP B 35 -16.50 24.72 1.55
C ASP B 35 -17.99 24.61 1.30
N LEU B 36 -18.79 24.87 2.34
CA LEU B 36 -20.24 24.84 2.21
C LEU B 36 -20.84 25.46 3.47
N ASP B 37 -22.11 25.83 3.36
CA ASP B 37 -22.81 26.53 4.44
C ASP B 37 -23.25 25.53 5.49
N LEU B 38 -22.63 25.58 6.66
CA LEU B 38 -22.96 24.69 7.76
C LEU B 38 -23.97 25.33 8.71
N ARG B 39 -25.13 25.69 8.15
CA ARG B 39 -26.24 26.19 8.94
C ARG B 39 -27.57 25.57 8.57
N ALA B 40 -27.67 24.87 7.45
CA ALA B 40 -28.90 24.17 7.08
C ALA B 40 -28.87 22.75 7.62
N ALA B 41 -30.01 22.30 8.12
CA ALA B 41 -30.09 20.96 8.68
C ALA B 41 -29.84 19.92 7.58
N PRO B 42 -29.20 18.80 7.92
CA PRO B 42 -28.95 17.77 6.90
C PRO B 42 -30.25 17.25 6.32
N PRO B 43 -30.25 16.81 5.05
CA PRO B 43 -31.48 16.26 4.47
C PRO B 43 -31.98 15.03 5.22
N ALA B 44 -33.14 14.51 4.82
CA ALA B 44 -33.67 13.31 5.43
C ALA B 44 -32.92 12.09 4.94
N GLY B 45 -32.47 11.26 5.89
CA GLY B 45 -31.69 10.09 5.55
C GLY B 45 -32.40 8.79 5.82
N SER B 46 -31.73 7.87 6.52
CA SER B 46 -32.29 6.56 6.79
C SER B 46 -32.77 6.37 8.23
N LYS B 47 -32.30 7.18 9.17
CA LYS B 47 -32.84 7.10 10.53
C LYS B 47 -34.32 7.45 10.54
N GLN B 48 -34.72 8.45 9.76
CA GLN B 48 -36.14 8.79 9.68
C GLN B 48 -36.95 7.62 9.13
N ARG B 49 -36.42 6.94 8.11
CA ARG B 49 -37.10 5.77 7.59
C ARG B 49 -37.22 4.68 8.64
N LEU B 50 -36.14 4.45 9.39
CA LEU B 50 -36.20 3.44 10.45
C LEU B 50 -37.24 3.79 11.49
N VAL B 51 -37.32 5.07 11.87
CA VAL B 51 -38.28 5.48 12.88
C VAL B 51 -39.70 5.35 12.35
N LYS B 52 -39.91 5.66 11.08
CA LYS B 52 -41.27 5.62 10.52
C LYS B 52 -41.75 4.20 10.29
N LEU B 53 -40.89 3.32 9.80
CA LEU B 53 -41.31 1.98 9.42
C LEU B 53 -41.18 0.95 10.53
N GLY B 54 -40.39 1.23 11.56
CA GLY B 54 -40.14 0.28 12.62
C GLY B 54 -39.05 -0.70 12.23
N PRO B 55 -38.66 -1.56 13.17
CA PRO B 55 -37.53 -2.48 12.88
C PRO B 55 -37.89 -3.55 11.87
N GLU B 56 -39.12 -4.05 11.89
CA GLU B 56 -39.51 -5.11 10.98
C GLU B 56 -39.60 -4.60 9.54
N GLY B 57 -40.46 -3.60 9.31
CA GLY B 57 -40.67 -3.11 7.96
C GLY B 57 -39.41 -2.63 7.28
N PHE B 58 -38.43 -2.16 8.04
CA PHE B 58 -37.18 -1.71 7.43
C PHE B 58 -36.50 -2.85 6.69
N ALA B 59 -36.48 -4.05 7.29
CA ALA B 59 -35.87 -5.19 6.63
C ALA B 59 -36.62 -5.55 5.35
N ARG B 60 -37.95 -5.49 5.39
CA ARG B 60 -38.73 -5.77 4.19
C ARG B 60 -38.42 -4.77 3.08
N TRP B 61 -38.32 -3.48 3.44
CA TRP B 61 -37.97 -2.48 2.45
C TRP B 61 -36.59 -2.74 1.86
N LEU B 62 -35.62 -3.11 2.71
CA LEU B 62 -34.29 -3.38 2.21
C LEU B 62 -34.27 -4.61 1.31
N ARG B 63 -35.11 -5.60 1.60
CA ARG B 63 -35.14 -6.82 0.80
C ARG B 63 -35.45 -6.50 -0.65
N GLU B 64 -36.53 -5.77 -0.90
CA GLU B 64 -37.00 -5.48 -2.25
C GLU B 64 -36.50 -4.13 -2.75
N SER B 65 -35.19 -3.90 -2.68
CA SER B 65 -34.58 -2.67 -3.16
C SER B 65 -33.55 -3.03 -4.22
N ALA B 66 -33.74 -2.50 -5.44
CA ALA B 66 -32.79 -2.79 -6.50
C ALA B 66 -31.42 -2.19 -6.19
N ALA B 67 -31.38 -0.96 -5.72
CA ALA B 67 -30.11 -0.33 -5.40
C ALA B 67 -29.40 -1.09 -4.29
N VAL B 68 -28.10 -1.31 -4.48
CA VAL B 68 -27.29 -2.02 -3.49
C VAL B 68 -26.89 -1.05 -2.39
N GLY B 69 -27.21 -1.40 -1.15
CA GLY B 69 -26.87 -0.55 -0.04
C GLY B 69 -25.37 -0.53 0.23
N VAL B 70 -24.94 0.46 1.02
CA VAL B 70 -23.54 0.65 1.34
C VAL B 70 -23.40 1.04 2.80
N THR B 71 -22.29 0.64 3.41
CA THR B 71 -21.98 0.97 4.79
C THR B 71 -20.58 1.58 4.83
N ASP B 72 -20.37 2.49 5.79
CA ASP B 72 -19.11 3.20 5.96
C ASP B 72 -18.48 2.75 7.27
N THR B 73 -17.35 2.04 7.18
CA THR B 73 -16.64 1.55 8.34
C THR B 73 -15.36 2.33 8.64
N THR B 74 -15.24 3.54 8.08
CA THR B 74 -14.05 4.34 8.32
C THR B 74 -13.87 4.69 9.79
N PHE B 75 -14.94 4.65 10.58
CA PHE B 75 -14.91 5.13 11.95
C PHE B 75 -14.50 4.06 12.95
N ARG B 76 -14.69 2.78 12.64
CA ARG B 76 -14.46 1.73 13.62
C ARG B 76 -13.40 0.72 13.17
N ASP B 77 -13.50 0.20 11.96
CA ASP B 77 -12.64 -0.88 11.52
C ASP B 77 -11.49 -0.42 10.64
N ALA B 78 -11.68 0.64 9.87
CA ALA B 78 -10.62 1.10 8.97
C ALA B 78 -9.38 1.49 9.75
N HIS B 79 -9.54 2.24 10.83
CA HIS B 79 -8.41 2.62 11.66
C HIS B 79 -8.07 1.57 12.72
N GLN B 80 -8.95 0.58 12.91
CA GLN B 80 -8.59 -0.54 13.76
C GLN B 80 -7.60 -1.47 13.08
N SER B 81 -7.77 -1.68 11.77
CA SER B 81 -6.91 -2.61 11.05
C SER B 81 -5.55 -1.99 10.75
N LEU B 82 -5.51 -0.70 10.44
CA LEU B 82 -4.28 -0.05 9.97
C LEU B 82 -3.53 0.64 11.10
N LEU B 83 -4.14 1.60 11.77
CA LEU B 83 -3.47 2.45 12.74
C LEU B 83 -3.76 1.98 14.17
N ALA B 84 -3.33 0.76 14.47
CA ALA B 84 -3.68 0.15 15.75
C ALA B 84 -5.16 0.43 16.01
N THR B 85 -5.47 1.14 17.10
CA THR B 85 -6.83 1.64 17.30
C THR B 85 -6.82 3.03 17.93
N ARG B 86 -5.81 3.83 17.63
CA ARG B 86 -5.62 5.14 18.26
C ARG B 86 -6.11 6.21 17.29
N VAL B 87 -7.36 6.62 17.45
CA VAL B 87 -7.91 7.77 16.75
C VAL B 87 -8.79 8.52 17.73
N ARG B 88 -8.29 9.63 18.27
CA ARG B 88 -9.03 10.37 19.28
C ARG B 88 -10.31 10.95 18.69
N THR B 89 -11.34 11.08 19.53
CA THR B 89 -12.63 11.54 19.06
C THR B 89 -12.58 12.96 18.51
N SER B 90 -11.56 13.74 18.88
CA SER B 90 -11.47 15.11 18.39
C SER B 90 -11.33 15.14 16.87
N GLY B 91 -10.47 14.28 16.33
CA GLY B 91 -10.29 14.25 14.88
C GLY B 91 -11.55 13.83 14.15
N LEU B 92 -12.22 12.78 14.63
CA LEU B 92 -13.40 12.28 13.94
C LEU B 92 -14.52 13.31 13.95
N SER B 93 -14.69 14.02 15.07
CA SER B 93 -15.84 14.90 15.23
C SER B 93 -15.84 16.09 14.28
N ARG B 94 -14.72 16.38 13.62
CA ARG B 94 -14.63 17.55 12.75
C ARG B 94 -15.11 17.28 11.33
N VAL B 95 -15.31 16.03 10.94
CA VAL B 95 -15.78 15.70 9.60
C VAL B 95 -17.20 15.17 9.59
N ALA B 96 -17.77 14.82 10.73
CA ALA B 96 -19.13 14.28 10.74
C ALA B 96 -20.13 15.22 10.11
N PRO B 97 -20.13 16.53 10.39
CA PRO B 97 -21.10 17.41 9.72
C PRO B 97 -21.00 17.36 8.21
N TYR B 98 -19.79 17.35 7.67
CA TYR B 98 -19.62 17.30 6.22
C TYR B 98 -20.12 15.99 5.65
N LEU B 99 -19.83 14.88 6.33
CA LEU B 99 -20.32 13.58 5.88
C LEU B 99 -21.84 13.54 5.90
N ALA B 100 -22.46 14.15 6.91
CA ALA B 100 -23.91 14.16 6.98
C ALA B 100 -24.54 15.05 5.92
N ARG B 101 -23.88 16.14 5.55
CA ARG B 101 -24.42 17.06 4.56
C ARG B 101 -24.01 16.73 3.13
N THR B 102 -23.14 15.74 2.93
CA THR B 102 -22.62 15.45 1.60
C THR B 102 -22.97 14.06 1.09
N MET B 103 -23.12 13.07 1.98
CA MET B 103 -23.39 11.68 1.58
C MET B 103 -24.56 11.15 2.40
N PRO B 104 -25.76 11.74 2.24
CA PRO B 104 -26.91 11.29 3.04
C PRO B 104 -27.50 9.96 2.60
N GLN B 105 -27.00 9.34 1.53
CA GLN B 105 -27.55 8.09 1.05
C GLN B 105 -26.91 6.86 1.67
N LEU B 106 -25.98 7.02 2.61
CA LEU B 106 -25.38 5.89 3.28
C LEU B 106 -26.43 5.13 4.08
N LEU B 107 -26.34 3.80 4.08
CA LEU B 107 -27.24 3.00 4.89
C LEU B 107 -26.98 3.23 6.37
N SER B 108 -25.72 3.14 6.79
CA SER B 108 -25.37 3.32 8.19
C SER B 108 -23.86 3.51 8.30
N VAL B 109 -23.43 3.95 9.48
CA VAL B 109 -22.01 4.16 9.77
C VAL B 109 -21.66 3.36 11.02
N GLU B 110 -20.63 2.52 10.91
CA GLU B 110 -20.18 1.71 12.03
C GLU B 110 -19.14 2.50 12.81
N CYS B 111 -19.51 2.97 14.00
CA CYS B 111 -18.67 3.89 14.76
C CYS B 111 -18.69 3.56 16.24
N TRP B 112 -18.77 2.28 16.59
CA TRP B 112 -18.72 1.90 18.02
C TRP B 112 -18.60 0.40 18.17
N GLY B 113 -18.06 -0.05 19.30
CA GLY B 113 -18.04 -1.46 19.63
C GLY B 113 -16.79 -2.16 19.12
N GLY B 114 -16.71 -3.44 19.47
CA GLY B 114 -15.63 -4.29 19.00
C GLY B 114 -14.39 -4.20 19.85
N ALA B 115 -13.58 -3.16 19.64
CA ALA B 115 -12.34 -3.00 20.39
C ALA B 115 -12.07 -1.57 20.80
N THR B 116 -12.97 -0.63 20.52
CA THR B 116 -12.74 0.76 20.91
C THR B 116 -12.98 0.96 22.40
N TYR B 117 -13.83 0.14 23.01
CA TYR B 117 -14.21 0.38 24.40
C TYR B 117 -13.00 0.32 25.32
N ASP B 118 -12.10 -0.64 25.11
CA ASP B 118 -10.96 -0.83 25.99
C ASP B 118 -9.84 0.17 25.72
N VAL B 119 -9.48 0.36 24.44
CA VAL B 119 -8.40 1.26 24.10
C VAL B 119 -8.80 2.70 24.43
N ALA B 120 -10.07 3.06 24.22
CA ALA B 120 -10.53 4.40 24.53
C ALA B 120 -10.56 4.66 26.03
N LEU B 121 -10.27 3.66 26.85
CA LEU B 121 -10.18 3.85 28.30
C LEU B 121 -8.74 3.78 28.80
N ARG B 122 -7.96 2.80 28.37
CA ARG B 122 -6.65 2.61 28.98
C ARG B 122 -5.51 3.29 28.22
N PHE B 123 -5.68 3.59 26.93
CA PHE B 123 -4.63 4.26 26.16
C PHE B 123 -5.02 5.69 25.81
N LEU B 124 -6.15 5.89 25.15
CA LEU B 124 -6.68 7.23 24.91
C LEU B 124 -7.66 7.51 26.04
N LYS B 125 -7.20 8.23 27.06
CA LYS B 125 -7.99 8.39 28.28
C LYS B 125 -9.17 9.31 28.00
N GLU B 126 -10.32 8.71 27.68
CA GLU B 126 -11.55 9.45 27.40
C GLU B 126 -12.72 8.51 27.64
N ASP B 127 -13.92 9.07 27.65
CA ASP B 127 -15.11 8.32 28.03
C ASP B 127 -15.87 7.87 26.78
N PRO B 128 -15.99 6.56 26.53
CA PRO B 128 -16.66 6.12 25.29
C PRO B 128 -18.08 6.64 25.14
N TRP B 129 -18.83 6.72 26.24
CA TRP B 129 -20.21 7.17 26.14
C TRP B 129 -20.28 8.61 25.63
N GLU B 130 -19.35 9.45 26.07
CA GLU B 130 -19.32 10.83 25.57
C GLU B 130 -19.02 10.87 24.07
N ARG B 131 -18.10 10.02 23.61
CA ARG B 131 -17.82 9.95 22.18
C ARG B 131 -19.07 9.55 21.40
N LEU B 132 -19.79 8.54 21.90
CA LEU B 132 -21.01 8.12 21.23
C LEU B 132 -22.03 9.26 21.18
N ALA B 133 -22.18 9.97 22.30
CA ALA B 133 -23.12 11.08 22.33
C ALA B 133 -22.73 12.18 21.34
N THR B 134 -21.44 12.50 21.27
CA THR B 134 -21.00 13.53 20.32
C THR B 134 -21.26 13.10 18.89
N LEU B 135 -20.93 11.86 18.54
CA LEU B 135 -21.16 11.40 17.18
C LEU B 135 -22.63 11.43 16.83
N ARG B 136 -23.50 11.01 17.76
CA ARG B 136 -24.93 11.10 17.50
C ARG B 136 -25.36 12.55 17.29
N ALA B 137 -24.85 13.46 18.13
CA ALA B 137 -25.20 14.86 17.97
C ALA B 137 -24.77 15.40 16.62
N ALA B 138 -23.66 14.89 16.07
CA ALA B 138 -23.14 15.43 14.81
C ALA B 138 -23.97 15.00 13.62
N MET B 139 -24.41 13.73 13.59
CA MET B 139 -25.10 13.15 12.44
C MET B 139 -26.51 12.75 12.85
N PRO B 140 -27.50 13.63 12.70
CA PRO B 140 -28.87 13.29 13.10
C PRO B 140 -29.71 12.61 12.03
N ASN B 141 -29.12 12.13 10.94
CA ASN B 141 -29.91 11.55 9.85
C ASN B 141 -29.32 10.26 9.30
N ILE B 142 -28.47 9.57 10.05
CA ILE B 142 -27.89 8.31 9.62
C ILE B 142 -27.89 7.34 10.80
N CYS B 143 -28.27 6.10 10.54
CA CYS B 143 -28.26 5.08 11.57
C CYS B 143 -26.83 4.75 11.98
N LEU B 144 -26.64 4.39 13.24
CA LEU B 144 -25.35 4.03 13.78
C LEU B 144 -25.33 2.53 14.06
N GLN B 145 -24.18 1.90 13.82
CA GLN B 145 -24.03 0.46 13.93
C GLN B 145 -23.04 0.11 15.03
N MET B 146 -23.12 -1.12 15.51
CA MET B 146 -22.29 -1.60 16.61
C MET B 146 -21.99 -3.08 16.40
N LEU B 147 -20.83 -3.50 16.89
CA LEU B 147 -20.41 -4.90 16.83
C LEU B 147 -20.51 -5.50 18.23
N LEU B 148 -21.50 -6.37 18.43
CA LEU B 148 -21.76 -7.00 19.73
C LEU B 148 -21.47 -8.49 19.63
N ARG B 149 -20.90 -9.05 20.71
CA ARG B 149 -20.41 -10.42 20.71
C ARG B 149 -21.30 -11.38 21.50
N GLY B 150 -22.53 -10.99 21.78
CA GLY B 150 -23.41 -11.84 22.56
C GLY B 150 -23.01 -11.92 24.02
N ARG B 151 -22.65 -13.12 24.49
CA ARG B 151 -22.31 -13.28 25.89
C ARG B 151 -21.11 -12.41 26.27
N ASN B 152 -20.08 -12.39 25.43
CA ASN B 152 -18.89 -11.61 25.73
C ASN B 152 -19.20 -10.11 25.76
N THR B 153 -20.15 -9.67 24.93
CA THR B 153 -20.50 -8.25 24.85
C THR B 153 -19.35 -7.47 24.23
N VAL B 154 -18.65 -6.66 25.02
CA VAL B 154 -17.47 -5.95 24.56
C VAL B 154 -16.21 -6.37 25.31
N GLY B 155 -16.32 -7.39 26.16
CA GLY B 155 -15.18 -7.98 26.81
C GLY B 155 -14.68 -9.21 26.05
N TYR B 156 -13.88 -10.00 26.75
CA TYR B 156 -13.31 -11.22 26.18
C TYR B 156 -13.93 -12.49 26.75
N THR B 157 -14.08 -12.58 28.06
CA THR B 157 -14.63 -13.75 28.71
C THR B 157 -16.14 -13.59 28.90
N PRO B 158 -16.83 -14.66 29.26
CA PRO B 158 -18.29 -14.58 29.44
C PRO B 158 -18.65 -13.61 30.57
N TYR B 159 -19.86 -13.07 30.47
CA TYR B 159 -20.40 -12.12 31.43
C TYR B 159 -21.76 -12.60 31.89
N PRO B 160 -22.17 -12.25 33.10
CA PRO B 160 -23.55 -12.55 33.53
C PRO B 160 -24.55 -11.87 32.61
N GLU B 161 -25.81 -12.29 32.76
CA GLU B 161 -26.87 -11.93 31.80
C GLU B 161 -27.44 -10.53 32.04
N ILE B 162 -27.73 -10.18 33.28
CA ILE B 162 -28.31 -8.87 33.56
C ILE B 162 -27.38 -7.77 33.07
N VAL B 163 -26.07 -8.00 33.14
CA VAL B 163 -25.12 -7.01 32.66
C VAL B 163 -25.32 -6.78 31.16
N THR B 164 -25.46 -7.86 30.39
CA THR B 164 -25.65 -7.70 28.95
C THR B 164 -26.97 -7.00 28.64
N SER B 165 -28.04 -7.36 29.35
CA SER B 165 -29.32 -6.71 29.09
C SER B 165 -29.24 -5.22 29.41
N ALA B 166 -28.64 -4.87 30.54
CA ALA B 166 -28.50 -3.46 30.89
C ALA B 166 -27.64 -2.72 29.89
N PHE B 167 -26.56 -3.35 29.44
CA PHE B 167 -25.69 -2.73 28.45
C PHE B 167 -26.45 -2.43 27.17
N VAL B 168 -27.24 -3.40 26.71
CA VAL B 168 -28.01 -3.20 25.47
C VAL B 168 -29.02 -2.08 25.65
N GLN B 169 -29.71 -2.06 26.80
CA GLN B 169 -30.70 -1.01 27.03
C GLN B 169 -30.05 0.36 27.02
N GLU B 170 -28.91 0.50 27.71
CA GLU B 170 -28.23 1.79 27.75
C GLU B 170 -27.76 2.19 26.35
N ALA B 171 -27.17 1.24 25.61
CA ALA B 171 -26.67 1.57 24.28
C ALA B 171 -27.79 2.03 23.36
N THR B 172 -28.92 1.33 23.38
CA THR B 172 -30.03 1.74 22.51
C THR B 172 -30.67 3.03 23.00
N ALA B 173 -30.56 3.36 24.29
CA ALA B 173 -31.06 4.63 24.77
C ALA B 173 -30.16 5.79 24.38
N THR B 174 -28.85 5.54 24.25
CA THR B 174 -27.89 6.60 23.95
C THR B 174 -27.78 6.91 22.45
N GLY B 175 -28.37 6.10 21.57
CA GLY B 175 -28.36 6.42 20.16
C GLY B 175 -28.19 5.28 19.19
N ILE B 176 -27.42 4.24 19.56
CA ILE B 176 -27.19 3.14 18.63
C ILE B 176 -28.53 2.59 18.15
N ASP B 177 -28.55 2.11 16.91
CA ASP B 177 -29.78 1.62 16.31
C ASP B 177 -29.64 0.21 15.73
N ILE B 178 -28.49 -0.09 15.14
CA ILE B 178 -28.28 -1.36 14.45
C ILE B 178 -27.18 -2.13 15.18
N PHE B 179 -27.53 -3.30 15.70
CA PHE B 179 -26.58 -4.18 16.35
C PHE B 179 -26.18 -5.30 15.40
N ARG B 180 -24.97 -5.82 15.58
CA ARG B 180 -24.44 -6.92 14.78
C ARG B 180 -24.02 -8.03 15.75
N ILE B 181 -24.94 -8.92 16.05
CA ILE B 181 -24.66 -10.04 16.96
C ILE B 181 -23.89 -11.11 16.19
N PHE B 182 -22.80 -11.58 16.77
CA PHE B 182 -22.04 -12.68 16.21
C PHE B 182 -21.39 -13.46 17.33
N ASP B 183 -21.02 -14.70 17.05
CA ASP B 183 -20.33 -15.55 18.00
C ASP B 183 -19.12 -16.19 17.31
N ALA B 184 -18.05 -16.38 18.08
CA ALA B 184 -16.82 -16.94 17.52
C ALA B 184 -17.07 -18.34 16.97
N LEU B 185 -17.41 -19.28 17.85
CA LEU B 185 -17.77 -20.63 17.45
C LEU B 185 -19.26 -20.66 17.13
N ASN B 186 -19.60 -20.94 15.88
CA ASN B 186 -20.98 -20.80 15.43
C ASN B 186 -21.90 -21.73 16.20
N ASN B 187 -22.68 -21.17 17.12
CA ASN B 187 -23.70 -21.93 17.83
C ASN B 187 -24.69 -20.95 18.43
N ILE B 188 -25.96 -21.09 18.05
CA ILE B 188 -26.98 -20.14 18.46
C ILE B 188 -27.18 -20.14 19.97
N GLU B 189 -26.83 -21.23 20.65
CA GLU B 189 -27.08 -21.31 22.08
C GLU B 189 -26.35 -20.22 22.85
N SER B 190 -25.10 -19.95 22.47
CA SER B 190 -24.32 -18.96 23.20
C SER B 190 -24.95 -17.58 23.11
N MET B 191 -25.29 -17.14 21.90
CA MET B 191 -25.73 -15.77 21.67
C MET B 191 -27.26 -15.64 21.63
N ARG B 192 -27.99 -16.68 22.02
CA ARG B 192 -29.45 -16.57 22.04
C ARG B 192 -29.95 -15.45 22.94
N PRO B 193 -29.50 -15.32 24.20
CA PRO B 193 -30.10 -14.29 25.06
C PRO B 193 -29.90 -12.87 24.56
N ALA B 194 -28.77 -12.58 23.92
CA ALA B 194 -28.53 -11.23 23.44
C ALA B 194 -29.55 -10.83 22.38
N ILE B 195 -29.91 -11.76 21.50
CA ILE B 195 -30.91 -11.46 20.48
C ILE B 195 -32.23 -11.09 21.13
N ASP B 196 -32.64 -11.87 22.14
CA ASP B 196 -33.90 -11.57 22.83
C ASP B 196 -33.84 -10.23 23.52
N ALA B 197 -32.70 -9.91 24.15
CA ALA B 197 -32.56 -8.62 24.81
C ALA B 197 -32.67 -7.48 23.80
N VAL B 198 -32.04 -7.63 22.64
CA VAL B 198 -32.11 -6.58 21.62
C VAL B 198 -33.54 -6.42 21.11
N ARG B 199 -34.22 -7.54 20.88
CA ARG B 199 -35.57 -7.48 20.33
C ARG B 199 -36.55 -6.80 21.27
N GLU B 200 -36.27 -6.79 22.58
CA GLU B 200 -37.22 -6.21 23.53
C GLU B 200 -37.16 -4.69 23.60
N THR B 201 -36.11 -4.06 23.06
CA THR B 201 -36.02 -2.60 23.15
C THR B 201 -37.20 -1.94 22.43
N GLY B 202 -37.54 -2.43 21.25
CA GLY B 202 -38.68 -1.93 20.50
C GLY B 202 -38.31 -1.42 19.13
N SER B 203 -37.16 -0.74 19.02
CA SER B 203 -36.68 -0.21 17.73
C SER B 203 -35.17 -0.41 17.68
N ALA B 204 -34.74 -1.58 17.20
CA ALA B 204 -33.33 -1.84 16.99
C ALA B 204 -33.21 -3.10 16.16
N ILE B 205 -32.47 -3.04 15.07
CA ILE B 205 -32.36 -4.16 14.15
C ILE B 205 -31.28 -5.11 14.65
N ALA B 206 -31.63 -6.38 14.80
CA ALA B 206 -30.71 -7.43 15.23
C ALA B 206 -30.21 -8.17 14.00
N GLU B 207 -28.96 -7.94 13.63
CA GLU B 207 -28.36 -8.53 12.45
C GLU B 207 -27.38 -9.61 12.90
N VAL B 208 -27.80 -10.86 12.79
CA VAL B 208 -26.94 -11.97 13.17
C VAL B 208 -25.95 -12.25 12.05
N ALA B 209 -24.78 -12.75 12.42
CA ALA B 209 -23.70 -12.98 11.47
C ALA B 209 -23.14 -14.38 11.63
N MET B 210 -22.78 -15.00 10.52
CA MET B 210 -22.18 -16.31 10.49
C MET B 210 -20.80 -16.23 9.86
N CYS B 211 -19.80 -16.79 10.54
CA CYS B 211 -18.42 -16.71 10.11
C CYS B 211 -18.15 -17.66 8.94
N TYR B 212 -17.19 -17.28 8.11
CA TYR B 212 -16.78 -18.08 6.96
C TYR B 212 -15.35 -18.54 7.16
N THR B 213 -15.09 -19.80 6.82
CA THR B 213 -13.76 -20.38 6.97
C THR B 213 -13.55 -21.46 5.92
N GLY B 214 -12.28 -21.82 5.72
CA GLY B 214 -11.95 -22.87 4.77
C GLY B 214 -12.36 -22.48 3.37
N ASP B 215 -12.90 -23.45 2.63
CA ASP B 215 -13.35 -23.20 1.28
C ASP B 215 -14.56 -24.09 1.00
N LEU B 216 -15.47 -23.58 0.18
CA LEU B 216 -16.76 -24.21 -0.07
C LEU B 216 -16.80 -25.02 -1.35
N THR B 217 -16.30 -24.47 -2.45
CA THR B 217 -16.39 -25.14 -3.74
C THR B 217 -15.36 -26.24 -3.93
N ASP B 218 -14.33 -26.29 -3.10
CA ASP B 218 -13.29 -27.31 -3.26
C ASP B 218 -13.81 -28.65 -2.73
N PRO B 219 -13.81 -29.70 -3.55
CA PRO B 219 -14.28 -31.01 -3.06
C PRO B 219 -13.29 -31.72 -2.17
N GLY B 220 -12.10 -31.17 -1.98
CA GLY B 220 -11.06 -31.81 -1.18
C GLY B 220 -11.55 -32.30 0.17
N GLU B 221 -11.91 -31.37 1.05
CA GLU B 221 -12.37 -31.70 2.40
C GLU B 221 -13.83 -31.28 2.54
N GLN B 222 -14.58 -32.07 3.33
CA GLN B 222 -16.00 -31.81 3.57
C GLN B 222 -16.22 -31.77 5.08
N LEU B 223 -15.88 -30.62 5.68
CA LEU B 223 -16.35 -30.27 7.02
C LEU B 223 -17.18 -28.99 6.99
N TYR B 224 -16.65 -27.93 6.40
CA TYR B 224 -17.37 -26.67 6.22
C TYR B 224 -18.11 -26.65 4.90
N THR B 225 -18.94 -27.66 4.69
CA THR B 225 -19.68 -27.82 3.45
C THR B 225 -20.86 -26.85 3.41
N LEU B 226 -21.47 -26.74 2.23
CA LEU B 226 -22.65 -25.89 2.09
C LEU B 226 -23.77 -26.33 3.01
N ASP B 227 -23.89 -27.63 3.28
CA ASP B 227 -24.93 -28.10 4.19
C ASP B 227 -24.74 -27.54 5.59
N TYR B 228 -23.49 -27.45 6.04
CA TYR B 228 -23.22 -26.87 7.35
C TYR B 228 -23.76 -25.45 7.45
N TYR B 229 -23.46 -24.61 6.47
CA TYR B 229 -23.92 -23.23 6.50
C TYR B 229 -25.44 -23.16 6.35
N LEU B 230 -26.04 -24.05 5.55
CA LEU B 230 -27.48 -24.04 5.42
C LEU B 230 -28.16 -24.35 6.75
N LYS B 231 -27.66 -25.37 7.46
CA LYS B 231 -28.23 -25.69 8.77
C LYS B 231 -28.04 -24.53 9.75
N LEU B 232 -26.85 -23.92 9.75
CA LEU B 232 -26.62 -22.78 10.65
C LEU B 232 -27.57 -21.63 10.34
N ALA B 233 -27.79 -21.35 9.06
CA ALA B 233 -28.72 -20.29 8.69
C ALA B 233 -30.14 -20.63 9.11
N GLU B 234 -30.53 -21.90 8.99
CA GLU B 234 -31.85 -22.30 9.44
C GLU B 234 -32.01 -22.04 10.93
N GLN B 235 -30.99 -22.41 11.72
CA GLN B 235 -31.06 -22.16 13.16
C GLN B 235 -31.17 -20.67 13.45
N ILE B 236 -30.37 -19.85 12.76
CA ILE B 236 -30.38 -18.41 13.01
C ILE B 236 -31.75 -17.84 12.68
N VAL B 237 -32.32 -18.23 11.54
CA VAL B 237 -33.62 -17.71 11.16
C VAL B 237 -34.67 -18.11 12.18
N ASP B 238 -34.64 -19.36 12.65
CA ASP B 238 -35.57 -19.78 13.68
C ASP B 238 -35.34 -19.06 15.00
N ALA B 239 -34.13 -18.54 15.23
CA ALA B 239 -33.86 -17.81 16.47
C ALA B 239 -34.66 -16.52 16.51
N GLY B 240 -34.82 -15.85 15.37
CA GLY B 240 -35.62 -14.64 15.30
C GLY B 240 -34.86 -13.44 14.77
N ALA B 241 -33.81 -13.68 13.99
CA ALA B 241 -33.01 -12.59 13.46
C ALA B 241 -33.82 -11.74 12.49
N HIS B 242 -33.56 -10.43 12.50
CA HIS B 242 -34.21 -9.52 11.57
C HIS B 242 -33.50 -9.44 10.23
N VAL B 243 -32.18 -9.65 10.20
CA VAL B 243 -31.39 -9.62 8.98
C VAL B 243 -30.23 -10.59 9.13
N LEU B 244 -29.89 -11.26 8.06
CA LEU B 244 -28.79 -12.23 8.05
C LEU B 244 -27.54 -11.58 7.46
N ALA B 245 -26.38 -11.98 8.00
CA ALA B 245 -25.11 -11.40 7.59
C ALA B 245 -24.11 -12.52 7.36
N ILE B 246 -22.98 -12.17 6.75
CA ILE B 246 -21.90 -13.10 6.45
C ILE B 246 -20.60 -12.36 6.74
N LYS B 247 -20.01 -12.61 7.92
CA LYS B 247 -18.79 -11.94 8.32
C LYS B 247 -17.59 -12.76 7.84
N ASP B 248 -16.75 -12.16 7.01
CA ASP B 248 -15.55 -12.80 6.49
C ASP B 248 -14.35 -12.08 7.09
N MET B 249 -13.96 -12.50 8.29
CA MET B 249 -12.90 -11.80 9.01
C MET B 249 -11.58 -11.86 8.26
N ALA B 250 -11.23 -13.02 7.70
CA ALA B 250 -9.93 -13.21 7.09
C ALA B 250 -9.88 -12.71 5.65
N GLY B 251 -10.98 -12.81 4.92
CA GLY B 251 -11.02 -12.42 3.52
C GLY B 251 -10.71 -13.58 2.59
N LEU B 252 -11.44 -14.69 2.75
CA LEU B 252 -11.20 -15.91 2.00
C LEU B 252 -12.42 -16.34 1.18
N LEU B 253 -13.27 -15.40 0.83
CA LEU B 253 -14.48 -15.69 0.06
C LEU B 253 -14.21 -15.39 -1.41
N ARG B 254 -14.12 -16.43 -2.22
CA ARG B 254 -13.82 -16.29 -3.63
C ARG B 254 -15.10 -16.20 -4.45
N PRO B 255 -15.02 -15.71 -5.69
CA PRO B 255 -16.24 -15.50 -6.49
C PRO B 255 -17.05 -16.78 -6.68
N PRO B 256 -16.43 -17.86 -7.18
CA PRO B 256 -17.24 -19.05 -7.50
C PRO B 256 -17.94 -19.63 -6.29
N ALA B 257 -17.34 -19.54 -5.10
CA ALA B 257 -18.02 -19.98 -3.89
C ALA B 257 -19.08 -18.98 -3.46
N ALA B 258 -18.79 -17.69 -3.64
CA ALA B 258 -19.70 -16.66 -3.16
C ALA B 258 -21.02 -16.72 -3.90
N GLN B 259 -20.98 -16.89 -5.22
CA GLN B 259 -22.23 -16.90 -5.97
C GLN B 259 -23.12 -18.04 -5.51
N ARG B 260 -22.55 -19.24 -5.35
CA ARG B 260 -23.34 -20.38 -4.89
C ARG B 260 -23.89 -20.14 -3.50
N LEU B 261 -23.03 -19.69 -2.57
CA LEU B 261 -23.46 -19.54 -1.19
C LEU B 261 -24.60 -18.52 -1.09
N VAL B 262 -24.50 -17.40 -1.81
CA VAL B 262 -25.54 -16.40 -1.74
C VAL B 262 -26.81 -16.88 -2.44
N SER B 263 -26.67 -17.53 -3.60
CA SER B 263 -27.86 -17.97 -4.32
C SER B 263 -28.64 -19.00 -3.53
N ALA B 264 -27.96 -19.93 -2.88
CA ALA B 264 -28.66 -20.96 -2.12
C ALA B 264 -29.47 -20.35 -0.99
N LEU B 265 -28.94 -19.32 -0.34
CA LEU B 265 -29.63 -18.70 0.79
C LEU B 265 -30.84 -17.87 0.36
N ARG B 266 -30.80 -17.29 -0.84
CA ARG B 266 -31.89 -16.43 -1.29
C ARG B 266 -33.13 -17.21 -1.70
N SER B 267 -33.00 -18.50 -1.99
CA SER B 267 -34.11 -19.29 -2.50
C SER B 267 -34.91 -19.99 -1.40
N ARG B 268 -34.48 -19.92 -0.15
CA ARG B 268 -35.19 -20.56 0.95
C ARG B 268 -35.74 -19.54 1.95
N PHE B 269 -34.90 -18.65 2.45
CA PHE B 269 -35.30 -17.64 3.43
C PHE B 269 -35.50 -16.31 2.72
N ASP B 270 -36.54 -15.59 3.11
CA ASP B 270 -36.88 -14.31 2.50
C ASP B 270 -36.26 -13.12 3.22
N LEU B 271 -35.16 -13.33 3.97
CA LEU B 271 -34.49 -12.23 4.65
C LEU B 271 -33.43 -11.61 3.75
N PRO B 272 -33.09 -10.34 3.95
CA PRO B 272 -31.97 -9.75 3.22
C PRO B 272 -30.65 -10.28 3.73
N VAL B 273 -29.61 -10.11 2.91
CA VAL B 273 -28.27 -10.57 3.24
C VAL B 273 -27.33 -9.38 3.25
N HIS B 274 -26.41 -9.39 4.20
CA HIS B 274 -25.43 -8.31 4.38
C HIS B 274 -24.05 -8.95 4.43
N LEU B 275 -23.14 -8.49 3.58
CA LEU B 275 -21.83 -9.11 3.43
C LEU B 275 -20.74 -8.18 3.95
N HIS B 276 -19.74 -8.78 4.60
CA HIS B 276 -18.60 -8.06 5.15
C HIS B 276 -17.35 -8.85 4.85
N THR B 277 -16.30 -8.17 4.41
CA THR B 277 -15.08 -8.88 4.04
C THR B 277 -13.91 -7.90 4.02
N HIS B 278 -12.73 -8.42 4.34
CA HIS B 278 -11.49 -7.66 4.30
C HIS B 278 -10.78 -7.91 2.97
N ASP B 279 -9.80 -7.05 2.69
CA ASP B 279 -9.13 -7.02 1.40
C ASP B 279 -7.68 -7.51 1.51
N THR B 280 -7.46 -8.55 2.34
CA THR B 280 -6.10 -9.00 2.58
C THR B 280 -5.48 -9.66 1.36
N PRO B 281 -6.06 -10.73 0.79
CA PRO B 281 -5.36 -11.45 -0.29
C PRO B 281 -5.09 -10.57 -1.50
N GLY B 282 -6.13 -10.01 -2.07
CA GLY B 282 -6.01 -9.19 -3.24
C GLY B 282 -7.30 -8.47 -3.51
N GLY B 283 -7.47 -8.02 -4.75
CA GLY B 283 -8.69 -7.32 -5.11
C GLY B 283 -9.91 -8.13 -4.74
N GLN B 284 -10.61 -7.70 -3.71
CA GLN B 284 -11.78 -8.41 -3.20
C GLN B 284 -13.10 -7.82 -3.71
N LEU B 285 -13.05 -6.80 -4.56
CA LEU B 285 -14.28 -6.29 -5.14
C LEU B 285 -14.94 -7.32 -6.05
N ALA B 286 -14.20 -8.31 -6.51
CA ALA B 286 -14.79 -9.38 -7.31
C ALA B 286 -15.82 -10.15 -6.51
N SER B 287 -15.55 -10.38 -5.23
CA SER B 287 -16.51 -11.07 -4.38
C SER B 287 -17.81 -10.30 -4.29
N TYR B 288 -17.73 -8.98 -4.06
CA TYR B 288 -18.94 -8.17 -4.01
C TYR B 288 -19.67 -8.19 -5.35
N VAL B 289 -18.92 -8.07 -6.45
CA VAL B 289 -19.55 -8.00 -7.76
C VAL B 289 -20.29 -9.29 -8.06
N ALA B 290 -19.69 -10.43 -7.74
CA ALA B 290 -20.35 -11.71 -7.92
C ALA B 290 -21.46 -11.94 -6.90
N ALA B 291 -21.42 -11.24 -5.76
CA ALA B 291 -22.43 -11.45 -4.74
C ALA B 291 -23.71 -10.70 -5.05
N TRP B 292 -23.60 -9.42 -5.44
CA TRP B 292 -24.82 -8.67 -5.71
C TRP B 292 -25.40 -8.98 -7.08
N HIS B 293 -24.70 -9.75 -7.91
CA HIS B 293 -25.31 -10.32 -9.10
C HIS B 293 -26.24 -11.48 -8.77
N ALA B 294 -26.24 -11.95 -7.53
CA ALA B 294 -27.02 -13.10 -7.12
C ALA B 294 -28.16 -12.77 -6.17
N GLY B 295 -28.12 -11.64 -5.48
CA GLY B 295 -29.18 -11.30 -4.55
C GLY B 295 -28.75 -10.60 -3.28
N ALA B 296 -27.45 -10.34 -3.12
CA ALA B 296 -26.99 -9.61 -1.94
C ALA B 296 -27.59 -8.21 -1.91
N ASP B 297 -27.72 -7.65 -0.71
CA ASP B 297 -28.39 -6.38 -0.52
C ASP B 297 -27.56 -5.32 0.17
N ALA B 298 -26.36 -5.64 0.65
CA ALA B 298 -25.53 -4.64 1.32
C ALA B 298 -24.08 -5.05 1.24
N VAL B 299 -23.19 -4.07 1.44
CA VAL B 299 -21.75 -4.29 1.43
C VAL B 299 -21.10 -3.21 2.29
N ASP B 300 -19.86 -3.48 2.70
CA ASP B 300 -19.11 -2.58 3.56
C ASP B 300 -17.91 -2.01 2.80
N GLY B 301 -17.65 -0.72 3.02
CA GLY B 301 -16.52 -0.07 2.40
C GLY B 301 -15.74 0.79 3.38
N ALA B 302 -14.94 1.72 2.87
CA ALA B 302 -14.10 2.55 3.72
C ALA B 302 -13.56 3.70 2.88
N ALA B 303 -13.06 4.72 3.56
CA ALA B 303 -12.46 5.85 2.87
C ALA B 303 -11.28 5.37 2.03
N ALA B 304 -11.13 5.96 0.84
CA ALA B 304 -10.09 5.51 -0.09
C ALA B 304 -8.70 5.54 0.52
N PRO B 305 -8.25 6.61 1.17
CA PRO B 305 -6.89 6.57 1.76
C PRO B 305 -6.71 5.46 2.78
N LEU B 306 -7.74 5.20 3.59
CA LEU B 306 -7.71 4.12 4.59
C LEU B 306 -8.45 2.91 4.05
N ALA B 307 -7.89 2.33 2.98
CA ALA B 307 -8.49 1.17 2.34
C ALA B 307 -7.36 0.29 1.80
N GLY B 308 -7.74 -0.88 1.29
CA GLY B 308 -6.77 -1.82 0.77
C GLY B 308 -6.04 -2.56 1.85
N THR B 309 -5.23 -3.54 1.46
CA THR B 309 -4.47 -4.40 2.40
C THR B 309 -5.45 -4.92 3.46
N THR B 310 -5.15 -4.78 4.74
CA THR B 310 -5.96 -5.42 5.78
C THR B 310 -7.31 -4.76 5.98
N SER B 311 -7.55 -3.58 5.41
CA SER B 311 -8.82 -2.89 5.60
C SER B 311 -9.83 -3.31 4.53
N GLN B 312 -11.02 -2.74 4.59
CA GLN B 312 -12.06 -3.09 3.63
C GLN B 312 -11.76 -2.47 2.26
N PRO B 313 -12.40 -2.97 1.22
CA PRO B 313 -12.24 -2.36 -0.11
C PRO B 313 -12.70 -0.91 -0.12
N ALA B 314 -12.12 -0.15 -1.04
CA ALA B 314 -12.35 1.28 -1.09
C ALA B 314 -13.81 1.59 -1.42
N LEU B 315 -14.28 2.72 -0.92
CA LEU B 315 -15.67 3.11 -1.12
C LEU B 315 -15.89 3.66 -2.52
N SER B 316 -14.94 4.43 -3.03
CA SER B 316 -15.07 4.98 -4.38
C SER B 316 -15.14 3.88 -5.41
N SER B 317 -14.38 2.81 -5.22
CA SER B 317 -14.47 1.67 -6.13
C SER B 317 -15.86 1.07 -6.12
N ILE B 318 -16.45 0.93 -4.93
CA ILE B 318 -17.79 0.36 -4.83
C ILE B 318 -18.79 1.24 -5.56
N VAL B 319 -18.68 2.57 -5.38
CA VAL B 319 -19.62 3.47 -6.04
C VAL B 319 -19.45 3.43 -7.55
N ALA B 320 -18.19 3.35 -8.02
CA ALA B 320 -17.93 3.40 -9.45
C ALA B 320 -18.35 2.10 -10.15
N ALA B 321 -18.02 0.96 -9.57
CA ALA B 321 -18.27 -0.32 -10.23
C ALA B 321 -19.75 -0.56 -10.49
N ALA B 322 -20.63 0.10 -9.74
CA ALA B 322 -22.07 -0.08 -9.89
C ALA B 322 -22.73 1.18 -10.44
N ALA B 323 -22.01 1.94 -11.25
CA ALA B 323 -22.50 3.21 -11.77
C ALA B 323 -23.15 3.03 -13.13
N HIS B 324 -24.25 3.73 -13.36
CA HIS B 324 -24.97 3.69 -14.63
C HIS B 324 -25.35 2.26 -14.99
N THR B 325 -25.78 1.50 -14.00
CA THR B 325 -26.23 0.12 -14.20
C THR B 325 -27.51 -0.08 -13.40
N GLU B 326 -28.08 -1.28 -13.52
CA GLU B 326 -29.33 -1.57 -12.81
C GLU B 326 -29.13 -1.49 -11.29
N TYR B 327 -28.01 -2.00 -10.80
CA TYR B 327 -27.73 -1.99 -9.37
C TYR B 327 -27.07 -0.68 -8.93
N ASP B 328 -27.66 0.44 -9.31
CA ASP B 328 -27.05 1.73 -9.00
C ASP B 328 -27.10 2.00 -7.51
N THR B 329 -26.00 2.51 -6.97
CA THR B 329 -25.87 2.72 -5.52
C THR B 329 -26.58 3.99 -5.05
N GLY B 330 -26.54 5.05 -5.84
CA GLY B 330 -27.19 6.30 -5.52
C GLY B 330 -26.23 7.43 -5.18
N LEU B 331 -25.11 7.12 -4.54
CA LEU B 331 -24.14 8.14 -4.18
C LEU B 331 -23.61 8.84 -5.43
N SER B 332 -22.85 9.91 -5.20
CA SER B 332 -22.20 10.67 -6.27
C SER B 332 -20.70 10.57 -6.10
N LEU B 333 -20.01 10.13 -7.14
CA LEU B 333 -18.56 9.92 -7.04
C LEU B 333 -17.83 11.23 -6.83
N SER B 334 -18.33 12.33 -7.40
CA SER B 334 -17.66 13.62 -7.23
C SER B 334 -17.65 14.03 -5.76
N ALA B 335 -18.78 13.86 -5.07
CA ALA B 335 -18.86 14.24 -3.67
C ALA B 335 -17.94 13.40 -2.80
N VAL B 336 -17.87 12.09 -3.06
CA VAL B 336 -17.08 11.21 -2.22
C VAL B 336 -15.60 11.59 -2.29
N CYS B 337 -15.10 11.86 -3.49
CA CYS B 337 -13.68 12.11 -3.67
C CYS B 337 -13.23 13.42 -3.06
N ALA B 338 -14.16 14.29 -2.64
CA ALA B 338 -13.82 15.60 -2.14
C ALA B 338 -13.34 15.60 -0.70
N LEU B 339 -13.48 14.49 0.02
CA LEU B 339 -13.06 14.41 1.41
C LEU B 339 -11.76 13.66 1.61
N GLU B 340 -11.18 13.07 0.55
CA GLU B 340 -9.93 12.34 0.71
C GLU B 340 -8.81 13.18 1.30
N PRO B 341 -8.63 14.46 0.95
CA PRO B 341 -7.51 15.23 1.51
C PRO B 341 -7.48 15.21 3.03
N TYR B 342 -8.63 15.37 3.67
CA TYR B 342 -8.67 15.38 5.13
C TYR B 342 -8.19 14.04 5.68
N TRP B 343 -8.67 12.94 5.11
CA TRP B 343 -8.30 11.63 5.62
C TRP B 343 -6.80 11.38 5.44
N GLU B 344 -6.24 11.76 4.29
CA GLU B 344 -4.82 11.53 4.09
C GLU B 344 -3.99 12.39 5.03
N ALA B 345 -4.39 13.65 5.24
CA ALA B 345 -3.67 14.47 6.22
C ALA B 345 -3.75 13.86 7.61
N LEU B 346 -4.93 13.39 8.00
CA LEU B 346 -5.09 12.78 9.31
C LEU B 346 -4.19 11.56 9.46
N ARG B 347 -4.15 10.70 8.44
CA ARG B 347 -3.26 9.55 8.49
C ARG B 347 -1.81 9.97 8.58
N LYS B 348 -1.45 11.07 7.93
CA LYS B 348 -0.09 11.59 8.05
C LYS B 348 0.19 12.00 9.50
N VAL B 349 -0.79 12.57 10.18
CA VAL B 349 -0.59 12.96 11.58
C VAL B 349 -0.28 11.75 12.44
N TYR B 350 -1.05 10.67 12.26
CA TYR B 350 -0.86 9.47 13.06
C TYR B 350 0.18 8.55 12.43
N ALA B 351 1.36 9.08 12.16
CA ALA B 351 2.41 8.33 11.50
C ALA B 351 3.12 7.36 12.44
N PRO B 352 3.38 7.74 13.69
CA PRO B 352 4.06 6.80 14.60
C PRO B 352 3.36 5.47 14.77
N PHE B 353 2.03 5.44 14.76
CA PHE B 353 1.25 4.21 14.88
C PHE B 353 0.97 3.69 13.49
N GLU B 354 1.80 2.75 13.02
CA GLU B 354 1.62 2.15 11.71
C GLU B 354 1.97 0.68 11.79
N SER B 355 1.01 -0.18 11.46
CA SER B 355 1.22 -1.62 11.48
C SER B 355 0.36 -2.26 10.40
N GLY B 356 0.73 -3.47 10.02
CA GLY B 356 0.03 -4.18 8.97
C GLY B 356 0.97 -4.74 7.92
N LEU B 357 0.66 -4.49 6.64
CA LEU B 357 1.47 -4.97 5.54
C LEU B 357 1.75 -3.85 4.56
N PRO B 358 2.89 -3.88 3.84
CA PRO B 358 3.16 -2.85 2.84
C PRO B 358 2.47 -3.09 1.50
N GLY B 359 2.17 -4.34 1.14
CA GLY B 359 1.51 -4.63 -0.11
C GLY B 359 0.68 -5.89 -0.02
N PRO B 360 -0.17 -6.13 -1.02
CA PRO B 360 -1.03 -7.33 -0.97
C PRO B 360 -0.21 -8.60 -0.90
N THR B 361 -0.78 -9.60 -0.23
CA THR B 361 -0.10 -10.88 -0.03
C THR B 361 -1.03 -12.00 -0.47
N GLY B 362 -0.43 -13.08 -0.93
CA GLY B 362 -1.18 -14.22 -1.43
C GLY B 362 -1.09 -15.44 -0.53
N ARG B 363 -0.35 -15.33 0.56
CA ARG B 363 -0.18 -16.45 1.49
C ARG B 363 -1.12 -16.39 2.67
N VAL B 364 -2.18 -15.56 2.60
CA VAL B 364 -3.17 -15.55 3.66
C VAL B 364 -3.95 -16.85 3.69
N TYR B 365 -3.87 -17.64 2.62
CA TYR B 365 -4.53 -18.94 2.61
C TYR B 365 -3.83 -19.97 3.50
N HIS B 366 -2.59 -19.69 3.90
CA HIS B 366 -1.81 -20.62 4.71
C HIS B 366 -2.00 -20.38 6.20
N HIS B 367 -1.72 -19.16 6.67
CA HIS B 367 -1.84 -18.86 8.10
C HIS B 367 -3.24 -18.40 8.48
N GLU B 368 -3.89 -17.60 7.64
CA GLU B 368 -5.27 -17.18 7.87
C GLU B 368 -5.39 -16.32 9.14
N ILE B 369 -4.55 -15.30 9.23
CA ILE B 369 -4.63 -14.34 10.32
C ILE B 369 -5.74 -13.35 9.99
N PRO B 370 -6.78 -13.22 10.82
CA PRO B 370 -7.89 -12.33 10.47
C PRO B 370 -7.43 -10.90 10.25
N GLY B 371 -8.01 -10.24 9.25
CA GLY B 371 -7.84 -8.82 9.10
C GLY B 371 -8.38 -8.10 10.32
N GLY B 372 -7.69 -7.05 10.77
CA GLY B 372 -8.05 -6.38 11.99
C GLY B 372 -7.39 -6.93 13.23
N GLN B 373 -6.59 -7.99 13.10
CA GLN B 373 -5.82 -8.53 14.21
C GLN B 373 -4.32 -8.42 14.01
N LEU B 374 -3.84 -8.36 12.76
CA LEU B 374 -2.40 -8.33 12.53
C LEU B 374 -1.78 -7.04 13.03
N SER B 375 -2.50 -5.93 12.94
CA SER B 375 -1.97 -4.66 13.44
C SER B 375 -1.92 -4.65 14.96
N ASN B 376 -3.07 -4.86 15.61
CA ASN B 376 -3.10 -4.88 17.07
C ASN B 376 -2.23 -5.99 17.63
N LEU B 377 -1.90 -7.00 16.83
CA LEU B 377 -0.99 -8.05 17.27
C LEU B 377 0.47 -7.66 17.08
N ARG B 378 0.79 -6.88 16.05
CA ARG B 378 2.15 -6.41 15.89
C ARG B 378 2.56 -5.51 17.04
N GLN B 379 1.67 -4.60 17.46
CA GLN B 379 1.95 -3.77 18.62
C GLN B 379 2.14 -4.59 19.88
N GLN B 380 1.36 -5.67 20.04
CA GLN B 380 1.51 -6.52 21.21
C GLN B 380 2.85 -7.26 21.20
N ALA B 381 3.34 -7.63 20.02
CA ALA B 381 4.61 -8.36 19.93
C ALA B 381 5.80 -7.45 20.15
N ILE B 382 5.72 -6.19 19.74
CA ILE B 382 6.84 -5.26 19.91
C ILE B 382 7.11 -5.05 21.40
N ALA B 383 6.06 -4.87 22.18
CA ALA B 383 6.23 -4.58 23.60
C ALA B 383 6.80 -5.75 24.38
N LEU B 384 6.81 -6.96 23.80
CA LEU B 384 7.34 -8.14 24.46
C LEU B 384 8.72 -8.51 23.94
N GLY B 385 9.37 -7.61 23.22
CA GLY B 385 10.70 -7.88 22.69
C GLY B 385 10.68 -8.41 21.28
N LEU B 386 9.70 -9.26 20.97
CA LEU B 386 9.59 -9.85 19.64
C LEU B 386 9.02 -8.83 18.66
N GLY B 387 9.88 -8.02 18.05
CA GLY B 387 9.45 -7.01 17.11
C GLY B 387 9.87 -7.32 15.69
N ASP B 388 11.01 -8.00 15.54
CA ASP B 388 11.51 -8.37 14.22
C ASP B 388 11.24 -9.83 13.87
N ARG B 389 10.88 -10.66 14.85
CA ARG B 389 10.54 -12.06 14.59
C ARG B 389 9.05 -12.22 14.32
N PHE B 390 8.53 -11.43 13.38
CA PHE B 390 7.10 -11.43 13.08
C PHE B 390 6.75 -12.33 11.89
N GLU B 391 7.74 -12.86 11.17
CA GLU B 391 7.49 -13.83 10.12
C GLU B 391 7.59 -15.27 10.64
N GLU B 392 8.45 -15.50 11.63
CA GLU B 392 8.64 -16.84 12.15
C GLU B 392 7.39 -17.38 12.85
N ILE B 393 6.44 -16.50 13.20
CA ILE B 393 5.27 -16.93 13.95
C ILE B 393 4.11 -17.33 13.05
N GLU B 394 4.23 -17.15 11.73
CA GLU B 394 3.13 -17.55 10.85
C GLU B 394 2.97 -19.07 10.83
N GLU B 395 4.08 -19.79 10.71
CA GLU B 395 4.00 -21.24 10.79
C GLU B 395 3.53 -21.69 12.17
N ALA B 396 3.93 -20.98 13.22
CA ALA B 396 3.44 -21.31 14.55
C ALA B 396 1.93 -21.14 14.65
N TYR B 397 1.39 -20.07 14.05
CA TYR B 397 -0.05 -19.87 14.03
C TYR B 397 -0.74 -20.98 13.26
N ALA B 398 -0.19 -21.34 12.10
CA ALA B 398 -0.78 -22.41 11.30
C ALA B 398 -0.81 -23.72 12.08
N GLY B 399 0.32 -24.07 12.70
CA GLY B 399 0.39 -25.26 13.53
C GLY B 399 -0.58 -25.24 14.68
N ALA B 400 -0.69 -24.10 15.35
CA ALA B 400 -1.62 -23.99 16.47
C ALA B 400 -3.05 -24.24 16.03
N ASP B 401 -3.44 -23.67 14.88
CA ASP B 401 -4.78 -23.92 14.37
C ASP B 401 -4.96 -25.39 14.00
N ARG B 402 -3.95 -26.00 13.37
CA ARG B 402 -4.11 -27.35 12.86
C ARG B 402 -4.21 -28.37 13.99
N VAL B 403 -3.29 -28.29 14.96
CA VAL B 403 -3.27 -29.29 16.03
C VAL B 403 -4.55 -29.24 16.85
N LEU B 404 -5.22 -28.09 16.86
CA LEU B 404 -6.38 -27.87 17.74
C LEU B 404 -7.71 -28.06 17.04
N GLY B 405 -7.81 -29.01 16.11
CA GLY B 405 -9.14 -29.34 15.61
C GLY B 405 -9.77 -28.24 14.78
N ARG B 406 -9.33 -28.09 13.53
CA ARG B 406 -9.61 -26.90 12.72
C ARG B 406 -10.96 -26.27 13.07
N LEU B 407 -10.94 -24.97 13.35
CA LEU B 407 -12.06 -24.29 13.97
C LEU B 407 -12.18 -22.88 13.42
N VAL B 408 -13.22 -22.17 13.85
CA VAL B 408 -13.46 -20.79 13.45
C VAL B 408 -12.67 -19.88 14.38
N LYS B 409 -12.15 -18.78 13.83
CA LYS B 409 -11.28 -17.87 14.58
C LYS B 409 -11.75 -16.44 14.37
N VAL B 410 -12.42 -15.89 15.39
CA VAL B 410 -12.76 -14.47 15.45
C VAL B 410 -12.15 -13.94 16.74
N THR B 411 -12.40 -12.68 17.07
CA THR B 411 -11.63 -12.02 18.12
C THR B 411 -11.51 -12.82 19.42
N PRO B 412 -12.56 -13.48 19.93
CA PRO B 412 -12.38 -14.17 21.23
C PRO B 412 -11.63 -15.48 21.09
N THR B 413 -11.83 -16.19 19.98
CA THR B 413 -11.18 -17.47 19.73
C THR B 413 -9.86 -17.33 18.98
N SER B 414 -9.50 -16.14 18.53
CA SER B 414 -8.24 -15.89 17.86
C SER B 414 -7.23 -15.23 18.79
N LYS B 415 -7.70 -14.58 19.85
CA LYS B 415 -6.80 -14.15 20.90
C LYS B 415 -6.12 -15.32 21.59
N VAL B 416 -6.74 -16.50 21.53
CA VAL B 416 -6.18 -17.70 22.15
C VAL B 416 -5.07 -18.30 21.30
N VAL B 417 -5.33 -18.46 20.00
CA VAL B 417 -4.32 -18.99 19.09
C VAL B 417 -3.12 -18.06 19.03
N GLY B 418 -3.37 -16.75 19.04
CA GLY B 418 -2.28 -15.80 19.04
C GLY B 418 -1.42 -15.91 20.28
N ASP B 419 -2.06 -16.03 21.45
CA ASP B 419 -1.30 -16.22 22.68
C ASP B 419 -0.50 -17.51 22.64
N LEU B 420 -1.10 -18.58 22.13
CA LEU B 420 -0.38 -19.84 22.04
C LEU B 420 0.83 -19.72 21.12
N ALA B 421 0.66 -19.04 19.99
CA ALA B 421 1.79 -18.86 19.07
C ALA B 421 2.88 -18.01 19.71
N LEU B 422 2.51 -16.94 20.41
CA LEU B 422 3.51 -16.11 21.08
C LEU B 422 4.28 -16.91 22.12
N ALA B 423 3.57 -17.74 22.89
CA ALA B 423 4.24 -18.56 23.89
C ALA B 423 5.09 -19.65 23.25
N LEU B 424 4.72 -20.12 22.05
CA LEU B 424 5.46 -21.18 21.39
C LEU B 424 6.71 -20.67 20.68
N VAL B 425 6.87 -19.35 20.55
CA VAL B 425 8.07 -18.76 20.02
C VAL B 425 9.02 -18.33 21.14
N GLY B 426 8.84 -18.88 22.33
CA GLY B 426 9.67 -18.56 23.47
C GLY B 426 10.81 -19.54 23.64
N ALA B 427 10.62 -20.52 24.52
CA ALA B 427 11.61 -21.56 24.76
C ALA B 427 12.18 -22.12 23.45
N GLY B 428 11.36 -22.13 22.40
CA GLY B 428 11.81 -22.56 21.10
C GLY B 428 11.21 -23.87 20.61
N VAL B 429 10.23 -24.41 21.31
CA VAL B 429 9.64 -25.69 20.90
C VAL B 429 8.60 -25.44 19.80
N SER B 430 8.33 -26.49 19.03
CA SER B 430 7.46 -26.42 17.86
C SER B 430 6.09 -27.00 18.18
N ALA B 431 5.16 -26.82 17.24
CA ALA B 431 3.79 -27.26 17.45
C ALA B 431 3.69 -28.78 17.55
N ASP B 432 4.44 -29.50 16.70
CA ASP B 432 4.37 -30.95 16.71
C ASP B 432 4.82 -31.51 18.06
N GLU B 433 5.90 -30.97 18.61
CA GLU B 433 6.34 -31.40 19.93
C GLU B 433 5.27 -31.10 20.97
N PHE B 434 4.65 -29.93 20.89
CA PHE B 434 3.61 -29.57 21.84
C PHE B 434 2.46 -30.57 21.80
N ALA B 435 2.03 -30.95 20.60
CA ALA B 435 0.95 -31.93 20.48
C ALA B 435 1.40 -33.30 20.95
N SER B 436 2.68 -33.64 20.75
CA SER B 436 3.16 -34.97 21.12
C SER B 436 3.06 -35.19 22.63
N ASP B 437 3.61 -34.26 23.41
CA ASP B 437 3.64 -34.36 24.88
C ASP B 437 3.21 -33.03 25.47
N PRO B 438 1.91 -32.74 25.46
CA PRO B 438 1.45 -31.46 26.01
C PRO B 438 1.80 -31.27 27.48
N ALA B 439 1.84 -32.35 28.25
CA ALA B 439 2.04 -32.22 29.69
C ALA B 439 3.33 -31.48 30.01
N ARG B 440 4.43 -31.88 29.39
CA ARG B 440 5.71 -31.24 29.70
C ARG B 440 5.68 -29.76 29.40
N PHE B 441 5.15 -29.40 28.22
CA PHE B 441 5.10 -28.00 27.82
C PHE B 441 4.02 -27.26 28.61
N GLY B 442 4.38 -26.10 29.13
CA GLY B 442 3.41 -25.29 29.85
C GLY B 442 2.41 -24.64 28.93
N ILE B 443 1.31 -24.18 29.51
CA ILE B 443 0.20 -23.63 28.74
C ILE B 443 -0.15 -22.25 29.28
N PRO B 444 -0.57 -21.30 28.44
CA PRO B 444 -1.02 -20.01 28.97
C PRO B 444 -2.34 -20.12 29.73
N GLU B 445 -2.75 -19.05 30.38
CA GLU B 445 -4.01 -19.02 31.11
C GLU B 445 -5.21 -18.81 30.20
N SER B 446 -4.98 -18.50 28.92
CA SER B 446 -6.06 -18.37 27.95
C SER B 446 -6.37 -19.68 27.24
N VAL B 447 -5.34 -20.40 26.80
CA VAL B 447 -5.55 -21.71 26.17
C VAL B 447 -6.16 -22.68 27.17
N LEU B 448 -5.66 -22.69 28.40
CA LEU B 448 -6.18 -23.61 29.40
C LEU B 448 -7.66 -23.36 29.65
N GLY B 449 -8.05 -22.09 29.78
CA GLY B 449 -9.45 -21.77 29.93
C GLY B 449 -10.30 -22.16 28.75
N PHE B 450 -9.75 -22.08 27.53
CA PHE B 450 -10.49 -22.53 26.36
C PHE B 450 -10.69 -24.04 26.38
N LEU B 451 -9.64 -24.78 26.70
CA LEU B 451 -9.76 -26.24 26.74
C LEU B 451 -10.74 -26.69 27.80
N ARG B 452 -10.74 -26.03 28.97
CA ARG B 452 -11.67 -26.42 30.02
C ARG B 452 -13.10 -26.44 29.51
N GLY B 453 -13.45 -25.51 28.64
CA GLY B 453 -14.78 -25.47 28.06
C GLY B 453 -15.52 -24.19 28.35
N GLU B 454 -14.82 -23.21 28.94
CA GLU B 454 -15.47 -21.96 29.30
C GLU B 454 -16.00 -21.24 28.07
N LEU B 455 -15.37 -21.44 26.91
CA LEU B 455 -15.74 -20.71 25.70
C LEU B 455 -16.80 -21.44 24.89
N GLY B 456 -16.58 -22.73 24.62
CA GLY B 456 -17.56 -23.50 23.89
C GLY B 456 -17.03 -24.83 23.39
N ASP B 457 -17.44 -25.23 22.19
CA ASP B 457 -17.01 -26.48 21.59
C ASP B 457 -17.01 -26.35 20.08
N PRO B 458 -15.87 -26.56 19.40
CA PRO B 458 -15.82 -26.32 17.96
C PRO B 458 -16.69 -27.29 17.20
N PRO B 459 -17.20 -26.91 16.02
CA PRO B 459 -17.99 -27.87 15.23
C PRO B 459 -17.24 -29.15 14.92
N GLY B 460 -15.95 -29.04 14.64
CA GLY B 460 -15.12 -30.21 14.39
C GLY B 460 -15.13 -31.19 15.54
N GLY B 461 -15.03 -30.69 16.77
CA GLY B 461 -14.99 -31.55 17.94
C GLY B 461 -13.68 -31.48 18.67
N TRP B 462 -13.72 -31.58 20.00
CA TRP B 462 -12.49 -31.56 20.80
C TRP B 462 -11.57 -32.69 20.36
N PRO B 463 -10.32 -32.40 20.01
CA PRO B 463 -9.37 -33.49 19.75
C PRO B 463 -9.24 -34.37 20.98
N GLU B 464 -9.27 -35.69 20.75
CA GLU B 464 -9.31 -36.62 21.87
C GLU B 464 -7.94 -36.76 22.54
N PRO B 465 -6.89 -37.17 21.82
CA PRO B 465 -5.61 -37.42 22.51
C PRO B 465 -5.03 -36.20 23.17
N LEU B 466 -5.33 -35.00 22.67
CA LEU B 466 -4.69 -33.79 23.17
C LEU B 466 -5.37 -33.28 24.45
N ARG B 467 -6.70 -33.12 24.41
CA ARG B 467 -7.38 -32.44 25.50
C ARG B 467 -7.18 -33.16 26.82
N THR B 468 -7.44 -34.46 26.86
CA THR B 468 -7.37 -35.20 28.12
C THR B 468 -5.98 -35.15 28.74
N ALA B 469 -4.93 -35.05 27.92
CA ALA B 469 -3.57 -34.99 28.44
C ALA B 469 -3.16 -33.58 28.84
N ALA B 470 -3.80 -32.56 28.27
CA ALA B 470 -3.44 -31.18 28.53
C ALA B 470 -4.26 -30.55 29.66
N LEU B 471 -5.14 -31.32 30.30
CA LEU B 471 -5.93 -30.82 31.41
C LEU B 471 -5.61 -31.51 32.72
N ALA B 472 -5.61 -32.84 32.74
CA ALA B 472 -5.38 -33.56 33.98
C ALA B 472 -3.96 -33.30 34.51
N GLY B 473 -3.84 -33.23 35.83
CA GLY B 473 -2.56 -33.04 36.46
C GLY B 473 -2.04 -31.61 36.48
N ARG B 474 -2.84 -30.64 36.04
CA ARG B 474 -2.42 -29.25 36.00
C ARG B 474 -3.20 -28.37 36.96
N GLY B 475 -4.51 -28.45 36.96
CA GLY B 475 -5.33 -27.70 37.90
C GLY B 475 -6.56 -27.14 37.22
N ALA B 476 -7.53 -26.76 38.05
CA ALA B 476 -8.76 -26.13 37.56
C ALA B 476 -9.35 -25.32 38.71
N ALA B 477 -9.13 -24.00 38.68
CA ALA B 477 -9.61 -23.10 39.72
C ALA B 477 -10.03 -21.79 39.04
N ARG B 478 -11.31 -21.69 38.72
CA ARG B 478 -11.87 -20.50 38.07
C ARG B 478 -13.13 -20.09 38.84
N PRO B 479 -12.99 -19.37 39.94
CA PRO B 479 -14.17 -18.91 40.68
C PRO B 479 -14.96 -17.86 39.91
N THR B 480 -16.17 -17.56 40.37
CA THR B 480 -17.06 -16.63 39.68
C THR B 480 -17.43 -15.50 40.62
N ALA B 481 -17.31 -14.27 40.12
CA ALA B 481 -17.65 -13.10 40.92
C ALA B 481 -19.17 -12.99 41.10
N GLN B 482 -19.56 -12.35 42.20
CA GLN B 482 -20.96 -12.16 42.53
C GLN B 482 -21.29 -10.67 42.56
N LEU B 483 -22.43 -10.31 41.97
CA LEU B 483 -22.84 -8.92 41.93
C LEU B 483 -23.26 -8.44 43.32
N ALA B 484 -22.77 -7.27 43.68
CA ALA B 484 -23.15 -6.67 44.96
C ALA B 484 -24.61 -6.29 44.95
N ALA B 485 -25.26 -6.45 46.11
CA ALA B 485 -26.69 -6.12 46.19
C ALA B 485 -26.93 -4.64 45.90
N ASP B 486 -26.09 -3.76 46.45
CA ASP B 486 -26.23 -2.33 46.23
C ASP B 486 -25.78 -1.90 44.85
N ASP B 487 -25.14 -2.79 44.10
CA ASP B 487 -24.70 -2.47 42.74
C ASP B 487 -25.72 -2.87 41.70
N GLU B 488 -26.38 -4.02 41.90
CA GLU B 488 -27.40 -4.46 40.95
C GLU B 488 -28.59 -3.50 40.93
N ILE B 489 -28.94 -2.91 42.07
CA ILE B 489 -30.04 -1.97 42.11
C ILE B 489 -29.73 -0.76 41.23
N ALA B 490 -28.45 -0.45 41.02
CA ALA B 490 -28.09 0.69 40.19
C ALA B 490 -28.34 0.44 38.71
N LEU B 491 -28.30 -0.81 38.26
CA LEU B 491 -28.45 -1.12 36.85
C LEU B 491 -29.86 -0.91 36.33
N SER B 492 -30.83 -0.69 37.21
CA SER B 492 -32.21 -0.44 36.78
C SER B 492 -32.51 1.04 36.58
N SER B 493 -31.52 1.92 36.77
CA SER B 493 -31.71 3.35 36.62
C SER B 493 -31.01 3.83 35.36
N VAL B 494 -31.59 4.86 34.73
CA VAL B 494 -31.05 5.45 33.52
C VAL B 494 -30.29 6.71 33.90
N GLY B 495 -29.26 7.03 33.10
CA GLY B 495 -28.50 8.24 33.32
C GLY B 495 -27.00 8.03 33.21
N ALA B 496 -26.26 8.54 34.18
CA ALA B 496 -24.81 8.40 34.21
C ALA B 496 -24.31 7.49 35.31
N LYS B 497 -25.06 7.30 36.39
CA LYS B 497 -24.66 6.35 37.42
C LYS B 497 -24.56 4.94 36.84
N ARG B 498 -25.54 4.56 36.02
CA ARG B 498 -25.48 3.25 35.37
C ARG B 498 -24.29 3.17 34.43
N GLN B 499 -23.98 4.26 33.74
CA GLN B 499 -22.83 4.24 32.84
C GLN B 499 -21.54 4.02 33.61
N ALA B 500 -21.38 4.70 34.74
CA ALA B 500 -20.18 4.50 35.56
C ALA B 500 -20.13 3.09 36.12
N THR B 501 -21.29 2.56 36.54
CA THR B 501 -21.33 1.21 37.07
C THR B 501 -20.89 0.20 36.01
N LEU B 502 -21.41 0.34 34.78
CA LEU B 502 -21.00 -0.54 33.71
C LEU B 502 -19.51 -0.39 33.41
N ASN B 503 -19.02 0.85 33.39
CA ASN B 503 -17.61 1.07 33.12
C ASN B 503 -16.74 0.35 34.14
N ARG B 504 -17.13 0.40 35.41
CA ARG B 504 -16.36 -0.29 36.45
C ARG B 504 -16.48 -1.79 36.31
N LEU B 505 -17.69 -2.29 36.07
CA LEU B 505 -17.91 -3.74 36.02
C LEU B 505 -17.13 -4.37 34.88
N LEU B 506 -17.19 -3.77 33.69
CA LEU B 506 -16.55 -4.38 32.54
C LEU B 506 -15.02 -4.29 32.62
N PHE B 507 -14.49 -3.11 32.97
CA PHE B 507 -13.05 -2.89 33.01
C PHE B 507 -12.68 -2.16 34.29
N PRO B 508 -12.47 -2.89 35.39
CA PRO B 508 -12.22 -2.23 36.67
C PRO B 508 -10.94 -1.39 36.70
N SER B 509 -9.80 -2.01 36.41
CA SER B 509 -8.53 -1.30 36.50
C SER B 509 -8.45 -0.13 35.54
N PRO B 510 -8.78 -0.27 34.25
CA PRO B 510 -8.80 0.91 33.38
C PRO B 510 -9.71 2.00 33.90
N THR B 511 -10.88 1.67 34.45
CA THR B 511 -11.76 2.70 34.98
C THR B 511 -11.11 3.43 36.14
N LYS B 512 -10.45 2.69 37.04
CA LYS B 512 -9.80 3.34 38.17
C LYS B 512 -8.71 4.28 37.69
N GLU B 513 -7.87 3.83 36.76
CA GLU B 513 -6.80 4.68 36.26
C GLU B 513 -7.37 5.90 35.54
N PHE B 514 -8.45 5.72 34.78
CA PHE B 514 -9.07 6.83 34.09
C PHE B 514 -9.61 7.86 35.06
N ASN B 515 -10.25 7.40 36.14
CA ASN B 515 -10.72 8.33 37.17
C ASN B 515 -9.55 9.07 37.81
N GLU B 516 -8.45 8.36 38.07
CA GLU B 516 -7.27 9.01 38.64
C GLU B 516 -6.77 10.12 37.72
N HIS B 517 -6.66 9.83 36.43
CA HIS B 517 -6.20 10.84 35.48
C HIS B 517 -7.17 12.00 35.41
N ARG B 518 -8.47 11.71 35.43
CA ARG B 518 -9.47 12.78 35.40
C ARG B 518 -9.31 13.70 36.59
N GLU B 519 -9.08 13.13 37.78
CA GLU B 519 -8.84 13.96 38.95
C GLU B 519 -7.56 14.78 38.80
N ALA B 520 -6.51 14.16 38.27
CA ALA B 520 -5.21 14.81 38.25
C ALA B 520 -5.13 15.97 37.26
N TYR B 521 -5.70 15.80 36.06
CA TYR B 521 -5.52 16.77 34.98
C TYR B 521 -6.82 17.29 34.39
N GLY B 522 -7.97 16.89 34.93
CA GLY B 522 -9.21 17.36 34.36
C GLY B 522 -9.43 16.80 32.96
N ASP B 523 -10.44 17.37 32.30
CA ASP B 523 -10.80 16.92 30.96
C ASP B 523 -9.67 17.21 29.98
N THR B 524 -9.43 16.25 29.08
CA THR B 524 -8.40 16.42 28.06
C THR B 524 -8.85 15.91 26.70
N SER B 525 -10.15 15.71 26.49
CA SER B 525 -10.67 15.20 25.24
C SER B 525 -10.88 16.29 24.20
N GLN B 526 -10.63 17.55 24.54
CA GLN B 526 -10.78 18.65 23.60
C GLN B 526 -9.50 19.02 22.89
N LEU B 527 -8.35 18.53 23.35
CA LEU B 527 -7.10 18.86 22.70
C LEU B 527 -7.03 18.21 21.33
N SER B 528 -6.04 18.63 20.54
CA SER B 528 -5.81 18.08 19.22
C SER B 528 -4.85 16.89 19.32
N ALA B 529 -4.66 16.18 18.22
CA ALA B 529 -3.79 15.01 18.24
C ALA B 529 -2.35 15.40 18.55
N ASN B 530 -1.86 16.45 17.90
CA ASN B 530 -0.47 16.86 18.11
C ASN B 530 -0.21 17.20 19.56
N GLN B 531 -1.04 18.07 20.14
CA GLN B 531 -0.83 18.53 21.51
C GLN B 531 -0.90 17.36 22.48
N PHE B 532 -1.89 16.48 22.32
CA PHE B 532 -2.07 15.38 23.26
C PHE B 532 -0.92 14.39 23.16
N PHE B 533 -0.53 14.02 21.95
CA PHE B 533 0.45 12.95 21.80
C PHE B 533 1.88 13.47 21.98
N TYR B 534 2.30 14.43 21.14
CA TYR B 534 3.71 14.80 21.08
C TYR B 534 4.08 15.82 22.16
N GLY B 535 3.50 17.02 22.09
CA GLY B 535 3.80 18.05 23.07
C GLY B 535 3.75 19.45 22.51
N LEU B 536 4.83 20.20 22.70
CA LEU B 536 4.90 21.57 22.20
C LEU B 536 6.26 21.78 21.54
N ARG B 537 6.30 22.74 20.61
CA ARG B 537 7.52 23.11 19.91
C ARG B 537 8.02 24.45 20.42
N GLN B 538 9.11 24.92 19.79
CA GLN B 538 9.69 26.20 20.13
C GLN B 538 8.73 27.33 19.79
N GLY B 539 9.15 28.58 19.99
CA GLY B 539 8.24 29.71 19.93
C GLY B 539 7.30 29.69 18.75
N GLU B 540 6.01 29.49 19.04
CA GLU B 540 4.96 29.49 18.01
C GLU B 540 3.61 29.68 18.69
N GLU B 541 2.54 29.58 17.91
CA GLU B 541 1.18 29.72 18.43
C GLU B 541 0.56 28.34 18.58
N HIS B 542 -0.16 28.16 19.70
CA HIS B 542 -0.89 26.90 19.96
C HIS B 542 -2.29 27.28 20.41
N ARG B 543 -3.24 27.28 19.48
CA ARG B 543 -4.63 27.54 19.80
C ARG B 543 -5.18 26.32 20.54
N VAL B 544 -5.38 26.46 21.84
CA VAL B 544 -5.83 25.36 22.70
C VAL B 544 -7.26 25.63 23.13
N LYS B 545 -8.11 24.64 22.94
CA LYS B 545 -9.52 24.73 23.33
C LYS B 545 -9.68 24.05 24.69
N LEU B 546 -9.93 24.85 25.72
CA LEU B 546 -10.14 24.31 27.06
C LEU B 546 -11.57 23.81 27.22
N GLU B 547 -12.53 24.63 26.83
CA GLU B 547 -13.95 24.30 26.98
C GLU B 547 -14.74 25.37 26.23
N ARG B 548 -16.07 25.27 26.30
CA ARG B 548 -16.93 26.24 25.66
C ARG B 548 -16.60 27.65 26.14
N GLY B 549 -16.48 28.57 25.19
CA GLY B 549 -16.28 29.97 25.50
C GLY B 549 -14.90 30.34 26.01
N VAL B 550 -13.92 29.47 25.82
CA VAL B 550 -12.54 29.75 26.25
C VAL B 550 -11.59 29.13 25.24
N GLU B 551 -10.61 29.92 24.80
CA GLU B 551 -9.68 29.52 23.75
C GLU B 551 -8.25 29.88 24.13
N LEU B 552 -7.84 29.47 25.33
CA LEU B 552 -6.51 29.75 25.85
C LEU B 552 -5.45 29.59 24.76
N LEU B 553 -4.67 30.65 24.54
CA LEU B 553 -3.55 30.62 23.60
C LEU B 553 -2.26 30.41 24.38
N ILE B 554 -1.46 29.44 23.94
CA ILE B 554 -0.27 29.02 24.67
C ILE B 554 0.90 28.96 23.70
N GLY B 555 2.11 29.04 24.26
CA GLY B 555 3.32 28.93 23.46
C GLY B 555 4.56 28.74 24.31
N LEU B 556 5.35 27.72 23.97
CA LEU B 556 6.57 27.45 24.71
C LEU B 556 7.68 28.40 24.30
N GLU B 557 8.55 28.74 25.26
CA GLU B 557 9.68 29.62 25.00
C GLU B 557 11.02 28.95 25.25
N ALA B 558 11.24 28.40 26.45
CA ALA B 558 12.57 27.91 26.82
C ALA B 558 12.46 26.73 27.76
N ILE B 559 13.26 25.70 27.48
CA ILE B 559 13.42 24.55 28.35
C ILE B 559 14.81 24.60 28.96
N SER B 560 14.88 24.37 30.27
CA SER B 560 16.13 24.48 31.02
C SER B 560 16.60 23.08 31.39
N GLU B 561 17.75 22.68 30.84
CA GLU B 561 18.30 21.37 31.14
C GLU B 561 18.64 21.29 32.63
N PRO B 562 18.39 20.14 33.28
CA PRO B 562 18.73 20.04 34.71
C PRO B 562 20.23 19.97 34.94
N ASP B 563 20.82 21.06 35.44
CA ASP B 563 22.24 21.08 35.69
C ASP B 563 22.60 20.12 36.83
N GLU B 564 22.06 20.36 38.02
CA GLU B 564 22.26 19.49 39.17
C GLU B 564 20.96 18.82 39.60
N ARG B 565 19.92 19.60 39.88
CA ARG B 565 18.66 19.03 40.29
C ARG B 565 18.05 18.22 39.16
N GLY B 566 17.62 16.99 39.47
CA GLY B 566 16.99 16.16 38.46
C GLY B 566 15.73 16.77 37.88
N MET B 567 15.10 17.68 38.61
CA MET B 567 13.89 18.34 38.12
C MET B 567 14.24 19.28 36.97
N ARG B 568 13.32 19.39 36.02
CA ARG B 568 13.45 20.28 34.87
C ARG B 568 12.49 21.45 35.01
N THR B 569 12.84 22.55 34.37
CA THR B 569 12.06 23.80 34.47
C THR B 569 11.73 24.27 33.07
N VAL B 570 10.44 24.39 32.78
CA VAL B 570 9.93 24.84 31.49
C VAL B 570 8.99 26.00 31.71
N MET B 571 9.16 27.08 30.94
CA MET B 571 8.34 28.27 31.03
C MET B 571 7.39 28.31 29.84
N CYS B 572 6.11 28.48 30.11
CA CYS B 572 5.07 28.46 29.08
C CYS B 572 4.24 29.71 29.18
N ILE B 573 4.05 30.39 28.05
CA ILE B 573 3.22 31.59 28.02
C ILE B 573 1.76 31.20 28.13
N LEU B 574 0.96 32.06 28.76
CA LEU B 574 -0.48 31.87 28.89
C LEU B 574 -1.14 33.24 28.77
N ASN B 575 -1.68 33.53 27.60
CA ASN B 575 -2.32 34.82 27.35
C ASN B 575 -1.36 35.96 27.67
N GLY B 576 -0.16 35.88 27.11
CA GLY B 576 0.83 36.94 27.27
C GLY B 576 1.77 36.71 28.44
N GLN B 577 1.23 36.67 29.65
CA GLN B 577 2.06 36.53 30.84
C GLN B 577 2.86 35.24 30.78
N LEU B 578 3.85 35.14 31.67
CA LEU B 578 4.77 34.01 31.73
C LEU B 578 4.62 33.29 33.06
N ARG B 579 4.86 31.97 33.04
CA ARG B 579 4.68 31.15 34.23
C ARG B 579 5.62 29.97 34.22
N PRO B 580 6.58 29.89 35.14
CA PRO B 580 7.44 28.71 35.22
C PRO B 580 6.65 27.48 35.63
N VAL B 581 7.15 26.31 35.24
CA VAL B 581 6.55 25.02 35.60
C VAL B 581 7.67 24.03 35.84
N LEU B 582 7.40 23.06 36.72
CA LEU B 582 8.37 22.05 37.11
C LEU B 582 7.85 20.67 36.69
N VAL B 583 8.71 19.88 36.06
CA VAL B 583 8.36 18.57 35.56
C VAL B 583 9.50 17.60 35.85
N ARG B 584 9.16 16.32 36.01
CA ARG B 584 10.15 15.29 36.29
C ARG B 584 10.92 14.95 35.01
N ASP B 585 11.90 14.05 35.15
CA ASP B 585 12.77 13.63 34.06
C ASP B 585 12.90 12.11 34.06
N ARG B 586 11.76 11.42 34.12
CA ARG B 586 11.75 9.97 34.26
C ARG B 586 12.65 9.32 33.21
N SER B 587 12.49 9.69 31.94
CA SER B 587 13.25 9.05 30.88
C SER B 587 14.74 9.31 31.03
N ILE B 588 15.13 10.54 31.35
CA ILE B 588 16.55 10.89 31.39
C ILE B 588 17.27 10.07 32.45
N ALA B 589 16.68 9.95 33.63
CA ALA B 589 17.29 9.21 34.74
C ALA B 589 17.05 7.73 34.51
N SER B 590 18.05 7.05 33.96
CA SER B 590 17.95 5.61 33.68
C SER B 590 19.36 5.04 33.63
N ALA B 591 19.73 4.24 34.63
CA ALA B 591 21.05 3.63 34.69
C ALA B 591 20.94 2.37 35.53
N VAL B 592 20.96 1.21 34.89
CA VAL B 592 20.88 -0.08 35.58
C VAL B 592 21.42 -1.17 34.67
N PRO B 593 22.37 -1.98 35.13
CA PRO B 593 22.87 -3.09 34.32
C PRO B 593 21.92 -4.29 34.40
N ALA B 594 22.22 -5.31 33.59
CA ALA B 594 21.40 -6.51 33.57
C ALA B 594 22.21 -7.65 32.96
N ALA B 595 22.42 -8.71 33.73
CA ALA B 595 23.13 -9.90 33.24
C ALA B 595 22.10 -10.90 32.74
N GLU B 596 21.97 -11.00 31.41
CA GLU B 596 20.96 -11.87 30.82
C GLU B 596 21.24 -13.33 31.16
N LYS B 597 22.39 -13.85 30.72
CA LYS B 597 22.76 -15.24 30.96
C LYS B 597 21.73 -16.21 30.42
N ALA B 598 21.03 -15.81 29.35
CA ALA B 598 19.99 -16.64 28.74
C ALA B 598 20.53 -17.57 27.66
N ASP B 599 21.81 -17.90 27.70
CA ASP B 599 22.38 -18.79 26.69
C ASP B 599 21.67 -20.14 26.71
N ARG B 600 21.45 -20.69 25.51
CA ARG B 600 20.77 -21.97 25.36
C ARG B 600 21.72 -23.15 25.35
N GLY B 601 23.03 -22.92 25.52
CA GLY B 601 23.99 -24.00 25.44
C GLY B 601 23.78 -25.05 26.52
N ASN B 602 23.53 -24.61 27.75
CA ASN B 602 23.38 -25.51 28.88
C ASN B 602 21.92 -25.56 29.31
N PRO B 603 21.30 -26.73 29.37
CA PRO B 603 19.89 -26.79 29.82
C PRO B 603 19.75 -26.42 31.28
N GLY B 604 18.50 -26.31 31.75
CA GLY B 604 18.23 -25.92 33.11
C GLY B 604 18.21 -24.43 33.36
N HIS B 605 18.50 -23.62 32.36
CA HIS B 605 18.46 -22.16 32.49
C HIS B 605 17.08 -21.70 32.05
N ILE B 606 16.17 -21.57 33.02
CA ILE B 606 14.82 -21.10 32.74
C ILE B 606 14.90 -19.61 32.44
N ALA B 607 14.54 -19.23 31.22
CA ALA B 607 14.62 -17.85 30.76
C ALA B 607 13.22 -17.32 30.48
N ALA B 608 12.95 -16.10 30.92
CA ALA B 608 11.65 -15.49 30.65
C ALA B 608 11.48 -15.32 29.15
N PRO B 609 10.44 -15.89 28.53
CA PRO B 609 10.27 -15.71 27.08
C PRO B 609 10.12 -14.26 26.66
N PHE B 610 9.42 -13.45 27.45
CA PHE B 610 9.16 -12.05 27.14
C PHE B 610 9.42 -11.18 28.36
N ALA B 611 9.22 -9.88 28.20
CA ALA B 611 9.48 -8.90 29.26
C ALA B 611 8.23 -8.67 30.08
N GLY B 612 8.43 -8.42 31.37
CA GLY B 612 7.31 -8.18 32.26
C GLY B 612 7.73 -8.38 33.70
N VAL B 613 6.73 -8.56 34.57
CA VAL B 613 6.94 -8.77 35.99
C VAL B 613 6.80 -10.27 36.26
N VAL B 614 7.87 -10.87 36.76
CA VAL B 614 7.94 -12.32 36.99
C VAL B 614 7.96 -12.57 38.48
N THR B 615 7.11 -13.47 38.95
CA THR B 615 7.08 -13.90 40.33
C THR B 615 7.66 -15.30 40.44
N VAL B 616 8.48 -15.52 41.47
CA VAL B 616 9.18 -16.77 41.67
C VAL B 616 8.76 -17.37 43.00
N GLY B 617 8.43 -18.66 42.98
CA GLY B 617 7.99 -19.35 44.19
C GLY B 617 8.99 -20.39 44.66
N VAL B 618 9.86 -20.85 43.75
CA VAL B 618 10.85 -21.85 44.11
C VAL B 618 12.00 -21.19 44.87
N CYS B 619 12.33 -21.75 46.03
CA CYS B 619 13.44 -21.28 46.85
C CYS B 619 14.64 -22.20 46.66
N VAL B 620 15.69 -21.96 47.46
CA VAL B 620 16.88 -22.78 47.38
C VAL B 620 16.52 -24.24 47.64
N GLY B 621 17.24 -25.15 47.00
CA GLY B 621 16.95 -26.56 47.14
C GLY B 621 15.62 -26.91 46.50
N GLU B 622 14.99 -27.95 47.04
CA GLU B 622 13.69 -28.42 46.56
C GLU B 622 13.77 -28.75 45.06
N ARG B 623 14.58 -29.76 44.76
CA ARG B 623 14.75 -30.21 43.39
C ARG B 623 13.45 -30.80 42.86
N VAL B 624 13.01 -30.32 41.70
CA VAL B 624 11.78 -30.79 41.06
C VAL B 624 12.07 -31.02 39.58
N GLY B 625 11.20 -31.82 38.96
CA GLY B 625 11.38 -32.14 37.55
C GLY B 625 10.71 -31.14 36.62
N ALA B 626 9.84 -31.63 35.74
CA ALA B 626 9.16 -30.81 34.77
C ALA B 626 7.66 -30.83 35.02
N GLY B 627 6.94 -29.96 34.32
CA GLY B 627 5.50 -29.85 34.43
C GLY B 627 5.03 -28.93 35.53
N GLN B 628 5.67 -28.99 36.69
CA GLN B 628 5.28 -28.14 37.80
C GLN B 628 5.52 -26.67 37.46
N THR B 629 4.58 -25.82 37.84
CA THR B 629 4.70 -24.39 37.58
C THR B 629 5.76 -23.80 38.49
N ILE B 630 6.73 -23.11 37.89
CA ILE B 630 7.85 -22.55 38.63
C ILE B 630 7.66 -21.06 38.89
N ALA B 631 7.29 -20.29 37.88
CA ALA B 631 7.13 -18.85 38.02
C ALA B 631 5.97 -18.38 37.15
N THR B 632 5.20 -17.44 37.69
CA THR B 632 4.02 -16.90 37.00
C THR B 632 4.39 -15.59 36.32
N ILE B 633 5.15 -15.69 35.23
CA ILE B 633 5.50 -14.51 34.47
C ILE B 633 4.23 -13.86 33.93
N GLU B 634 4.13 -12.54 34.08
CA GLU B 634 2.96 -11.78 33.66
C GLU B 634 3.41 -10.59 32.83
N ALA B 635 2.60 -10.24 31.85
CA ALA B 635 2.89 -9.12 30.96
C ALA B 635 1.55 -8.64 30.39
N MET B 636 1.61 -7.61 29.56
CA MET B 636 0.42 -7.04 28.95
C MET B 636 -0.63 -8.14 28.71
N LYS B 637 -1.69 -8.11 29.50
CA LYS B 637 -2.80 -9.06 29.34
C LYS B 637 -2.38 -10.44 28.88
N MET B 638 -1.53 -11.10 29.67
CA MET B 638 -1.06 -12.43 29.31
C MET B 638 -0.40 -13.12 30.50
N GLU B 639 -1.20 -13.81 31.30
CA GLU B 639 -0.71 -14.58 32.44
C GLU B 639 -0.34 -15.97 31.93
N ALA B 640 0.94 -16.18 31.65
CA ALA B 640 1.43 -17.42 31.06
C ALA B 640 2.43 -18.07 32.01
N PRO B 641 2.00 -19.00 32.85
CA PRO B 641 2.96 -19.73 33.69
C PRO B 641 4.05 -20.37 32.85
N ILE B 642 5.28 -20.22 33.30
CA ILE B 642 6.43 -20.67 32.52
C ILE B 642 6.65 -22.16 32.74
N THR B 643 7.24 -22.81 31.74
CA THR B 643 7.43 -24.25 31.79
C THR B 643 8.47 -24.62 32.84
N ALA B 644 8.75 -25.92 32.94
CA ALA B 644 9.74 -26.42 33.88
C ALA B 644 10.69 -27.36 33.13
N PRO B 645 12.00 -27.24 33.33
CA PRO B 645 12.93 -28.14 32.64
C PRO B 645 13.08 -29.47 33.35
N VAL B 646 14.02 -30.29 32.87
CA VAL B 646 14.23 -31.60 33.48
C VAL B 646 14.71 -31.44 34.92
N ALA B 647 14.66 -32.53 35.67
CA ALA B 647 14.99 -32.50 37.08
C ALA B 647 16.47 -32.22 37.29
N GLY B 648 16.88 -32.17 38.55
CA GLY B 648 18.25 -31.85 38.91
C GLY B 648 18.34 -31.33 40.33
N THR B 649 18.96 -30.18 40.51
CA THR B 649 19.05 -29.55 41.81
C THR B 649 19.03 -28.03 41.64
N VAL B 650 18.19 -27.36 42.41
CA VAL B 650 18.09 -25.90 42.38
C VAL B 650 19.13 -25.34 43.35
N GLU B 651 20.07 -24.56 42.81
CA GLU B 651 21.16 -24.01 43.61
C GLU B 651 21.12 -22.50 43.71
N ARG B 652 21.05 -21.80 42.58
CA ARG B 652 21.11 -20.34 42.54
C ARG B 652 19.90 -19.79 41.80
N VAL B 653 19.25 -18.80 42.40
CA VAL B 653 18.14 -18.08 41.79
C VAL B 653 18.57 -16.62 41.72
N ALA B 654 18.89 -16.14 40.53
CA ALA B 654 19.39 -14.78 40.34
C ALA B 654 18.24 -13.78 40.13
N VAL B 655 17.25 -13.83 41.01
CA VAL B 655 16.16 -12.86 40.99
C VAL B 655 15.46 -12.86 42.34
N SER B 656 15.12 -11.68 42.84
CA SER B 656 14.34 -11.59 44.06
C SER B 656 12.85 -11.72 43.74
N ASP B 657 12.04 -11.77 44.79
CA ASP B 657 10.59 -11.85 44.60
C ASP B 657 10.12 -10.64 43.80
N THR B 658 9.18 -10.88 42.88
CA THR B 658 8.74 -9.86 41.95
C THR B 658 9.91 -9.47 41.05
N ALA B 659 10.47 -8.26 41.24
CA ALA B 659 11.61 -7.82 40.45
C ALA B 659 11.22 -7.68 38.98
N GLN B 660 11.97 -6.86 38.24
CA GLN B 660 11.73 -6.62 36.83
C GLN B 660 12.77 -7.35 35.98
N VAL B 661 12.32 -7.93 34.88
CA VAL B 661 13.22 -8.65 33.97
C VAL B 661 12.70 -8.50 32.56
N GLU B 662 13.62 -8.49 31.60
CA GLU B 662 13.30 -8.35 30.19
C GLU B 662 13.46 -9.69 29.48
N GLY B 663 12.76 -9.82 28.35
CA GLY B 663 12.79 -11.09 27.63
C GLY B 663 14.20 -11.48 27.26
N GLY B 664 14.52 -12.75 27.47
CA GLY B 664 15.86 -13.25 27.21
C GLY B 664 16.80 -13.00 28.37
N ASP B 665 16.44 -13.48 29.55
CA ASP B 665 17.24 -13.29 30.76
C ASP B 665 17.22 -14.60 31.55
N LEU B 666 17.70 -14.54 32.79
CA LEU B 666 17.81 -15.71 33.64
C LEU B 666 16.92 -15.52 34.87
N LEU B 667 16.05 -16.51 35.11
CA LEU B 667 15.17 -16.51 36.27
C LEU B 667 15.59 -17.53 37.32
N VAL B 668 15.71 -18.79 36.92
CA VAL B 668 16.06 -19.88 37.83
C VAL B 668 17.06 -20.78 37.14
N VAL B 669 17.99 -21.34 37.91
CA VAL B 669 19.03 -22.23 37.41
C VAL B 669 18.90 -23.57 38.13
N VAL B 670 18.87 -24.65 37.36
CA VAL B 670 18.78 -26.00 37.91
C VAL B 670 19.80 -26.88 37.20
N SER B 671 20.19 -27.96 37.88
CA SER B 671 21.16 -28.89 37.34
C SER B 671 21.25 -30.15 38.20
#